data_1C7W
# 
_entry.id   1C7W 
# 
_audit_conform.dict_name       mmcif_pdbx.dic 
_audit_conform.dict_version    5.383 
_audit_conform.dict_location   http://mmcif.pdb.org/dictionaries/ascii/mmcif_pdbx.dic 
# 
loop_
_database_2.database_id 
_database_2.database_code 
_database_2.pdbx_database_accession 
_database_2.pdbx_DOI 
PDB   1C7W         pdb_00001c7w 10.2210/pdb1c7w/pdb 
RCSB  RCSB001445   ?            ?                   
WWPDB D_1000001445 ?            ?                   
# 
loop_
_pdbx_audit_revision_history.ordinal 
_pdbx_audit_revision_history.data_content_type 
_pdbx_audit_revision_history.major_revision 
_pdbx_audit_revision_history.minor_revision 
_pdbx_audit_revision_history.revision_date 
1 'Structure model' 1 0 2000-04-12 
2 'Structure model' 1 1 2008-04-26 
3 'Structure model' 1 2 2011-07-13 
4 'Structure model' 1 3 2022-02-16 
5 'Structure model' 1 4 2023-12-27 
# 
_pdbx_audit_revision_details.ordinal             1 
_pdbx_audit_revision_details.revision_ordinal    1 
_pdbx_audit_revision_details.data_content_type   'Structure model' 
_pdbx_audit_revision_details.provider            repository 
_pdbx_audit_revision_details.type                'Initial release' 
_pdbx_audit_revision_details.description         ? 
_pdbx_audit_revision_details.details             ? 
# 
loop_
_pdbx_audit_revision_group.ordinal 
_pdbx_audit_revision_group.revision_ordinal 
_pdbx_audit_revision_group.data_content_type 
_pdbx_audit_revision_group.group 
1 2 'Structure model' 'Version format compliance' 
2 3 'Structure model' 'Version format compliance' 
3 4 'Structure model' 'Database references'       
4 4 'Structure model' 'Derived calculations'      
5 5 'Structure model' 'Data collection'           
# 
loop_
_pdbx_audit_revision_category.ordinal 
_pdbx_audit_revision_category.revision_ordinal 
_pdbx_audit_revision_category.data_content_type 
_pdbx_audit_revision_category.category 
1 4 'Structure model' database_2            
2 4 'Structure model' pdbx_struct_assembly  
3 4 'Structure model' pdbx_struct_oper_list 
4 5 'Structure model' chem_comp_atom        
5 5 'Structure model' chem_comp_bond        
# 
loop_
_pdbx_audit_revision_item.ordinal 
_pdbx_audit_revision_item.revision_ordinal 
_pdbx_audit_revision_item.data_content_type 
_pdbx_audit_revision_item.item 
1 4 'Structure model' '_database_2.pdbx_DOI'                
2 4 'Structure model' '_database_2.pdbx_database_accession' 
# 
_pdbx_database_status.entry_id                        1C7W 
_pdbx_database_status.status_code                     REL 
_pdbx_database_status.deposit_site                    RCSB 
_pdbx_database_status.process_site                    RCSB 
_pdbx_database_status.recvd_initial_deposition_date   2000-03-27 
_pdbx_database_status.status_code_mr                  REL 
_pdbx_database_status.SG_entry                        . 
_pdbx_database_status.pdb_format_compatible           Y 
_pdbx_database_status.status_code_sf                  ? 
_pdbx_database_status.status_code_cs                  ? 
_pdbx_database_status.status_code_nmr_data            ? 
_pdbx_database_status.methods_development_category    ? 
# 
_pdbx_database_related.db_name        PDB 
_pdbx_database_related.db_id          1C7V 
_pdbx_database_related.details        'ensemble of 20 structures' 
_pdbx_database_related.content_type   unspecified 
# 
loop_
_audit_author.name 
_audit_author.pdbx_ordinal 
'Theret, I.'    1 
'Baladi, S.'    2 
'Cox, J.A.'     3 
'Sakamoto, H.'  4 
'Craescu, C.T.' 5 
# 
_citation.id                        primary 
_citation.title                     
;Sequential calcium binding to the regulatory domain of calcium vector protein reveals functional asymmetry and a novel mode of structural rearrangement.
;
_citation.journal_abbrev            Biochemistry 
_citation.journal_volume            39 
_citation.page_first                7920 
_citation.page_last                 7926 
_citation.year                      2000 
_citation.journal_id_ASTM           BICHAW 
_citation.country                   US 
_citation.journal_id_ISSN           0006-2960 
_citation.journal_id_CSD            0033 
_citation.book_publisher            ? 
_citation.pdbx_database_id_PubMed   10891072 
_citation.pdbx_database_id_DOI      10.1021/bi000360z 
# 
loop_
_citation_author.citation_id 
_citation_author.name 
_citation_author.ordinal 
_citation_author.identifier_ORCID 
primary 'Theret, I.'    1 ? 
primary 'Baladi, S.'    2 ? 
primary 'Cox, J.A.'     3 ? 
primary 'Sakamoto, H.'  4 ? 
primary 'Craescu, C.T.' 5 ? 
# 
_entity.id                         1 
_entity.type                       polymer 
_entity.src_method                 man 
_entity.pdbx_description           'CALCIUM VECTOR PROTEIN' 
_entity.formula_weight             9279.268 
_entity.pdbx_number_of_molecules   1 
_entity.pdbx_ec                    ? 
_entity.pdbx_mutation              ? 
_entity.pdbx_fragment              'C-TERMINAL DOMAIN (RESIDUES 81-161)' 
_entity.details                    ? 
# 
_entity_name_com.entity_id   1 
_entity_name_com.name        CAVP 
# 
_entity_poly.entity_id                      1 
_entity_poly.type                           'polypeptide(L)' 
_entity_poly.nstd_linkage                   no 
_entity_poly.nstd_monomer                   no 
_entity_poly.pdbx_seq_one_letter_code       
;WVRQDDEEEILRAFKVFDANGDGVIDFDEFKFIMQKVGEEPLTDAEVEEAMKEADEDGNGVIDIPEFMDLIKKSKNALKE
S
;
_entity_poly.pdbx_seq_one_letter_code_can   
;WVRQDDEEEILRAFKVFDANGDGVIDFDEFKFIMQKVGEEPLTDAEVEEAMKEADEDGNGVIDIPEFMDLIKKSKNALKE
S
;
_entity_poly.pdbx_strand_id                 A 
_entity_poly.pdbx_target_identifier         ? 
# 
loop_
_entity_poly_seq.entity_id 
_entity_poly_seq.num 
_entity_poly_seq.mon_id 
_entity_poly_seq.hetero 
1 1  TRP n 
1 2  VAL n 
1 3  ARG n 
1 4  GLN n 
1 5  ASP n 
1 6  ASP n 
1 7  GLU n 
1 8  GLU n 
1 9  GLU n 
1 10 ILE n 
1 11 LEU n 
1 12 ARG n 
1 13 ALA n 
1 14 PHE n 
1 15 LYS n 
1 16 VAL n 
1 17 PHE n 
1 18 ASP n 
1 19 ALA n 
1 20 ASN n 
1 21 GLY n 
1 22 ASP n 
1 23 GLY n 
1 24 VAL n 
1 25 ILE n 
1 26 ASP n 
1 27 PHE n 
1 28 ASP n 
1 29 GLU n 
1 30 PHE n 
1 31 LYS n 
1 32 PHE n 
1 33 ILE n 
1 34 MET n 
1 35 GLN n 
1 36 LYS n 
1 37 VAL n 
1 38 GLY n 
1 39 GLU n 
1 40 GLU n 
1 41 PRO n 
1 42 LEU n 
1 43 THR n 
1 44 ASP n 
1 45 ALA n 
1 46 GLU n 
1 47 VAL n 
1 48 GLU n 
1 49 GLU n 
1 50 ALA n 
1 51 MET n 
1 52 LYS n 
1 53 GLU n 
1 54 ALA n 
1 55 ASP n 
1 56 GLU n 
1 57 ASP n 
1 58 GLY n 
1 59 ASN n 
1 60 GLY n 
1 61 VAL n 
1 62 ILE n 
1 63 ASP n 
1 64 ILE n 
1 65 PRO n 
1 66 GLU n 
1 67 PHE n 
1 68 MET n 
1 69 ASP n 
1 70 LEU n 
1 71 ILE n 
1 72 LYS n 
1 73 LYS n 
1 74 SER n 
1 75 LYS n 
1 76 ASN n 
1 77 ALA n 
1 78 LEU n 
1 79 LYS n 
1 80 GLU n 
1 81 SER n 
# 
_entity_src_gen.entity_id                          1 
_entity_src_gen.pdbx_src_id                        1 
_entity_src_gen.pdbx_alt_source_flag               sample 
_entity_src_gen.pdbx_seq_type                      ? 
_entity_src_gen.pdbx_beg_seq_num                   ? 
_entity_src_gen.pdbx_end_seq_num                   ? 
_entity_src_gen.gene_src_common_name               amphioxus 
_entity_src_gen.gene_src_genus                     Branchiostoma 
_entity_src_gen.pdbx_gene_src_gene                 ? 
_entity_src_gen.gene_src_species                   ? 
_entity_src_gen.gene_src_strain                    ? 
_entity_src_gen.gene_src_tissue                    MUSCLE 
_entity_src_gen.gene_src_tissue_fraction           ? 
_entity_src_gen.gene_src_details                   ? 
_entity_src_gen.pdbx_gene_src_fragment             ? 
_entity_src_gen.pdbx_gene_src_scientific_name      'Branchiostoma lanceolatum' 
_entity_src_gen.pdbx_gene_src_ncbi_taxonomy_id     7740 
_entity_src_gen.pdbx_gene_src_variant              ? 
_entity_src_gen.pdbx_gene_src_cell_line            ? 
_entity_src_gen.pdbx_gene_src_atcc                 ? 
_entity_src_gen.pdbx_gene_src_organ                ? 
_entity_src_gen.pdbx_gene_src_organelle            ? 
_entity_src_gen.pdbx_gene_src_cell                 ? 
_entity_src_gen.pdbx_gene_src_cellular_location    ? 
_entity_src_gen.host_org_common_name               ? 
_entity_src_gen.pdbx_host_org_scientific_name      'Escherichia coli' 
_entity_src_gen.pdbx_host_org_ncbi_taxonomy_id     562 
_entity_src_gen.host_org_genus                     Escherichia 
_entity_src_gen.pdbx_host_org_gene                 ? 
_entity_src_gen.pdbx_host_org_organ                ? 
_entity_src_gen.host_org_species                   ? 
_entity_src_gen.pdbx_host_org_tissue               ? 
_entity_src_gen.pdbx_host_org_tissue_fraction      ? 
_entity_src_gen.pdbx_host_org_strain               ? 
_entity_src_gen.pdbx_host_org_variant              ? 
_entity_src_gen.pdbx_host_org_cell_line            ? 
_entity_src_gen.pdbx_host_org_atcc                 ? 
_entity_src_gen.pdbx_host_org_culture_collection   ? 
_entity_src_gen.pdbx_host_org_cell                 ? 
_entity_src_gen.pdbx_host_org_organelle            ? 
_entity_src_gen.pdbx_host_org_cellular_location    ? 
_entity_src_gen.pdbx_host_org_vector_type          ? 
_entity_src_gen.pdbx_host_org_vector               ? 
_entity_src_gen.host_org_details                   ? 
_entity_src_gen.expression_system_id               ? 
_entity_src_gen.plasmid_name                       PET24A 
_entity_src_gen.plasmid_details                    ? 
_entity_src_gen.pdbx_description                   ? 
# 
loop_
_chem_comp.id 
_chem_comp.type 
_chem_comp.mon_nstd_flag 
_chem_comp.name 
_chem_comp.pdbx_synonyms 
_chem_comp.formula 
_chem_comp.formula_weight 
ALA 'L-peptide linking' y ALANINE         ? 'C3 H7 N O2'     89.093  
ARG 'L-peptide linking' y ARGININE        ? 'C6 H15 N4 O2 1' 175.209 
ASN 'L-peptide linking' y ASPARAGINE      ? 'C4 H8 N2 O3'    132.118 
ASP 'L-peptide linking' y 'ASPARTIC ACID' ? 'C4 H7 N O4'     133.103 
GLN 'L-peptide linking' y GLUTAMINE       ? 'C5 H10 N2 O3'   146.144 
GLU 'L-peptide linking' y 'GLUTAMIC ACID' ? 'C5 H9 N O4'     147.129 
GLY 'peptide linking'   y GLYCINE         ? 'C2 H5 N O2'     75.067  
ILE 'L-peptide linking' y ISOLEUCINE      ? 'C6 H13 N O2'    131.173 
LEU 'L-peptide linking' y LEUCINE         ? 'C6 H13 N O2'    131.173 
LYS 'L-peptide linking' y LYSINE          ? 'C6 H15 N2 O2 1' 147.195 
MET 'L-peptide linking' y METHIONINE      ? 'C5 H11 N O2 S'  149.211 
PHE 'L-peptide linking' y PHENYLALANINE   ? 'C9 H11 N O2'    165.189 
PRO 'L-peptide linking' y PROLINE         ? 'C5 H9 N O2'     115.130 
SER 'L-peptide linking' y SERINE          ? 'C3 H7 N O3'     105.093 
THR 'L-peptide linking' y THREONINE       ? 'C4 H9 N O3'     119.119 
TRP 'L-peptide linking' y TRYPTOPHAN      ? 'C11 H12 N2 O2'  204.225 
VAL 'L-peptide linking' y VALINE          ? 'C5 H11 N O2'    117.146 
# 
loop_
_pdbx_poly_seq_scheme.asym_id 
_pdbx_poly_seq_scheme.entity_id 
_pdbx_poly_seq_scheme.seq_id 
_pdbx_poly_seq_scheme.mon_id 
_pdbx_poly_seq_scheme.ndb_seq_num 
_pdbx_poly_seq_scheme.pdb_seq_num 
_pdbx_poly_seq_scheme.auth_seq_num 
_pdbx_poly_seq_scheme.pdb_mon_id 
_pdbx_poly_seq_scheme.auth_mon_id 
_pdbx_poly_seq_scheme.pdb_strand_id 
_pdbx_poly_seq_scheme.pdb_ins_code 
_pdbx_poly_seq_scheme.hetero 
A 1 1  TRP 1  81  ?   ?   ?   A . n 
A 1 2  VAL 2  82  ?   ?   ?   A . n 
A 1 3  ARG 3  83  ?   ?   ?   A . n 
A 1 4  GLN 4  84  ?   ?   ?   A . n 
A 1 5  ASP 5  85  ?   ?   ?   A . n 
A 1 6  ASP 6  86  ?   ?   ?   A . n 
A 1 7  GLU 7  87  87  GLU GLU A . n 
A 1 8  GLU 8  88  88  GLU GLU A . n 
A 1 9  GLU 9  89  89  GLU GLU A . n 
A 1 10 ILE 10 90  90  ILE ILE A . n 
A 1 11 LEU 11 91  91  LEU LEU A . n 
A 1 12 ARG 12 92  92  ARG ARG A . n 
A 1 13 ALA 13 93  93  ALA ALA A . n 
A 1 14 PHE 14 94  94  PHE PHE A . n 
A 1 15 LYS 15 95  95  LYS LYS A . n 
A 1 16 VAL 16 96  96  VAL VAL A . n 
A 1 17 PHE 17 97  97  PHE PHE A . n 
A 1 18 ASP 18 98  98  ASP ASP A . n 
A 1 19 ALA 19 99  99  ALA ALA A . n 
A 1 20 ASN 20 100 100 ASN ASN A . n 
A 1 21 GLY 21 101 101 GLY GLY A . n 
A 1 22 ASP 22 102 102 ASP ASP A . n 
A 1 23 GLY 23 103 103 GLY GLY A . n 
A 1 24 VAL 24 104 104 VAL VAL A . n 
A 1 25 ILE 25 105 105 ILE ILE A . n 
A 1 26 ASP 26 106 106 ASP ASP A . n 
A 1 27 PHE 27 107 107 PHE PHE A . n 
A 1 28 ASP 28 108 108 ASP ASP A . n 
A 1 29 GLU 29 109 109 GLU GLU A . n 
A 1 30 PHE 30 110 110 PHE PHE A . n 
A 1 31 LYS 31 111 111 LYS LYS A . n 
A 1 32 PHE 32 112 112 PHE PHE A . n 
A 1 33 ILE 33 113 113 ILE ILE A . n 
A 1 34 MET 34 114 114 MET MET A . n 
A 1 35 GLN 35 115 115 GLN GLN A . n 
A 1 36 LYS 36 116 116 LYS LYS A . n 
A 1 37 VAL 37 117 117 VAL VAL A . n 
A 1 38 GLY 38 118 118 GLY GLY A . n 
A 1 39 GLU 39 119 119 GLU GLU A . n 
A 1 40 GLU 40 120 120 GLU GLU A . n 
A 1 41 PRO 41 121 121 PRO PRO A . n 
A 1 42 LEU 42 122 122 LEU LEU A . n 
A 1 43 THR 43 123 123 THR THR A . n 
A 1 44 ASP 44 124 124 ASP ASP A . n 
A 1 45 ALA 45 125 125 ALA ALA A . n 
A 1 46 GLU 46 126 126 GLU GLU A . n 
A 1 47 VAL 47 127 127 VAL VAL A . n 
A 1 48 GLU 48 128 128 GLU GLU A . n 
A 1 49 GLU 49 129 129 GLU GLU A . n 
A 1 50 ALA 50 130 130 ALA ALA A . n 
A 1 51 MET 51 131 131 MET MET A . n 
A 1 52 LYS 52 132 132 LYS LYS A . n 
A 1 53 GLU 53 133 133 GLU GLU A . n 
A 1 54 ALA 54 134 134 ALA ALA A . n 
A 1 55 ASP 55 135 135 ASP ASP A . n 
A 1 56 GLU 56 136 136 GLU GLU A . n 
A 1 57 ASP 57 137 137 ASP ASP A . n 
A 1 58 GLY 58 138 138 GLY GLY A . n 
A 1 59 ASN 59 139 139 ASN ASN A . n 
A 1 60 GLY 60 140 140 GLY GLY A . n 
A 1 61 VAL 61 141 141 VAL VAL A . n 
A 1 62 ILE 62 142 142 ILE ILE A . n 
A 1 63 ASP 63 143 143 ASP ASP A . n 
A 1 64 ILE 64 144 144 ILE ILE A . n 
A 1 65 PRO 65 145 145 PRO PRO A . n 
A 1 66 GLU 66 146 146 GLU GLU A . n 
A 1 67 PHE 67 147 147 PHE PHE A . n 
A 1 68 MET 68 148 148 MET MET A . n 
A 1 69 ASP 69 149 149 ASP ASP A . n 
A 1 70 LEU 70 150 150 LEU LEU A . n 
A 1 71 ILE 71 151 151 ILE ILE A . n 
A 1 72 LYS 72 152 152 LYS LYS A . n 
A 1 73 LYS 73 153 153 LYS LYS A . n 
A 1 74 SER 74 154 154 SER SER A . n 
A 1 75 LYS 75 155 ?   ?   ?   A . n 
A 1 76 ASN 76 156 ?   ?   ?   A . n 
A 1 77 ALA 77 157 ?   ?   ?   A . n 
A 1 78 LEU 78 158 ?   ?   ?   A . n 
A 1 79 LYS 79 159 ?   ?   ?   A . n 
A 1 80 GLU 80 160 ?   ?   ?   A . n 
A 1 81 SER 81 161 ?   ?   ?   A . n 
# 
_cell.entry_id           1C7W 
_cell.length_a           1.000 
_cell.length_b           1.000 
_cell.length_c           1.000 
_cell.angle_alpha        90.00 
_cell.angle_beta         90.00 
_cell.angle_gamma        90.00 
_cell.pdbx_unique_axis   ? 
_cell.Z_PDB              1 
# 
_symmetry.entry_id                         1C7W 
_symmetry.space_group_name_H-M             'P 1' 
_symmetry.pdbx_full_space_group_name_H-M   ? 
_symmetry.Int_Tables_number                1 
_symmetry.cell_setting                     ? 
# 
_exptl.entry_id          1C7W 
_exptl.method            'SOLUTION NMR' 
_exptl.crystals_number   ? 
# 
_struct.entry_id                  1C7W 
_struct.title                     
'NMR SOLUTION STRUCTURE OF THE CALCIUM-BOUND C-TERMINAL DOMAIN (W81-S161) OF CALCIUM VECTOR PROTEIN FROM AMPHIOXUS' 
_struct.pdbx_model_details        ? 
_struct.pdbx_CASP_flag            ? 
_struct.pdbx_model_type_details   'minimized average' 
# 
_struct_keywords.text            'EF-HAND FAMILY, CALCIUM BINDING PROTEIN, METAL BINDING PROTEIN' 
_struct_keywords.entry_id        1C7W 
_struct_keywords.pdbx_keywords   'METAL BINDING PROTEIN' 
# 
_struct_asym.id                            A 
_struct_asym.pdbx_blank_PDB_chainid_flag   N 
_struct_asym.pdbx_modified                 N 
_struct_asym.entity_id                     1 
_struct_asym.details                       ? 
# 
_struct_ref.id                         1 
_struct_ref.db_name                    UNP 
_struct_ref.db_code                    CAVP_BRALA 
_struct_ref.pdbx_db_accession          P04573 
_struct_ref.entity_id                  1 
_struct_ref.pdbx_seq_one_letter_code   
;WVRQDDEEEILRAFKVFDANGDGVIDFDEFKFIMQKVGEEPLTDAEVEEAMKEADEDGNGVIDIPEFMDLIKKSKNALKE
S
;
_struct_ref.pdbx_align_begin           81 
_struct_ref.pdbx_db_isoform            ? 
# 
_struct_ref_seq.align_id                      1 
_struct_ref_seq.ref_id                        1 
_struct_ref_seq.pdbx_PDB_id_code              1C7W 
_struct_ref_seq.pdbx_strand_id                A 
_struct_ref_seq.seq_align_beg                 1 
_struct_ref_seq.pdbx_seq_align_beg_ins_code   ? 
_struct_ref_seq.seq_align_end                 81 
_struct_ref_seq.pdbx_seq_align_end_ins_code   ? 
_struct_ref_seq.pdbx_db_accession             P04573 
_struct_ref_seq.db_align_beg                  81 
_struct_ref_seq.pdbx_db_align_beg_ins_code    ? 
_struct_ref_seq.db_align_end                  161 
_struct_ref_seq.pdbx_db_align_end_ins_code    ? 
_struct_ref_seq.pdbx_auth_seq_align_beg       81 
_struct_ref_seq.pdbx_auth_seq_align_end       161 
# 
_pdbx_struct_assembly.id                   1 
_pdbx_struct_assembly.details              author_defined_assembly 
_pdbx_struct_assembly.method_details       ? 
_pdbx_struct_assembly.oligomeric_details   monomeric 
_pdbx_struct_assembly.oligomeric_count     1 
# 
_pdbx_struct_assembly_gen.assembly_id       1 
_pdbx_struct_assembly_gen.oper_expression   1 
_pdbx_struct_assembly_gen.asym_id_list      A 
# 
_pdbx_struct_oper_list.id                   1 
_pdbx_struct_oper_list.type                 'identity operation' 
_pdbx_struct_oper_list.name                 1_555 
_pdbx_struct_oper_list.symmetry_operation   x,y,z 
_pdbx_struct_oper_list.matrix[1][1]         1.0000000000 
_pdbx_struct_oper_list.matrix[1][2]         0.0000000000 
_pdbx_struct_oper_list.matrix[1][3]         0.0000000000 
_pdbx_struct_oper_list.vector[1]            0.0000000000 
_pdbx_struct_oper_list.matrix[2][1]         0.0000000000 
_pdbx_struct_oper_list.matrix[2][2]         1.0000000000 
_pdbx_struct_oper_list.matrix[2][3]         0.0000000000 
_pdbx_struct_oper_list.vector[2]            0.0000000000 
_pdbx_struct_oper_list.matrix[3][1]         0.0000000000 
_pdbx_struct_oper_list.matrix[3][2]         0.0000000000 
_pdbx_struct_oper_list.matrix[3][3]         1.0000000000 
_pdbx_struct_oper_list.vector[3]            0.0000000000 
# 
_struct_biol.id   1 
# 
loop_
_struct_conf.conf_type_id 
_struct_conf.id 
_struct_conf.pdbx_PDB_helix_id 
_struct_conf.beg_label_comp_id 
_struct_conf.beg_label_asym_id 
_struct_conf.beg_label_seq_id 
_struct_conf.pdbx_beg_PDB_ins_code 
_struct_conf.end_label_comp_id 
_struct_conf.end_label_asym_id 
_struct_conf.end_label_seq_id 
_struct_conf.pdbx_end_PDB_ins_code 
_struct_conf.beg_auth_comp_id 
_struct_conf.beg_auth_asym_id 
_struct_conf.beg_auth_seq_id 
_struct_conf.end_auth_comp_id 
_struct_conf.end_auth_asym_id 
_struct_conf.end_auth_seq_id 
_struct_conf.pdbx_PDB_helix_class 
_struct_conf.details 
_struct_conf.pdbx_PDB_helix_length 
HELX_P HELX_P1 1 GLU A 7  ? ASP A 18 ? GLU A 87  ASP A 98  1 ? 12 
HELX_P HELX_P2 2 PHE A 27 ? MET A 34 ? PHE A 107 MET A 114 1 ? 8  
HELX_P HELX_P3 3 THR A 43 ? ASP A 55 ? THR A 123 ASP A 135 1 ? 13 
HELX_P HELX_P4 4 ILE A 64 ? LYS A 73 ? ILE A 144 LYS A 153 1 ? 10 
# 
_struct_conf_type.id          HELX_P 
_struct_conf_type.criteria    ? 
_struct_conf_type.reference   ? 
# 
_struct_sheet.id               A 
_struct_sheet.type             ? 
_struct_sheet.number_strands   2 
_struct_sheet.details          ? 
# 
_struct_sheet_order.sheet_id     A 
_struct_sheet_order.range_id_1   1 
_struct_sheet_order.range_id_2   2 
_struct_sheet_order.offset       ? 
_struct_sheet_order.sense        anti-parallel 
# 
loop_
_struct_sheet_range.sheet_id 
_struct_sheet_range.id 
_struct_sheet_range.beg_label_comp_id 
_struct_sheet_range.beg_label_asym_id 
_struct_sheet_range.beg_label_seq_id 
_struct_sheet_range.pdbx_beg_PDB_ins_code 
_struct_sheet_range.end_label_comp_id 
_struct_sheet_range.end_label_asym_id 
_struct_sheet_range.end_label_seq_id 
_struct_sheet_range.pdbx_end_PDB_ins_code 
_struct_sheet_range.beg_auth_comp_id 
_struct_sheet_range.beg_auth_asym_id 
_struct_sheet_range.beg_auth_seq_id 
_struct_sheet_range.end_auth_comp_id 
_struct_sheet_range.end_auth_asym_id 
_struct_sheet_range.end_auth_seq_id 
A 1 VAL A 24 ? ASP A 26 ? VAL A 104 ASP A 106 
A 2 VAL A 61 ? ASP A 63 ? VAL A 141 ASP A 143 
# 
_pdbx_struct_sheet_hbond.sheet_id                A 
_pdbx_struct_sheet_hbond.range_id_1              1 
_pdbx_struct_sheet_hbond.range_id_2              2 
_pdbx_struct_sheet_hbond.range_1_label_atom_id   N 
_pdbx_struct_sheet_hbond.range_1_label_comp_id   ILE 
_pdbx_struct_sheet_hbond.range_1_label_asym_id   A 
_pdbx_struct_sheet_hbond.range_1_label_seq_id    25 
_pdbx_struct_sheet_hbond.range_1_PDB_ins_code    ? 
_pdbx_struct_sheet_hbond.range_1_auth_atom_id    N 
_pdbx_struct_sheet_hbond.range_1_auth_comp_id    ILE 
_pdbx_struct_sheet_hbond.range_1_auth_asym_id    A 
_pdbx_struct_sheet_hbond.range_1_auth_seq_id     105 
_pdbx_struct_sheet_hbond.range_2_label_atom_id   O 
_pdbx_struct_sheet_hbond.range_2_label_comp_id   ILE 
_pdbx_struct_sheet_hbond.range_2_label_asym_id   A 
_pdbx_struct_sheet_hbond.range_2_label_seq_id    62 
_pdbx_struct_sheet_hbond.range_2_PDB_ins_code    ? 
_pdbx_struct_sheet_hbond.range_2_auth_atom_id    O 
_pdbx_struct_sheet_hbond.range_2_auth_comp_id    ILE 
_pdbx_struct_sheet_hbond.range_2_auth_asym_id    A 
_pdbx_struct_sheet_hbond.range_2_auth_seq_id     142 
# 
loop_
_pdbx_validate_close_contact.id 
_pdbx_validate_close_contact.PDB_model_num 
_pdbx_validate_close_contact.auth_atom_id_1 
_pdbx_validate_close_contact.auth_asym_id_1 
_pdbx_validate_close_contact.auth_comp_id_1 
_pdbx_validate_close_contact.auth_seq_id_1 
_pdbx_validate_close_contact.PDB_ins_code_1 
_pdbx_validate_close_contact.label_alt_id_1 
_pdbx_validate_close_contact.auth_atom_id_2 
_pdbx_validate_close_contact.auth_asym_id_2 
_pdbx_validate_close_contact.auth_comp_id_2 
_pdbx_validate_close_contact.auth_seq_id_2 
_pdbx_validate_close_contact.PDB_ins_code_2 
_pdbx_validate_close_contact.label_alt_id_2 
_pdbx_validate_close_contact.dist 
1 1 O   A GLU 88  ? ? H   A GLU 89  ? ? 0.70 
2 1 C   A GLU 88  ? ? H   A GLU 89  ? ? 1.19 
3 1 OD1 A ASP 108 ? ? HZ1 A LYS 111 ? ? 1.58 
4 1 OE2 A GLU 87  ? ? HZ3 A LYS 95  ? ? 1.59 
5 1 O   A GLU 88  ? ? N   A GLU 89  ? ? 1.65 
# 
loop_
_pdbx_validate_rmsd_angle.id 
_pdbx_validate_rmsd_angle.PDB_model_num 
_pdbx_validate_rmsd_angle.auth_atom_id_1 
_pdbx_validate_rmsd_angle.auth_asym_id_1 
_pdbx_validate_rmsd_angle.auth_comp_id_1 
_pdbx_validate_rmsd_angle.auth_seq_id_1 
_pdbx_validate_rmsd_angle.PDB_ins_code_1 
_pdbx_validate_rmsd_angle.label_alt_id_1 
_pdbx_validate_rmsd_angle.auth_atom_id_2 
_pdbx_validate_rmsd_angle.auth_asym_id_2 
_pdbx_validate_rmsd_angle.auth_comp_id_2 
_pdbx_validate_rmsd_angle.auth_seq_id_2 
_pdbx_validate_rmsd_angle.PDB_ins_code_2 
_pdbx_validate_rmsd_angle.label_alt_id_2 
_pdbx_validate_rmsd_angle.auth_atom_id_3 
_pdbx_validate_rmsd_angle.auth_asym_id_3 
_pdbx_validate_rmsd_angle.auth_comp_id_3 
_pdbx_validate_rmsd_angle.auth_seq_id_3 
_pdbx_validate_rmsd_angle.PDB_ins_code_3 
_pdbx_validate_rmsd_angle.label_alt_id_3 
_pdbx_validate_rmsd_angle.angle_value 
_pdbx_validate_rmsd_angle.angle_target_value 
_pdbx_validate_rmsd_angle.angle_deviation 
_pdbx_validate_rmsd_angle.angle_standard_deviation 
_pdbx_validate_rmsd_angle.linker_flag 
1  1 O  A GLU 88  ? ? C  A GLU 88  ? ? N   A GLU 89  ? ? 80.88  122.70 -41.82 1.60 Y 
2  1 NE A ARG 92  ? ? CZ A ARG 92  ? ? NH1 A ARG 92  ? ? 125.56 120.30 5.26   0.50 N 
3  1 NE A ARG 92  ? ? CZ A ARG 92  ? ? NH2 A ARG 92  ? ? 116.91 120.30 -3.39  0.50 N 
4  1 CA A MET 114 ? ? CB A MET 114 ? ? CG  A MET 114 ? ? 123.75 113.30 10.45  1.70 N 
5  1 CA A GLN 115 ? ? CB A GLN 115 ? ? CG  A GLN 115 ? ? 129.03 113.40 15.63  2.20 N 
6  1 N  A LYS 116 ? ? CA A LYS 116 ? ? CB  A LYS 116 ? ? 93.97  110.60 -16.63 1.80 N 
7  1 N  A PRO 121 ? ? CA A PRO 121 ? ? CB  A PRO 121 ? ? 93.81  103.30 -9.49  1.20 N 
8  1 N  A PRO 121 ? ? CD A PRO 121 ? ? CG  A PRO 121 ? ? 93.45  103.20 -9.75  1.50 N 
9  1 N  A LEU 122 ? ? CA A LEU 122 ? ? CB  A LEU 122 ? ? 97.68  110.40 -12.72 2.00 N 
10 1 N  A LEU 122 ? ? CA A LEU 122 ? ? C   A LEU 122 ? ? 127.82 111.00 16.82  2.70 N 
11 1 CA A VAL 127 ? ? CB A VAL 127 ? ? CG1 A VAL 127 ? ? 124.50 110.90 13.60  1.50 N 
12 1 CA A MET 148 ? ? CB A MET 148 ? ? CG  A MET 148 ? ? 126.73 113.30 13.43  1.70 N 
13 1 CA A LEU 150 ? ? CB A LEU 150 ? ? CG  A LEU 150 ? ? 133.95 115.30 18.65  2.30 N 
14 1 CB A LEU 150 ? ? CG A LEU 150 ? ? CD2 A LEU 150 ? ? 121.70 111.00 10.70  1.70 N 
# 
loop_
_pdbx_validate_torsion.id 
_pdbx_validate_torsion.PDB_model_num 
_pdbx_validate_torsion.auth_comp_id 
_pdbx_validate_torsion.auth_asym_id 
_pdbx_validate_torsion.auth_seq_id 
_pdbx_validate_torsion.PDB_ins_code 
_pdbx_validate_torsion.label_alt_id 
_pdbx_validate_torsion.phi 
_pdbx_validate_torsion.psi 
1 1 ASP A 98  ? ? -52.96  103.66 
2 1 GLN A 115 ? ? -151.94 -26.67 
# 
_pdbx_validate_main_chain_plane.id                       1 
_pdbx_validate_main_chain_plane.PDB_model_num            1 
_pdbx_validate_main_chain_plane.auth_comp_id             GLU 
_pdbx_validate_main_chain_plane.auth_asym_id             A 
_pdbx_validate_main_chain_plane.auth_seq_id              88 
_pdbx_validate_main_chain_plane.PDB_ins_code             ? 
_pdbx_validate_main_chain_plane.label_alt_id             ? 
_pdbx_validate_main_chain_plane.improper_torsion_angle   -48.97 
# 
_pdbx_nmr_ensemble.entry_id                             1C7W 
_pdbx_nmr_ensemble.conformers_calculated_total_number   ? 
_pdbx_nmr_ensemble.conformers_submitted_total_number    1 
_pdbx_nmr_ensemble.conformer_selection_criteria         ? 
# 
_pdbx_nmr_representative.conformer_id         ? 
_pdbx_nmr_representative.selection_criteria   'minimized average structure' 
_pdbx_nmr_representative.entry_id             1C7W 
# 
loop_
_pdbx_nmr_sample_details.solution_id 
_pdbx_nmr_sample_details.contents 
_pdbx_nmr_sample_details.solvent_system 
1 Unlabeled               'Deuterated Tris buffer (20 mM), 100 mM KCl, pH 6.5, 7% D2O' 
2 'Uniformly 15N labeled' 'Deuterated Tris buffer (20 mM), 100 mM KCl, pH 6.5'         
# 
_pdbx_nmr_exptl_sample_conditions.conditions_id       1 
_pdbx_nmr_exptl_sample_conditions.temperature         308 
_pdbx_nmr_exptl_sample_conditions.pressure            ambient 
_pdbx_nmr_exptl_sample_conditions.pH                  6.5 
_pdbx_nmr_exptl_sample_conditions.ionic_strength      '100 mM KCl' 
_pdbx_nmr_exptl_sample_conditions.pressure_units      ? 
_pdbx_nmr_exptl_sample_conditions.temperature_units   K 
# 
loop_
_pdbx_nmr_exptl.experiment_id 
_pdbx_nmr_exptl.solution_id 
_pdbx_nmr_exptl.conditions_id 
_pdbx_nmr_exptl.type 
1 1 1 '2D NOESY'              
2 2 1 '3D (1H-15N)NOESY-HSQC' 
# 
_pdbx_nmr_details.text       'This structure was determined using 2D, homonuclear and 3D heteronuclear experiments.' 
_pdbx_nmr_details.entry_id   1C7W 
# 
_pdbx_nmr_refine.method             'Distance Geometry (DGII) and Simulated Annealing (Discover)' 
_pdbx_nmr_refine.details            
'The structure is based on 938 NOE restraints, 66 hydrogen bond restraints and 99 dihedral angle restraints' 
_pdbx_nmr_refine.entry_id           1C7W 
_pdbx_nmr_refine.software_ordinal   1 
# 
loop_
_pdbx_nmr_software.name 
_pdbx_nmr_software.version 
_pdbx_nmr_software.classification 
_pdbx_nmr_software.authors 
_pdbx_nmr_software.ordinal 
Felix 97.0 'structure solution' 'MSI (San Diego)' 1 
Felix 97.0 refinement           'MSI (San Diego)' 2 
# 
loop_
_pdbx_unobs_or_zero_occ_residues.id 
_pdbx_unobs_or_zero_occ_residues.PDB_model_num 
_pdbx_unobs_or_zero_occ_residues.polymer_flag 
_pdbx_unobs_or_zero_occ_residues.occupancy_flag 
_pdbx_unobs_or_zero_occ_residues.auth_asym_id 
_pdbx_unobs_or_zero_occ_residues.auth_comp_id 
_pdbx_unobs_or_zero_occ_residues.auth_seq_id 
_pdbx_unobs_or_zero_occ_residues.PDB_ins_code 
_pdbx_unobs_or_zero_occ_residues.label_asym_id 
_pdbx_unobs_or_zero_occ_residues.label_comp_id 
_pdbx_unobs_or_zero_occ_residues.label_seq_id 
1  1 Y 1 A TRP 81  ? A TRP 1  
2  1 Y 1 A VAL 82  ? A VAL 2  
3  1 Y 1 A ARG 83  ? A ARG 3  
4  1 Y 1 A GLN 84  ? A GLN 4  
5  1 Y 1 A ASP 85  ? A ASP 5  
6  1 Y 1 A ASP 86  ? A ASP 6  
7  1 Y 1 A LYS 155 ? A LYS 75 
8  1 Y 1 A ASN 156 ? A ASN 76 
9  1 Y 1 A ALA 157 ? A ALA 77 
10 1 Y 1 A LEU 158 ? A LEU 78 
11 1 Y 1 A LYS 159 ? A LYS 79 
12 1 Y 1 A GLU 160 ? A GLU 80 
13 1 Y 1 A SER 161 ? A SER 81 
# 
loop_
_chem_comp_atom.comp_id 
_chem_comp_atom.atom_id 
_chem_comp_atom.type_symbol 
_chem_comp_atom.pdbx_aromatic_flag 
_chem_comp_atom.pdbx_stereo_config 
_chem_comp_atom.pdbx_ordinal 
ALA N    N N N 1   
ALA CA   C N S 2   
ALA C    C N N 3   
ALA O    O N N 4   
ALA CB   C N N 5   
ALA OXT  O N N 6   
ALA H    H N N 7   
ALA H2   H N N 8   
ALA HA   H N N 9   
ALA HB1  H N N 10  
ALA HB2  H N N 11  
ALA HB3  H N N 12  
ALA HXT  H N N 13  
ARG N    N N N 14  
ARG CA   C N S 15  
ARG C    C N N 16  
ARG O    O N N 17  
ARG CB   C N N 18  
ARG CG   C N N 19  
ARG CD   C N N 20  
ARG NE   N N N 21  
ARG CZ   C N N 22  
ARG NH1  N N N 23  
ARG NH2  N N N 24  
ARG OXT  O N N 25  
ARG H    H N N 26  
ARG H2   H N N 27  
ARG HA   H N N 28  
ARG HB2  H N N 29  
ARG HB3  H N N 30  
ARG HG2  H N N 31  
ARG HG3  H N N 32  
ARG HD2  H N N 33  
ARG HD3  H N N 34  
ARG HE   H N N 35  
ARG HH11 H N N 36  
ARG HH12 H N N 37  
ARG HH21 H N N 38  
ARG HH22 H N N 39  
ARG HXT  H N N 40  
ASN N    N N N 41  
ASN CA   C N S 42  
ASN C    C N N 43  
ASN O    O N N 44  
ASN CB   C N N 45  
ASN CG   C N N 46  
ASN OD1  O N N 47  
ASN ND2  N N N 48  
ASN OXT  O N N 49  
ASN H    H N N 50  
ASN H2   H N N 51  
ASN HA   H N N 52  
ASN HB2  H N N 53  
ASN HB3  H N N 54  
ASN HD21 H N N 55  
ASN HD22 H N N 56  
ASN HXT  H N N 57  
ASP N    N N N 58  
ASP CA   C N S 59  
ASP C    C N N 60  
ASP O    O N N 61  
ASP CB   C N N 62  
ASP CG   C N N 63  
ASP OD1  O N N 64  
ASP OD2  O N N 65  
ASP OXT  O N N 66  
ASP H    H N N 67  
ASP H2   H N N 68  
ASP HA   H N N 69  
ASP HB2  H N N 70  
ASP HB3  H N N 71  
ASP HD2  H N N 72  
ASP HXT  H N N 73  
GLN N    N N N 74  
GLN CA   C N S 75  
GLN C    C N N 76  
GLN O    O N N 77  
GLN CB   C N N 78  
GLN CG   C N N 79  
GLN CD   C N N 80  
GLN OE1  O N N 81  
GLN NE2  N N N 82  
GLN OXT  O N N 83  
GLN H    H N N 84  
GLN H2   H N N 85  
GLN HA   H N N 86  
GLN HB2  H N N 87  
GLN HB3  H N N 88  
GLN HG2  H N N 89  
GLN HG3  H N N 90  
GLN HE21 H N N 91  
GLN HE22 H N N 92  
GLN HXT  H N N 93  
GLU N    N N N 94  
GLU CA   C N S 95  
GLU C    C N N 96  
GLU O    O N N 97  
GLU CB   C N N 98  
GLU CG   C N N 99  
GLU CD   C N N 100 
GLU OE1  O N N 101 
GLU OE2  O N N 102 
GLU OXT  O N N 103 
GLU H    H N N 104 
GLU H2   H N N 105 
GLU HA   H N N 106 
GLU HB2  H N N 107 
GLU HB3  H N N 108 
GLU HG2  H N N 109 
GLU HG3  H N N 110 
GLU HE2  H N N 111 
GLU HXT  H N N 112 
GLY N    N N N 113 
GLY CA   C N N 114 
GLY C    C N N 115 
GLY O    O N N 116 
GLY OXT  O N N 117 
GLY H    H N N 118 
GLY H2   H N N 119 
GLY HA2  H N N 120 
GLY HA3  H N N 121 
GLY HXT  H N N 122 
ILE N    N N N 123 
ILE CA   C N S 124 
ILE C    C N N 125 
ILE O    O N N 126 
ILE CB   C N S 127 
ILE CG1  C N N 128 
ILE CG2  C N N 129 
ILE CD1  C N N 130 
ILE OXT  O N N 131 
ILE H    H N N 132 
ILE H2   H N N 133 
ILE HA   H N N 134 
ILE HB   H N N 135 
ILE HG12 H N N 136 
ILE HG13 H N N 137 
ILE HG21 H N N 138 
ILE HG22 H N N 139 
ILE HG23 H N N 140 
ILE HD11 H N N 141 
ILE HD12 H N N 142 
ILE HD13 H N N 143 
ILE HXT  H N N 144 
LEU N    N N N 145 
LEU CA   C N S 146 
LEU C    C N N 147 
LEU O    O N N 148 
LEU CB   C N N 149 
LEU CG   C N N 150 
LEU CD1  C N N 151 
LEU CD2  C N N 152 
LEU OXT  O N N 153 
LEU H    H N N 154 
LEU H2   H N N 155 
LEU HA   H N N 156 
LEU HB2  H N N 157 
LEU HB3  H N N 158 
LEU HG   H N N 159 
LEU HD11 H N N 160 
LEU HD12 H N N 161 
LEU HD13 H N N 162 
LEU HD21 H N N 163 
LEU HD22 H N N 164 
LEU HD23 H N N 165 
LEU HXT  H N N 166 
LYS N    N N N 167 
LYS CA   C N S 168 
LYS C    C N N 169 
LYS O    O N N 170 
LYS CB   C N N 171 
LYS CG   C N N 172 
LYS CD   C N N 173 
LYS CE   C N N 174 
LYS NZ   N N N 175 
LYS OXT  O N N 176 
LYS H    H N N 177 
LYS H2   H N N 178 
LYS HA   H N N 179 
LYS HB2  H N N 180 
LYS HB3  H N N 181 
LYS HG2  H N N 182 
LYS HG3  H N N 183 
LYS HD2  H N N 184 
LYS HD3  H N N 185 
LYS HE2  H N N 186 
LYS HE3  H N N 187 
LYS HZ1  H N N 188 
LYS HZ2  H N N 189 
LYS HZ3  H N N 190 
LYS HXT  H N N 191 
MET N    N N N 192 
MET CA   C N S 193 
MET C    C N N 194 
MET O    O N N 195 
MET CB   C N N 196 
MET CG   C N N 197 
MET SD   S N N 198 
MET CE   C N N 199 
MET OXT  O N N 200 
MET H    H N N 201 
MET H2   H N N 202 
MET HA   H N N 203 
MET HB2  H N N 204 
MET HB3  H N N 205 
MET HG2  H N N 206 
MET HG3  H N N 207 
MET HE1  H N N 208 
MET HE2  H N N 209 
MET HE3  H N N 210 
MET HXT  H N N 211 
PHE N    N N N 212 
PHE CA   C N S 213 
PHE C    C N N 214 
PHE O    O N N 215 
PHE CB   C N N 216 
PHE CG   C Y N 217 
PHE CD1  C Y N 218 
PHE CD2  C Y N 219 
PHE CE1  C Y N 220 
PHE CE2  C Y N 221 
PHE CZ   C Y N 222 
PHE OXT  O N N 223 
PHE H    H N N 224 
PHE H2   H N N 225 
PHE HA   H N N 226 
PHE HB2  H N N 227 
PHE HB3  H N N 228 
PHE HD1  H N N 229 
PHE HD2  H N N 230 
PHE HE1  H N N 231 
PHE HE2  H N N 232 
PHE HZ   H N N 233 
PHE HXT  H N N 234 
PRO N    N N N 235 
PRO CA   C N S 236 
PRO C    C N N 237 
PRO O    O N N 238 
PRO CB   C N N 239 
PRO CG   C N N 240 
PRO CD   C N N 241 
PRO OXT  O N N 242 
PRO H    H N N 243 
PRO HA   H N N 244 
PRO HB2  H N N 245 
PRO HB3  H N N 246 
PRO HG2  H N N 247 
PRO HG3  H N N 248 
PRO HD2  H N N 249 
PRO HD3  H N N 250 
PRO HXT  H N N 251 
SER N    N N N 252 
SER CA   C N S 253 
SER C    C N N 254 
SER O    O N N 255 
SER CB   C N N 256 
SER OG   O N N 257 
SER OXT  O N N 258 
SER H    H N N 259 
SER H2   H N N 260 
SER HA   H N N 261 
SER HB2  H N N 262 
SER HB3  H N N 263 
SER HG   H N N 264 
SER HXT  H N N 265 
THR N    N N N 266 
THR CA   C N S 267 
THR C    C N N 268 
THR O    O N N 269 
THR CB   C N R 270 
THR OG1  O N N 271 
THR CG2  C N N 272 
THR OXT  O N N 273 
THR H    H N N 274 
THR H2   H N N 275 
THR HA   H N N 276 
THR HB   H N N 277 
THR HG1  H N N 278 
THR HG21 H N N 279 
THR HG22 H N N 280 
THR HG23 H N N 281 
THR HXT  H N N 282 
TRP N    N N N 283 
TRP CA   C N S 284 
TRP C    C N N 285 
TRP O    O N N 286 
TRP CB   C N N 287 
TRP CG   C Y N 288 
TRP CD1  C Y N 289 
TRP CD2  C Y N 290 
TRP NE1  N Y N 291 
TRP CE2  C Y N 292 
TRP CE3  C Y N 293 
TRP CZ2  C Y N 294 
TRP CZ3  C Y N 295 
TRP CH2  C Y N 296 
TRP OXT  O N N 297 
TRP H    H N N 298 
TRP H2   H N N 299 
TRP HA   H N N 300 
TRP HB2  H N N 301 
TRP HB3  H N N 302 
TRP HD1  H N N 303 
TRP HE1  H N N 304 
TRP HE3  H N N 305 
TRP HZ2  H N N 306 
TRP HZ3  H N N 307 
TRP HH2  H N N 308 
TRP HXT  H N N 309 
VAL N    N N N 310 
VAL CA   C N S 311 
VAL C    C N N 312 
VAL O    O N N 313 
VAL CB   C N N 314 
VAL CG1  C N N 315 
VAL CG2  C N N 316 
VAL OXT  O N N 317 
VAL H    H N N 318 
VAL H2   H N N 319 
VAL HA   H N N 320 
VAL HB   H N N 321 
VAL HG11 H N N 322 
VAL HG12 H N N 323 
VAL HG13 H N N 324 
VAL HG21 H N N 325 
VAL HG22 H N N 326 
VAL HG23 H N N 327 
VAL HXT  H N N 328 
# 
loop_
_chem_comp_bond.comp_id 
_chem_comp_bond.atom_id_1 
_chem_comp_bond.atom_id_2 
_chem_comp_bond.value_order 
_chem_comp_bond.pdbx_aromatic_flag 
_chem_comp_bond.pdbx_stereo_config 
_chem_comp_bond.pdbx_ordinal 
ALA N   CA   sing N N 1   
ALA N   H    sing N N 2   
ALA N   H2   sing N N 3   
ALA CA  C    sing N N 4   
ALA CA  CB   sing N N 5   
ALA CA  HA   sing N N 6   
ALA C   O    doub N N 7   
ALA C   OXT  sing N N 8   
ALA CB  HB1  sing N N 9   
ALA CB  HB2  sing N N 10  
ALA CB  HB3  sing N N 11  
ALA OXT HXT  sing N N 12  
ARG N   CA   sing N N 13  
ARG N   H    sing N N 14  
ARG N   H2   sing N N 15  
ARG CA  C    sing N N 16  
ARG CA  CB   sing N N 17  
ARG CA  HA   sing N N 18  
ARG C   O    doub N N 19  
ARG C   OXT  sing N N 20  
ARG CB  CG   sing N N 21  
ARG CB  HB2  sing N N 22  
ARG CB  HB3  sing N N 23  
ARG CG  CD   sing N N 24  
ARG CG  HG2  sing N N 25  
ARG CG  HG3  sing N N 26  
ARG CD  NE   sing N N 27  
ARG CD  HD2  sing N N 28  
ARG CD  HD3  sing N N 29  
ARG NE  CZ   sing N N 30  
ARG NE  HE   sing N N 31  
ARG CZ  NH1  sing N N 32  
ARG CZ  NH2  doub N N 33  
ARG NH1 HH11 sing N N 34  
ARG NH1 HH12 sing N N 35  
ARG NH2 HH21 sing N N 36  
ARG NH2 HH22 sing N N 37  
ARG OXT HXT  sing N N 38  
ASN N   CA   sing N N 39  
ASN N   H    sing N N 40  
ASN N   H2   sing N N 41  
ASN CA  C    sing N N 42  
ASN CA  CB   sing N N 43  
ASN CA  HA   sing N N 44  
ASN C   O    doub N N 45  
ASN C   OXT  sing N N 46  
ASN CB  CG   sing N N 47  
ASN CB  HB2  sing N N 48  
ASN CB  HB3  sing N N 49  
ASN CG  OD1  doub N N 50  
ASN CG  ND2  sing N N 51  
ASN ND2 HD21 sing N N 52  
ASN ND2 HD22 sing N N 53  
ASN OXT HXT  sing N N 54  
ASP N   CA   sing N N 55  
ASP N   H    sing N N 56  
ASP N   H2   sing N N 57  
ASP CA  C    sing N N 58  
ASP CA  CB   sing N N 59  
ASP CA  HA   sing N N 60  
ASP C   O    doub N N 61  
ASP C   OXT  sing N N 62  
ASP CB  CG   sing N N 63  
ASP CB  HB2  sing N N 64  
ASP CB  HB3  sing N N 65  
ASP CG  OD1  doub N N 66  
ASP CG  OD2  sing N N 67  
ASP OD2 HD2  sing N N 68  
ASP OXT HXT  sing N N 69  
GLN N   CA   sing N N 70  
GLN N   H    sing N N 71  
GLN N   H2   sing N N 72  
GLN CA  C    sing N N 73  
GLN CA  CB   sing N N 74  
GLN CA  HA   sing N N 75  
GLN C   O    doub N N 76  
GLN C   OXT  sing N N 77  
GLN CB  CG   sing N N 78  
GLN CB  HB2  sing N N 79  
GLN CB  HB3  sing N N 80  
GLN CG  CD   sing N N 81  
GLN CG  HG2  sing N N 82  
GLN CG  HG3  sing N N 83  
GLN CD  OE1  doub N N 84  
GLN CD  NE2  sing N N 85  
GLN NE2 HE21 sing N N 86  
GLN NE2 HE22 sing N N 87  
GLN OXT HXT  sing N N 88  
GLU N   CA   sing N N 89  
GLU N   H    sing N N 90  
GLU N   H2   sing N N 91  
GLU CA  C    sing N N 92  
GLU CA  CB   sing N N 93  
GLU CA  HA   sing N N 94  
GLU C   O    doub N N 95  
GLU C   OXT  sing N N 96  
GLU CB  CG   sing N N 97  
GLU CB  HB2  sing N N 98  
GLU CB  HB3  sing N N 99  
GLU CG  CD   sing N N 100 
GLU CG  HG2  sing N N 101 
GLU CG  HG3  sing N N 102 
GLU CD  OE1  doub N N 103 
GLU CD  OE2  sing N N 104 
GLU OE2 HE2  sing N N 105 
GLU OXT HXT  sing N N 106 
GLY N   CA   sing N N 107 
GLY N   H    sing N N 108 
GLY N   H2   sing N N 109 
GLY CA  C    sing N N 110 
GLY CA  HA2  sing N N 111 
GLY CA  HA3  sing N N 112 
GLY C   O    doub N N 113 
GLY C   OXT  sing N N 114 
GLY OXT HXT  sing N N 115 
ILE N   CA   sing N N 116 
ILE N   H    sing N N 117 
ILE N   H2   sing N N 118 
ILE CA  C    sing N N 119 
ILE CA  CB   sing N N 120 
ILE CA  HA   sing N N 121 
ILE C   O    doub N N 122 
ILE C   OXT  sing N N 123 
ILE CB  CG1  sing N N 124 
ILE CB  CG2  sing N N 125 
ILE CB  HB   sing N N 126 
ILE CG1 CD1  sing N N 127 
ILE CG1 HG12 sing N N 128 
ILE CG1 HG13 sing N N 129 
ILE CG2 HG21 sing N N 130 
ILE CG2 HG22 sing N N 131 
ILE CG2 HG23 sing N N 132 
ILE CD1 HD11 sing N N 133 
ILE CD1 HD12 sing N N 134 
ILE CD1 HD13 sing N N 135 
ILE OXT HXT  sing N N 136 
LEU N   CA   sing N N 137 
LEU N   H    sing N N 138 
LEU N   H2   sing N N 139 
LEU CA  C    sing N N 140 
LEU CA  CB   sing N N 141 
LEU CA  HA   sing N N 142 
LEU C   O    doub N N 143 
LEU C   OXT  sing N N 144 
LEU CB  CG   sing N N 145 
LEU CB  HB2  sing N N 146 
LEU CB  HB3  sing N N 147 
LEU CG  CD1  sing N N 148 
LEU CG  CD2  sing N N 149 
LEU CG  HG   sing N N 150 
LEU CD1 HD11 sing N N 151 
LEU CD1 HD12 sing N N 152 
LEU CD1 HD13 sing N N 153 
LEU CD2 HD21 sing N N 154 
LEU CD2 HD22 sing N N 155 
LEU CD2 HD23 sing N N 156 
LEU OXT HXT  sing N N 157 
LYS N   CA   sing N N 158 
LYS N   H    sing N N 159 
LYS N   H2   sing N N 160 
LYS CA  C    sing N N 161 
LYS CA  CB   sing N N 162 
LYS CA  HA   sing N N 163 
LYS C   O    doub N N 164 
LYS C   OXT  sing N N 165 
LYS CB  CG   sing N N 166 
LYS CB  HB2  sing N N 167 
LYS CB  HB3  sing N N 168 
LYS CG  CD   sing N N 169 
LYS CG  HG2  sing N N 170 
LYS CG  HG3  sing N N 171 
LYS CD  CE   sing N N 172 
LYS CD  HD2  sing N N 173 
LYS CD  HD3  sing N N 174 
LYS CE  NZ   sing N N 175 
LYS CE  HE2  sing N N 176 
LYS CE  HE3  sing N N 177 
LYS NZ  HZ1  sing N N 178 
LYS NZ  HZ2  sing N N 179 
LYS NZ  HZ3  sing N N 180 
LYS OXT HXT  sing N N 181 
MET N   CA   sing N N 182 
MET N   H    sing N N 183 
MET N   H2   sing N N 184 
MET CA  C    sing N N 185 
MET CA  CB   sing N N 186 
MET CA  HA   sing N N 187 
MET C   O    doub N N 188 
MET C   OXT  sing N N 189 
MET CB  CG   sing N N 190 
MET CB  HB2  sing N N 191 
MET CB  HB3  sing N N 192 
MET CG  SD   sing N N 193 
MET CG  HG2  sing N N 194 
MET CG  HG3  sing N N 195 
MET SD  CE   sing N N 196 
MET CE  HE1  sing N N 197 
MET CE  HE2  sing N N 198 
MET CE  HE3  sing N N 199 
MET OXT HXT  sing N N 200 
PHE N   CA   sing N N 201 
PHE N   H    sing N N 202 
PHE N   H2   sing N N 203 
PHE CA  C    sing N N 204 
PHE CA  CB   sing N N 205 
PHE CA  HA   sing N N 206 
PHE C   O    doub N N 207 
PHE C   OXT  sing N N 208 
PHE CB  CG   sing N N 209 
PHE CB  HB2  sing N N 210 
PHE CB  HB3  sing N N 211 
PHE CG  CD1  doub Y N 212 
PHE CG  CD2  sing Y N 213 
PHE CD1 CE1  sing Y N 214 
PHE CD1 HD1  sing N N 215 
PHE CD2 CE2  doub Y N 216 
PHE CD2 HD2  sing N N 217 
PHE CE1 CZ   doub Y N 218 
PHE CE1 HE1  sing N N 219 
PHE CE2 CZ   sing Y N 220 
PHE CE2 HE2  sing N N 221 
PHE CZ  HZ   sing N N 222 
PHE OXT HXT  sing N N 223 
PRO N   CA   sing N N 224 
PRO N   CD   sing N N 225 
PRO N   H    sing N N 226 
PRO CA  C    sing N N 227 
PRO CA  CB   sing N N 228 
PRO CA  HA   sing N N 229 
PRO C   O    doub N N 230 
PRO C   OXT  sing N N 231 
PRO CB  CG   sing N N 232 
PRO CB  HB2  sing N N 233 
PRO CB  HB3  sing N N 234 
PRO CG  CD   sing N N 235 
PRO CG  HG2  sing N N 236 
PRO CG  HG3  sing N N 237 
PRO CD  HD2  sing N N 238 
PRO CD  HD3  sing N N 239 
PRO OXT HXT  sing N N 240 
SER N   CA   sing N N 241 
SER N   H    sing N N 242 
SER N   H2   sing N N 243 
SER CA  C    sing N N 244 
SER CA  CB   sing N N 245 
SER CA  HA   sing N N 246 
SER C   O    doub N N 247 
SER C   OXT  sing N N 248 
SER CB  OG   sing N N 249 
SER CB  HB2  sing N N 250 
SER CB  HB3  sing N N 251 
SER OG  HG   sing N N 252 
SER OXT HXT  sing N N 253 
THR N   CA   sing N N 254 
THR N   H    sing N N 255 
THR N   H2   sing N N 256 
THR CA  C    sing N N 257 
THR CA  CB   sing N N 258 
THR CA  HA   sing N N 259 
THR C   O    doub N N 260 
THR C   OXT  sing N N 261 
THR CB  OG1  sing N N 262 
THR CB  CG2  sing N N 263 
THR CB  HB   sing N N 264 
THR OG1 HG1  sing N N 265 
THR CG2 HG21 sing N N 266 
THR CG2 HG22 sing N N 267 
THR CG2 HG23 sing N N 268 
THR OXT HXT  sing N N 269 
TRP N   CA   sing N N 270 
TRP N   H    sing N N 271 
TRP N   H2   sing N N 272 
TRP CA  C    sing N N 273 
TRP CA  CB   sing N N 274 
TRP CA  HA   sing N N 275 
TRP C   O    doub N N 276 
TRP C   OXT  sing N N 277 
TRP CB  CG   sing N N 278 
TRP CB  HB2  sing N N 279 
TRP CB  HB3  sing N N 280 
TRP CG  CD1  doub Y N 281 
TRP CG  CD2  sing Y N 282 
TRP CD1 NE1  sing Y N 283 
TRP CD1 HD1  sing N N 284 
TRP CD2 CE2  doub Y N 285 
TRP CD2 CE3  sing Y N 286 
TRP NE1 CE2  sing Y N 287 
TRP NE1 HE1  sing N N 288 
TRP CE2 CZ2  sing Y N 289 
TRP CE3 CZ3  doub Y N 290 
TRP CE3 HE3  sing N N 291 
TRP CZ2 CH2  doub Y N 292 
TRP CZ2 HZ2  sing N N 293 
TRP CZ3 CH2  sing Y N 294 
TRP CZ3 HZ3  sing N N 295 
TRP CH2 HH2  sing N N 296 
TRP OXT HXT  sing N N 297 
VAL N   CA   sing N N 298 
VAL N   H    sing N N 299 
VAL N   H2   sing N N 300 
VAL CA  C    sing N N 301 
VAL CA  CB   sing N N 302 
VAL CA  HA   sing N N 303 
VAL C   O    doub N N 304 
VAL C   OXT  sing N N 305 
VAL CB  CG1  sing N N 306 
VAL CB  CG2  sing N N 307 
VAL CB  HB   sing N N 308 
VAL CG1 HG11 sing N N 309 
VAL CG1 HG12 sing N N 310 
VAL CG1 HG13 sing N N 311 
VAL CG2 HG21 sing N N 312 
VAL CG2 HG22 sing N N 313 
VAL CG2 HG23 sing N N 314 
VAL OXT HXT  sing N N 315 
# 
_pdbx_nmr_spectrometer.spectrometer_id   1 
_pdbx_nmr_spectrometer.manufacturer      Varian 
_pdbx_nmr_spectrometer.model             'Unity 500' 
_pdbx_nmr_spectrometer.field_strength    500 
_pdbx_nmr_spectrometer.type              ? 
# 
_atom_sites.entry_id                    1C7W 
_atom_sites.fract_transf_matrix[1][1]   1.000000 
_atom_sites.fract_transf_matrix[1][2]   0.000000 
_atom_sites.fract_transf_matrix[1][3]   0.000000 
_atom_sites.fract_transf_matrix[2][1]   0.000000 
_atom_sites.fract_transf_matrix[2][2]   1.000000 
_atom_sites.fract_transf_matrix[2][3]   0.000000 
_atom_sites.fract_transf_matrix[3][1]   0.000000 
_atom_sites.fract_transf_matrix[3][2]   0.000000 
_atom_sites.fract_transf_matrix[3][3]   1.000000 
_atom_sites.fract_transf_vector[1]      0.00000 
_atom_sites.fract_transf_vector[2]      0.00000 
_atom_sites.fract_transf_vector[3]      0.00000 
# 
loop_
_atom_type.symbol 
C 
H 
N 
O 
S 
# 
loop_
_atom_site.group_PDB 
_atom_site.id 
_atom_site.type_symbol 
_atom_site.label_atom_id 
_atom_site.label_alt_id 
_atom_site.label_comp_id 
_atom_site.label_asym_id 
_atom_site.label_entity_id 
_atom_site.label_seq_id 
_atom_site.pdbx_PDB_ins_code 
_atom_site.Cartn_x 
_atom_site.Cartn_y 
_atom_site.Cartn_z 
_atom_site.occupancy 
_atom_site.B_iso_or_equiv 
_atom_site.pdbx_formal_charge 
_atom_site.auth_seq_id 
_atom_site.auth_comp_id 
_atom_site.auth_asym_id 
_atom_site.auth_atom_id 
_atom_site.pdbx_PDB_model_num 
ATOM 1    N N    . GLU A 1 7  ? 16.192  5.195   2.987   1.00 0.00 ? 87  GLU A N    1 
ATOM 2    C CA   . GLU A 1 7  ? 15.892  4.447   1.766   1.00 0.00 ? 87  GLU A CA   1 
ATOM 3    C C    . GLU A 1 7  ? 15.744  2.956   2.061   1.00 0.00 ? 87  GLU A C    1 
ATOM 4    O O    . GLU A 1 7  ? 14.892  2.376   1.391   1.00 0.00 ? 87  GLU A O    1 
ATOM 5    C CB   . GLU A 1 7  ? 16.947  4.841   0.729   1.00 0.00 ? 87  GLU A CB   1 
ATOM 6    C CG   . GLU A 1 7  ? 16.875  4.238   -0.675  1.00 0.00 ? 87  GLU A CG   1 
ATOM 7    C CD   . GLU A 1 7  ? 15.756  4.641   -1.624  1.00 0.00 ? 87  GLU A CD   1 
ATOM 8    O OE1  . GLU A 1 7  ? 15.710  5.824   -2.022  1.00 0.00 ? 87  GLU A OE1  1 
ATOM 9    O OE2  . GLU A 1 7  ? 14.956  3.771   -2.030  1.00 0.00 ? 87  GLU A OE2  1 
ATOM 10   H H    . GLU A 1 7  ? 17.187  5.388   3.151   1.00 0.00 ? 87  GLU A H    1 
ATOM 11   H HA   . GLU A 1 7  ? 14.922  4.801   1.376   1.00 0.00 ? 87  GLU A HA   1 
ATOM 12   H HB2  . GLU A 1 7  ? 16.930  5.939   0.610   1.00 0.00 ? 87  GLU A HB2  1 
ATOM 13   H HB3  . GLU A 1 7  ? 17.951  4.616   1.131   1.00 0.00 ? 87  GLU A HB3  1 
ATOM 14   H HG2  . GLU A 1 7  ? 17.813  4.463   -1.216  1.00 0.00 ? 87  GLU A HG2  1 
ATOM 15   H HG3  . GLU A 1 7  ? 16.853  3.137   -0.595  1.00 0.00 ? 87  GLU A HG3  1 
ATOM 16   N N    . GLU A 1 8  ? 16.457  2.314   2.977   1.00 0.00 ? 88  GLU A N    1 
ATOM 17   C CA   . GLU A 1 8  ? 16.254  0.912   3.357   1.00 0.00 ? 88  GLU A CA   1 
ATOM 18   C C    . GLU A 1 8  ? 14.903  0.679   4.034   1.00 0.00 ? 88  GLU A C    1 
ATOM 19   O O    . GLU A 1 8  ? 13.941  0.978   3.333   1.00 0.00 ? 88  GLU A O    1 
ATOM 20   C CB   . GLU A 1 8  ? 17.349  0.435   4.313   1.00 0.00 ? 88  GLU A CB   1 
ATOM 21   C CG   . GLU A 1 8  ? 17.564  -1.074  4.443   1.00 0.00 ? 88  GLU A CG   1 
ATOM 22   C CD   . GLU A 1 8  ? 16.432  -1.971  4.923   1.00 0.00 ? 88  GLU A CD   1 
ATOM 23   O OE1  . GLU A 1 8  ? 15.903  -1.764  6.036   1.00 0.00 ? 88  GLU A OE1  1 
ATOM 24   O OE2  . GLU A 1 8  ? 16.042  -2.889  4.169   1.00 0.00 ? 88  GLU A OE2  1 
ATOM 25   H H    . GLU A 1 8  ? 16.701  2.949   3.743   1.00 0.00 ? 88  GLU A H    1 
ATOM 26   H HA   . GLU A 1 8  ? 16.404  0.299   2.448   1.00 0.00 ? 88  GLU A HA   1 
ATOM 27   H HB2  . GLU A 1 8  ? 18.317  0.866   4.000   1.00 0.00 ? 88  GLU A HB2  1 
ATOM 28   H HB3  . GLU A 1 8  ? 17.187  0.862   5.320   1.00 0.00 ? 88  GLU A HB3  1 
ATOM 29   H HG2  . GLU A 1 8  ? 17.908  -1.482  3.474   1.00 0.00 ? 88  GLU A HG2  1 
ATOM 30   H HG3  . GLU A 1 8  ? 18.404  -1.261  5.137   1.00 0.00 ? 88  GLU A HG3  1 
ATOM 31   N N    . GLU A 1 9  ? 14.342  1.577   4.819   1.00 0.00 ? 89  GLU A N    1 
ATOM 32   C CA   . GLU A 1 9  ? 13.128  1.553   5.646   1.00 0.00 ? 89  GLU A CA   1 
ATOM 33   C C    . GLU A 1 9  ? 11.845  1.785   4.850   1.00 0.00 ? 89  GLU A C    1 
ATOM 34   O O    . GLU A 1 9  ? 10.973  0.921   4.751   1.00 0.00 ? 89  GLU A O    1 
ATOM 35   C CB   . GLU A 1 9  ? 13.396  2.531   6.792   1.00 0.00 ? 89  GLU A CB   1 
ATOM 36   C CG   . GLU A 1 9  ? 12.419  2.553   7.966   1.00 0.00 ? 89  GLU A CG   1 
ATOM 37   C CD   . GLU A 1 9  ? 12.345  1.299   8.824   1.00 0.00 ? 89  GLU A CD   1 
ATOM 38   O OE1  . GLU A 1 9  ? 13.388  0.672   9.112   1.00 0.00 ? 89  GLU A OE1  1 
ATOM 39   O OE2  . GLU A 1 9  ? 11.221  0.876   9.168   1.00 0.00 ? 89  GLU A OE2  1 
ATOM 40   H H    . GLU A 1 9  ? 14.016  1.443   3.845   1.00 0.00 ? 89  GLU A H    1 
ATOM 41   H HA   . GLU A 1 9  ? 13.044  0.542   6.084   1.00 0.00 ? 89  GLU A HA   1 
ATOM 42   H HB2  . GLU A 1 9  ? 14.398  2.343   7.217   1.00 0.00 ? 89  GLU A HB2  1 
ATOM 43   H HB3  . GLU A 1 9  ? 13.469  3.554   6.382   1.00 0.00 ? 89  GLU A HB3  1 
ATOM 44   H HG2  . GLU A 1 9  ? 12.693  3.374   8.654   1.00 0.00 ? 89  GLU A HG2  1 
ATOM 45   H HG3  . GLU A 1 9  ? 11.397  2.791   7.622   1.00 0.00 ? 89  GLU A HG3  1 
ATOM 46   N N    . ILE A 1 10 ? 11.815  2.921   4.170   1.00 0.00 ? 90  ILE A N    1 
ATOM 47   C CA   . ILE A 1 10 ? 10.761  3.339   3.245   1.00 0.00 ? 90  ILE A CA   1 
ATOM 48   C C    . ILE A 1 10 ? 10.779  2.412   2.034   1.00 0.00 ? 90  ILE A C    1 
ATOM 49   O O    . ILE A 1 10 ? 9.689   1.929   1.727   1.00 0.00 ? 90  ILE A O    1 
ATOM 50   C CB   . ILE A 1 10 ? 10.862  4.824   2.882   1.00 0.00 ? 90  ILE A CB   1 
ATOM 51   C CG1  . ILE A 1 10 ? 10.807  5.847   4.018   1.00 0.00 ? 90  ILE A CG1  1 
ATOM 52   C CG2  . ILE A 1 10 ? 9.931   5.314   1.774   1.00 0.00 ? 90  ILE A CG2  1 
ATOM 53   C CD1  . ILE A 1 10 ? 9.713   5.700   5.074   1.00 0.00 ? 90  ILE A CD1  1 
ATOM 54   H H    . ILE A 1 10 ? 12.713  3.414   4.196   1.00 0.00 ? 90  ILE A H    1 
ATOM 55   H HA   . ILE A 1 10 ? 9.807   3.173   3.777   1.00 0.00 ? 90  ILE A HA   1 
ATOM 56   H HB   . ILE A 1 10 ? 11.857  4.926   2.415   1.00 0.00 ? 90  ILE A HB   1 
ATOM 57   H HG12 . ILE A 1 10 ? 11.746  5.820   4.595   1.00 0.00 ? 90  ILE A HG12 1 
ATOM 58   H HG13 . ILE A 1 10 ? 10.827  6.878   3.624   1.00 0.00 ? 90  ILE A HG13 1 
ATOM 59   H HG21 . ILE A 1 10 ? 9.700   4.552   1.008   1.00 0.00 ? 90  ILE A HG21 1 
ATOM 60   H HG22 . ILE A 1 10 ? 8.967   5.654   2.191   1.00 0.00 ? 90  ILE A HG22 1 
ATOM 61   H HG23 . ILE A 1 10 ? 10.368  6.172   1.232   1.00 0.00 ? 90  ILE A HG23 1 
ATOM 62   H HD11 . ILE A 1 10 ? 8.702   5.736   4.629   1.00 0.00 ? 90  ILE A HD11 1 
ATOM 63   H HD12 . ILE A 1 10 ? 9.821   4.743   5.615   1.00 0.00 ? 90  ILE A HD12 1 
ATOM 64   H HD13 . ILE A 1 10 ? 9.797   6.503   5.829   1.00 0.00 ? 90  ILE A HD13 1 
ATOM 65   N N    . LEU A 1 11 ? 11.881  2.148   1.344   1.00 0.00 ? 91  LEU A N    1 
ATOM 66   C CA   . LEU A 1 11 ? 11.881  1.185   0.241   1.00 0.00 ? 91  LEU A CA   1 
ATOM 67   C C    . LEU A 1 11 ? 11.477  -0.208  0.710   1.00 0.00 ? 91  LEU A C    1 
ATOM 68   O O    . LEU A 1 11 ? 10.719  -0.856  -0.009  1.00 0.00 ? 91  LEU A O    1 
ATOM 69   C CB   . LEU A 1 11 ? 13.146  1.164   -0.620  1.00 0.00 ? 91  LEU A CB   1 
ATOM 70   C CG   . LEU A 1 11 ? 14.215  0.067   -0.561  1.00 0.00 ? 91  LEU A CG   1 
ATOM 71   C CD1  . LEU A 1 11 ? 13.838  -1.247  -1.245  1.00 0.00 ? 91  LEU A CD1  1 
ATOM 72   C CD2  . LEU A 1 11 ? 15.539  0.518   -1.177  1.00 0.00 ? 91  LEU A CD2  1 
ATOM 73   H H    . LEU A 1 11 ? 12.767  2.525   1.698   1.00 0.00 ? 91  LEU A H    1 
ATOM 74   H HA   . LEU A 1 11 ? 11.076  1.541   -0.427  1.00 0.00 ? 91  LEU A HA   1 
ATOM 75   H HB2  . LEU A 1 11 ? 12.788  1.174   -1.662  1.00 0.00 ? 91  LEU A HB2  1 
ATOM 76   H HB3  . LEU A 1 11 ? 13.588  2.177   -0.583  1.00 0.00 ? 91  LEU A HB3  1 
ATOM 77   H HG   . LEU A 1 11 ? 14.423  -0.159  0.500   1.00 0.00 ? 91  LEU A HG   1 
ATOM 78   H HD11 . LEU A 1 11 ? 13.602  -1.111  -2.317  1.00 0.00 ? 91  LEU A HD11 1 
ATOM 79   H HD12 . LEU A 1 11 ? 14.656  -1.988  -1.191  1.00 0.00 ? 91  LEU A HD12 1 
ATOM 80   H HD13 . LEU A 1 11 ? 12.970  -1.755  -0.788  1.00 0.00 ? 91  LEU A HD13 1 
ATOM 81   H HD21 . LEU A 1 11 ? 15.414  0.971   -2.176  1.00 0.00 ? 91  LEU A HD21 1 
ATOM 82   H HD22 . LEU A 1 11 ? 16.031  1.263   -0.526  1.00 0.00 ? 91  LEU A HD22 1 
ATOM 83   H HD23 . LEU A 1 11 ? 16.273  -0.300  -1.273  1.00 0.00 ? 91  LEU A HD23 1 
ATOM 84   N N    . ARG A 1 12 ? 11.902  -0.671  1.875   1.00 0.00 ? 92  ARG A N    1 
ATOM 85   C CA   . ARG A 1 12 ? 11.507  -1.966  2.429   1.00 0.00 ? 92  ARG A CA   1 
ATOM 86   C C    . ARG A 1 12 ? 9.986   -2.085  2.452   1.00 0.00 ? 92  ARG A C    1 
ATOM 87   O O    . ARG A 1 12 ? 9.465   -2.884  1.672   1.00 0.00 ? 92  ARG A O    1 
ATOM 88   C CB   . ARG A 1 12 ? 12.237  -2.149  3.761   1.00 0.00 ? 92  ARG A CB   1 
ATOM 89   C CG   . ARG A 1 12 ? 12.255  -3.570  4.326   1.00 0.00 ? 92  ARG A CG   1 
ATOM 90   C CD   . ARG A 1 12 ? 12.990  -3.709  5.659   1.00 0.00 ? 92  ARG A CD   1 
ATOM 91   N NE   . ARG A 1 12 ? 12.185  -3.203  6.770   1.00 0.00 ? 92  ARG A NE   1 
ATOM 92   C CZ   . ARG A 1 12 ? 12.474  -2.173  7.546   1.00 0.00 ? 92  ARG A CZ   1 
ATOM 93   N NH1  . ARG A 1 12 ? 13.627  -1.533  7.573   1.00 0.00 ? 92  ARG A NH1  1 
ATOM 94   N NH2  . ARG A 1 12 ? 11.521  -1.746  8.351   1.00 0.00 ? 92  ARG A NH2  1 
ATOM 95   H H    . ARG A 1 12 ? 12.320  0.063   2.461   1.00 0.00 ? 92  ARG A H    1 
ATOM 96   H HA   . ARG A 1 12 ? 11.892  -2.734  1.734   1.00 0.00 ? 92  ARG A HA   1 
ATOM 97   H HB2  . ARG A 1 12 ? 13.292  -1.841  3.647   1.00 0.00 ? 92  ARG A HB2  1 
ATOM 98   H HB3  . ARG A 1 12 ? 11.830  -1.449  4.513   1.00 0.00 ? 92  ARG A HB3  1 
ATOM 99   H HG2  . ARG A 1 12 ? 11.231  -3.976  4.402   1.00 0.00 ? 92  ARG A HG2  1 
ATOM 100  H HG3  . ARG A 1 12 ? 12.765  -4.220  3.594   1.00 0.00 ? 92  ARG A HG3  1 
ATOM 101  H HD2  . ARG A 1 12 ? 13.208  -4.777  5.845   1.00 0.00 ? 92  ARG A HD2  1 
ATOM 102  H HD3  . ARG A 1 12 ? 13.994  -3.255  5.588   1.00 0.00 ? 92  ARG A HD3  1 
ATOM 103  H HE   . ARG A 1 12 ? 11.228  -3.548  6.907   1.00 0.00 ? 92  ARG A HE   1 
ATOM 104  H HH11 . ARG A 1 12 ? 14.384  -1.802  6.933   1.00 0.00 ? 92  ARG A HH11 1 
ATOM 105  H HH12 . ARG A 1 12 ? 13.644  -0.711  8.191   1.00 0.00 ? 92  ARG A HH12 1 
ATOM 106  H HH21 . ARG A 1 12 ? 10.611  -2.218  8.317   1.00 0.00 ? 92  ARG A HH21 1 
ATOM 107  H HH22 . ARG A 1 12 ? 11.677  -0.830  8.789   1.00 0.00 ? 92  ARG A HH22 1 
ATOM 108  N N    . ALA A 1 13 ? 9.273   -1.212  3.147   1.00 0.00 ? 93  ALA A N    1 
ATOM 109  C CA   . ALA A 1 13 ? 7.812   -1.288  3.169   1.00 0.00 ? 93  ALA A CA   1 
ATOM 110  C C    . ALA A 1 13 ? 7.086   -0.931  1.876   1.00 0.00 ? 93  ALA A C    1 
ATOM 111  O O    . ALA A 1 13 ? 6.393   -1.824  1.391   1.00 0.00 ? 93  ALA A O    1 
ATOM 112  C CB   . ALA A 1 13 ? 7.300   -0.548  4.402   1.00 0.00 ? 93  ALA A CB   1 
ATOM 113  H H    . ALA A 1 13 ? 9.790   -0.470  3.634   1.00 0.00 ? 93  ALA A H    1 
ATOM 114  H HA   . ALA A 1 13 ? 7.582   -2.360  3.306   1.00 0.00 ? 93  ALA A HA   1 
ATOM 115  H HB1  . ALA A 1 13 ? 7.782   0.436   4.545   1.00 0.00 ? 93  ALA A HB1  1 
ATOM 116  H HB2  . ALA A 1 13 ? 6.206   -0.392  4.377   1.00 0.00 ? 93  ALA A HB2  1 
ATOM 117  H HB3  . ALA A 1 13 ? 7.511   -1.125  5.321   1.00 0.00 ? 93  ALA A HB3  1 
ATOM 118  N N    . PHE A 1 14 ? 7.215   0.241   1.269   1.00 0.00 ? 94  PHE A N    1 
ATOM 119  C CA   . PHE A 1 14 ? 6.497   0.503   0.018   1.00 0.00 ? 94  PHE A CA   1 
ATOM 120  C C    . PHE A 1 14 ? 6.992   -0.319  -1.163  1.00 0.00 ? 94  PHE A C    1 
ATOM 121  O O    . PHE A 1 14 ? 6.144   -0.868  -1.867  1.00 0.00 ? 94  PHE A O    1 
ATOM 122  C CB   . PHE A 1 14 ? 6.499   1.953   -0.471  1.00 0.00 ? 94  PHE A CB   1 
ATOM 123  C CG   . PHE A 1 14 ? 5.512   2.347   -1.551  1.00 0.00 ? 94  PHE A CG   1 
ATOM 124  C CD1  . PHE A 1 14 ? 5.736   2.026   -2.843  1.00 0.00 ? 94  PHE A CD1  1 
ATOM 125  C CD2  . PHE A 1 14 ? 4.387   3.019   -1.237  1.00 0.00 ? 94  PHE A CD2  1 
ATOM 126  C CE1  . PHE A 1 14 ? 4.852   2.353   -3.805  1.00 0.00 ? 94  PHE A CE1  1 
ATOM 127  C CE2  . PHE A 1 14 ? 3.519   3.399   -2.195  1.00 0.00 ? 94  PHE A CE2  1 
ATOM 128  C CZ   . PHE A 1 14 ? 3.746   3.052   -3.478  1.00 0.00 ? 94  PHE A CZ   1 
ATOM 129  H H    . PHE A 1 14 ? 7.938   0.864   1.653   1.00 0.00 ? 94  PHE A H    1 
ATOM 130  H HA   . PHE A 1 14 ? 5.451   0.176   0.173   1.00 0.00 ? 94  PHE A HA   1 
ATOM 131  H HB2  . PHE A 1 14 ? 6.332   2.565   0.430   1.00 0.00 ? 94  PHE A HB2  1 
ATOM 132  H HB3  . PHE A 1 14 ? 7.516   2.265   -0.770  1.00 0.00 ? 94  PHE A HB3  1 
ATOM 133  H HD1  . PHE A 1 14 ? 6.627   1.495   -3.145  1.00 0.00 ? 94  PHE A HD1  1 
ATOM 134  H HD2  . PHE A 1 14 ? 4.140   3.239   -0.210  1.00 0.00 ? 94  PHE A HD2  1 
ATOM 135  H HE1  . PHE A 1 14 ? 5.041   2.056   -4.826  1.00 0.00 ? 94  PHE A HE1  1 
ATOM 136  H HE2  . PHE A 1 14 ? 2.613   3.916   -1.914  1.00 0.00 ? 94  PHE A HE2  1 
ATOM 137  H HZ   . PHE A 1 14 ? 3.037   3.316   -4.248  1.00 0.00 ? 94  PHE A HZ   1 
ATOM 138  N N    . LYS A 1 15 ? 8.289   -0.358  -1.425  1.00 0.00 ? 95  LYS A N    1 
ATOM 139  C CA   . LYS A 1 15 ? 8.802   -1.127  -2.560  1.00 0.00 ? 95  LYS A CA   1 
ATOM 140  C C    . LYS A 1 15 ? 8.557   -2.623  -2.369  1.00 0.00 ? 95  LYS A C    1 
ATOM 141  O O    . LYS A 1 15 ? 8.519   -3.255  -3.424  1.00 0.00 ? 95  LYS A O    1 
ATOM 142  C CB   . LYS A 1 15 ? 10.189  -0.635  -2.978  1.00 0.00 ? 95  LYS A CB   1 
ATOM 143  C CG   . LYS A 1 15 ? 10.338  0.871   -3.218  1.00 0.00 ? 95  LYS A CG   1 
ATOM 144  C CD   . LYS A 1 15 ? 11.616  1.231   -3.974  1.00 0.00 ? 95  LYS A CD   1 
ATOM 145  C CE   . LYS A 1 15 ? 12.035  2.690   -3.810  1.00 0.00 ? 95  LYS A CE   1 
ATOM 146  N NZ   . LYS A 1 15 ? 13.483  2.876   -3.992  1.00 0.00 ? 95  LYS A NZ   1 
ATOM 147  H H    . LYS A 1 15 ? 8.853   -0.126  -0.600  1.00 0.00 ? 95  LYS A H    1 
ATOM 148  H HA   . LYS A 1 15 ? 8.165   -0.860  -3.422  1.00 0.00 ? 95  LYS A HA   1 
ATOM 149  H HB2  . LYS A 1 15 ? 10.976  -0.995  -2.292  1.00 0.00 ? 95  LYS A HB2  1 
ATOM 150  H HB3  . LYS A 1 15 ? 10.432  -1.155  -3.921  1.00 0.00 ? 95  LYS A HB3  1 
ATOM 151  H HG2  . LYS A 1 15 ? 9.460   1.319   -3.720  1.00 0.00 ? 95  LYS A HG2  1 
ATOM 152  H HG3  . LYS A 1 15 ? 10.280  1.415   -2.257  1.00 0.00 ? 95  LYS A HG3  1 
ATOM 153  H HD2  . LYS A 1 15 ? 12.425  0.549   -3.650  1.00 0.00 ? 95  LYS A HD2  1 
ATOM 154  H HD3  . LYS A 1 15 ? 11.494  0.985   -5.045  1.00 0.00 ? 95  LYS A HD3  1 
ATOM 155  H HE2  . LYS A 1 15 ? 11.469  3.323   -4.519  1.00 0.00 ? 95  LYS A HE2  1 
ATOM 156  H HE3  . LYS A 1 15 ? 11.744  3.082   -2.816  1.00 0.00 ? 95  LYS A HE3  1 
ATOM 157  H HZ1  . LYS A 1 15 ? 13.983  2.016   -4.244  1.00 0.00 ? 95  LYS A HZ1  1 
ATOM 158  H HZ2  . LYS A 1 15 ? 13.744  3.594   -4.680  1.00 0.00 ? 95  LYS A HZ2  1 
ATOM 159  H HZ3  . LYS A 1 15 ? 13.974  3.204   -3.149  1.00 0.00 ? 95  LYS A HZ3  1 
ATOM 160  N N    . VAL A 1 16 ? 8.366   -3.219  -1.198  1.00 0.00 ? 96  VAL A N    1 
ATOM 161  C CA   . VAL A 1 16 ? 7.871   -4.597  -1.132  1.00 0.00 ? 96  VAL A CA   1 
ATOM 162  C C    . VAL A 1 16 ? 6.382   -4.590  -1.479  1.00 0.00 ? 96  VAL A C    1 
ATOM 163  O O    . VAL A 1 16 ? 5.979   -5.438  -2.275  1.00 0.00 ? 96  VAL A O    1 
ATOM 164  C CB   . VAL A 1 16 ? 8.167   -5.357  0.164   1.00 0.00 ? 96  VAL A CB   1 
ATOM 165  C CG1  . VAL A 1 16 ? 7.131   -5.376  1.288   1.00 0.00 ? 96  VAL A CG1  1 
ATOM 166  C CG2  . VAL A 1 16 ? 8.423   -6.835  -0.129  1.00 0.00 ? 96  VAL A CG2  1 
ATOM 167  H H    . VAL A 1 16 ? 8.550   -2.716  -0.321  1.00 0.00 ? 96  VAL A H    1 
ATOM 168  H HA   . VAL A 1 16 ? 8.397   -5.144  -1.937  1.00 0.00 ? 96  VAL A HA   1 
ATOM 169  H HB   . VAL A 1 16 ? 9.117   -4.985  0.587   1.00 0.00 ? 96  VAL A HB   1 
ATOM 170  H HG11 . VAL A 1 16 ? 6.837   -4.360  1.601   1.00 0.00 ? 96  VAL A HG11 1 
ATOM 171  H HG12 . VAL A 1 16 ? 6.206   -5.892  0.965   1.00 0.00 ? 96  VAL A HG12 1 
ATOM 172  H HG13 . VAL A 1 16 ? 7.489   -5.925  2.175   1.00 0.00 ? 96  VAL A HG13 1 
ATOM 173  H HG21 . VAL A 1 16 ? 9.232   -6.944  -0.874  1.00 0.00 ? 96  VAL A HG21 1 
ATOM 174  H HG22 . VAL A 1 16 ? 8.733   -7.368  0.787   1.00 0.00 ? 96  VAL A HG22 1 
ATOM 175  H HG23 . VAL A 1 16 ? 7.511   -7.320  -0.521  1.00 0.00 ? 96  VAL A HG23 1 
ATOM 176  N N    . PHE A 1 17 ? 5.567   -3.690  -0.944  1.00 0.00 ? 97  PHE A N    1 
ATOM 177  C CA   . PHE A 1 17 ? 4.132   -3.605  -1.222  1.00 0.00 ? 97  PHE A CA   1 
ATOM 178  C C    . PHE A 1 17 ? 3.697   -3.336  -2.661  1.00 0.00 ? 97  PHE A C    1 
ATOM 179  O O    . PHE A 1 17 ? 2.628   -3.835  -3.013  1.00 0.00 ? 97  PHE A O    1 
ATOM 180  C CB   . PHE A 1 17 ? 3.452   -2.645  -0.244  1.00 0.00 ? 97  PHE A CB   1 
ATOM 181  C CG   . PHE A 1 17 ? 2.037   -3.046  0.121   1.00 0.00 ? 97  PHE A CG   1 
ATOM 182  C CD1  . PHE A 1 17 ? 0.999   -2.782  -0.700  1.00 0.00 ? 97  PHE A CD1  1 
ATOM 183  C CD2  . PHE A 1 17 ? 1.827   -3.821  1.208   1.00 0.00 ? 97  PHE A CD2  1 
ATOM 184  C CE1  . PHE A 1 17 ? -0.216  -3.310  -0.459  1.00 0.00 ? 97  PHE A CE1  1 
ATOM 185  C CE2  . PHE A 1 17 ? 0.612   -4.343  1.465   1.00 0.00 ? 97  PHE A CE2  1 
ATOM 186  C CZ   . PHE A 1 17 ? -0.408  -4.096  0.619   1.00 0.00 ? 97  PHE A CZ   1 
ATOM 187  H H    . PHE A 1 17 ? 5.993   -3.134  -0.196  1.00 0.00 ? 97  PHE A H    1 
ATOM 188  H HA   . PHE A 1 17 ? 3.757   -4.614  -0.975  1.00 0.00 ? 97  PHE A HA   1 
ATOM 189  H HB2  . PHE A 1 17 ? 4.026   -2.573  0.698   1.00 0.00 ? 97  PHE A HB2  1 
ATOM 190  H HB3  . PHE A 1 17 ? 3.508   -1.610  -0.624  1.00 0.00 ? 97  PHE A HB3  1 
ATOM 191  H HD1  . PHE A 1 17 ? 1.090   -2.246  -1.634  1.00 0.00 ? 97  PHE A HD1  1 
ATOM 192  H HD2  . PHE A 1 17 ? 2.634   -4.110  1.865   1.00 0.00 ? 97  PHE A HD2  1 
ATOM 193  H HE1  . PHE A 1 17 ? -1.010  -3.127  -1.166  1.00 0.00 ? 97  PHE A HE1  1 
ATOM 194  H HE2  . PHE A 1 17 ? 0.465   -4.989  2.317   1.00 0.00 ? 97  PHE A HE2  1 
ATOM 195  H HZ   . PHE A 1 17 ? -1.365  -4.572  0.765   1.00 0.00 ? 97  PHE A HZ   1 
ATOM 196  N N    . ASP A 1 18 ? 4.431   -2.608  -3.490  1.00 0.00 ? 98  ASP A N    1 
ATOM 197  C CA   . ASP A 1 18 ? 4.125   -2.321  -4.893  1.00 0.00 ? 98  ASP A CA   1 
ATOM 198  C C    . ASP A 1 18 ? 3.853   -3.592  -5.694  1.00 0.00 ? 98  ASP A C    1 
ATOM 199  O O    . ASP A 1 18 ? 4.748   -4.369  -6.026  1.00 0.00 ? 98  ASP A O    1 
ATOM 200  C CB   . ASP A 1 18 ? 5.289   -1.463  -5.391  1.00 0.00 ? 98  ASP A CB   1 
ATOM 201  C CG   . ASP A 1 18 ? 5.309   -1.068  -6.859  1.00 0.00 ? 98  ASP A CG   1 
ATOM 202  O OD1  . ASP A 1 18 ? 4.228   -0.914  -7.469  1.00 0.00 ? 98  ASP A OD1  1 
ATOM 203  O OD2  . ASP A 1 18 ? 6.418   -0.896  -7.409  1.00 0.00 ? 98  ASP A OD2  1 
ATOM 204  H H    . ASP A 1 18 ? 5.320   -2.286  -3.091  1.00 0.00 ? 98  ASP A H    1 
ATOM 205  H HA   . ASP A 1 18 ? 3.255   -1.643  -4.973  1.00 0.00 ? 98  ASP A HA   1 
ATOM 206  H HB2  . ASP A 1 18 ? 5.300   -0.507  -4.837  1.00 0.00 ? 98  ASP A HB2  1 
ATOM 207  H HB3  . ASP A 1 18 ? 6.265   -1.927  -5.158  1.00 0.00 ? 98  ASP A HB3  1 
ATOM 208  N N    . ALA A 1 19 ? 2.571   -3.806  -5.947  1.00 0.00 ? 99  ALA A N    1 
ATOM 209  C CA   . ALA A 1 19 ? 2.050   -4.985  -6.641  1.00 0.00 ? 99  ALA A CA   1 
ATOM 210  C C    . ALA A 1 19 ? 2.423   -5.142  -8.111  1.00 0.00 ? 99  ALA A C    1 
ATOM 211  O O    . ALA A 1 19 ? 2.967   -6.183  -8.480  1.00 0.00 ? 99  ALA A O    1 
ATOM 212  C CB   . ALA A 1 19 ? 0.539   -5.029  -6.418  1.00 0.00 ? 99  ALA A CB   1 
ATOM 213  H H    . ALA A 1 19 ? 1.965   -3.078  -5.552  1.00 0.00 ? 99  ALA A H    1 
ATOM 214  H HA   . ALA A 1 19 ? 2.459   -5.873  -6.126  1.00 0.00 ? 99  ALA A HA   1 
ATOM 215  H HB1  . ALA A 1 19 ? 0.219   -5.039  -5.358  1.00 0.00 ? 99  ALA A HB1  1 
ATOM 216  H HB2  . ALA A 1 19 ? 0.019   -4.168  -6.877  1.00 0.00 ? 99  ALA A HB2  1 
ATOM 217  H HB3  . ALA A 1 19 ? 0.080   -5.932  -6.861  1.00 0.00 ? 99  ALA A HB3  1 
ATOM 218  N N    . ASN A 1 20 ? 2.137   -4.148  -8.935  1.00 0.00 ? 100 ASN A N    1 
ATOM 219  C CA   . ASN A 1 20 ? 2.467   -4.164  -10.363 1.00 0.00 ? 100 ASN A CA   1 
ATOM 220  C C    . ASN A 1 20 ? 3.955   -4.050  -10.694 1.00 0.00 ? 100 ASN A C    1 
ATOM 221  O O    . ASN A 1 20 ? 4.334   -4.528  -11.763 1.00 0.00 ? 100 ASN A O    1 
ATOM 222  C CB   . ASN A 1 20 ? 1.652   -3.140  -11.159 1.00 0.00 ? 100 ASN A CB   1 
ATOM 223  C CG   . ASN A 1 20 ? 1.958   -3.005  -12.645 1.00 0.00 ? 100 ASN A CG   1 
ATOM 224  O OD1  . ASN A 1 20 ? 2.713   -2.097  -12.992 1.00 0.00 ? 100 ASN A OD1  1 
ATOM 225  N ND2  . ASN A 1 20 ? 1.564   -3.871  -13.562 1.00 0.00 ? 100 ASN A ND2  1 
ATOM 226  H H    . ASN A 1 20 ? 1.700   -3.387  -8.402  1.00 0.00 ? 100 ASN A H    1 
ATOM 227  H HA   . ASN A 1 20 ? 2.121   -5.138  -10.752 1.00 0.00 ? 100 ASN A HA   1 
ATOM 228  H HB2  . ASN A 1 20 ? 0.566   -3.226  -10.967 1.00 0.00 ? 100 ASN A HB2  1 
ATOM 229  H HB3  . ASN A 1 20 ? 1.828   -2.111  -10.798 1.00 0.00 ? 100 ASN A HB3  1 
ATOM 230  H HD21 . ASN A 1 20 ? 1.599   -4.874  -13.346 1.00 0.00 ? 100 ASN A HD21 1 
ATOM 231  H HD22 . ASN A 1 20 ? 1.749   -3.535  -14.514 1.00 0.00 ? 100 ASN A HD22 1 
ATOM 232  N N    . GLY A 1 21 ? 4.825   -3.502  -9.862  1.00 0.00 ? 101 GLY A N    1 
ATOM 233  C CA   . GLY A 1 21 ? 6.229   -3.273  -10.204 1.00 0.00 ? 101 GLY A CA   1 
ATOM 234  C C    . GLY A 1 21 ? 6.553   -2.018  -11.006 1.00 0.00 ? 101 GLY A C    1 
ATOM 235  O O    . GLY A 1 21 ? 7.738   -1.823  -11.278 1.00 0.00 ? 101 GLY A O    1 
ATOM 236  H H    . GLY A 1 21 ? 4.549   -3.428  -8.877  1.00 0.00 ? 101 GLY A H    1 
ATOM 237  H HA2  . GLY A 1 21 ? 6.790   -3.223  -9.254  1.00 0.00 ? 101 GLY A HA2  1 
ATOM 238  H HA3  . GLY A 1 21 ? 6.644   -4.155  -10.726 1.00 0.00 ? 101 GLY A HA3  1 
ATOM 239  N N    . ASP A 1 22 ? 5.605   -1.150  -11.326 1.00 0.00 ? 102 ASP A N    1 
ATOM 240  C CA   . ASP A 1 22 ? 5.848   0.149   -11.958 1.00 0.00 ? 102 ASP A CA   1 
ATOM 241  C C    . ASP A 1 22 ? 6.025   1.306   -10.973 1.00 0.00 ? 102 ASP A C    1 
ATOM 242  O O    . ASP A 1 22 ? 6.556   2.347   -11.363 1.00 0.00 ? 102 ASP A O    1 
ATOM 243  C CB   . ASP A 1 22 ? 4.780   0.467   -13.006 1.00 0.00 ? 102 ASP A CB   1 
ATOM 244  C CG   . ASP A 1 22 ? 3.347   0.774   -12.598 1.00 0.00 ? 102 ASP A CG   1 
ATOM 245  O OD1  . ASP A 1 22 ? 2.984   0.666   -11.406 1.00 0.00 ? 102 ASP A OD1  1 
ATOM 246  O OD2  . ASP A 1 22 ? 2.557   1.124   -13.500 1.00 0.00 ? 102 ASP A OD2  1 
ATOM 247  H H    . ASP A 1 22 ? 4.637   -1.473  -11.219 1.00 0.00 ? 102 ASP A H    1 
ATOM 248  H HA   . ASP A 1 22 ? 6.797   0.079   -12.519 1.00 0.00 ? 102 ASP A HA   1 
ATOM 249  H HB2  . ASP A 1 22 ? 5.115   1.358   -13.566 1.00 0.00 ? 102 ASP A HB2  1 
ATOM 250  H HB3  . ASP A 1 22 ? 4.755   -0.312  -13.789 1.00 0.00 ? 102 ASP A HB3  1 
ATOM 251  N N    . GLY A 1 23 ? 5.638   1.150   -9.717  1.00 0.00 ? 103 GLY A N    1 
ATOM 252  C CA   . GLY A 1 23 ? 5.698   2.146   -8.650  1.00 0.00 ? 103 GLY A CA   1 
ATOM 253  C C    . GLY A 1 23 ? 4.367   2.674   -8.129  1.00 0.00 ? 103 GLY A C    1 
ATOM 254  O O    . GLY A 1 23 ? 4.404   3.736   -7.510  1.00 0.00 ? 103 GLY A O    1 
ATOM 255  H H    . GLY A 1 23 ? 5.282   0.215   -9.489  1.00 0.00 ? 103 GLY A H    1 
ATOM 256  H HA2  . GLY A 1 23 ? 6.224   1.689   -7.793  1.00 0.00 ? 103 GLY A HA2  1 
ATOM 257  H HA3  . GLY A 1 23 ? 6.355   2.984   -8.940  1.00 0.00 ? 103 GLY A HA3  1 
ATOM 258  N N    . VAL A 1 24 ? 3.247   1.994   -8.323  1.00 0.00 ? 104 VAL A N    1 
ATOM 259  C CA   . VAL A 1 24 ? 1.940   2.425   -7.821  1.00 0.00 ? 104 VAL A CA   1 
ATOM 260  C C    . VAL A 1 24 ? 1.183   1.234   -7.244  1.00 0.00 ? 104 VAL A C    1 
ATOM 261  O O    . VAL A 1 24 ? 1.195   0.107   -7.739  1.00 0.00 ? 104 VAL A O    1 
ATOM 262  C CB   . VAL A 1 24 ? 1.146   3.253   -8.836  1.00 0.00 ? 104 VAL A CB   1 
ATOM 263  C CG1  . VAL A 1 24 ? 0.001   2.604   -9.611  1.00 0.00 ? 104 VAL A CG1  1 
ATOM 264  C CG2  . VAL A 1 24 ? 0.795   4.664   -8.359  1.00 0.00 ? 104 VAL A CG2  1 
ATOM 265  H H    . VAL A 1 24 ? 3.338   1.169   -8.928  1.00 0.00 ? 104 VAL A H    1 
ATOM 266  H HA   . VAL A 1 24 ? 2.185   3.097   -6.981  1.00 0.00 ? 104 VAL A HA   1 
ATOM 267  H HB   . VAL A 1 24 ? 1.843   3.525   -9.643  1.00 0.00 ? 104 VAL A HB   1 
ATOM 268  H HG11 . VAL A 1 24 ? 0.340   1.683   -10.120 1.00 0.00 ? 104 VAL A HG11 1 
ATOM 269  H HG12 . VAL A 1 24 ? -0.837  2.320   -8.949  1.00 0.00 ? 104 VAL A HG12 1 
ATOM 270  H HG13 . VAL A 1 24 ? -0.404  3.267   -10.396 1.00 0.00 ? 104 VAL A HG13 1 
ATOM 271  H HG21 . VAL A 1 24 ? 1.691   5.192   -7.989  1.00 0.00 ? 104 VAL A HG21 1 
ATOM 272  H HG22 . VAL A 1 24 ? 0.385   5.298   -9.167  1.00 0.00 ? 104 VAL A HG22 1 
ATOM 273  H HG23 . VAL A 1 24 ? 0.065   4.670   -7.530  1.00 0.00 ? 104 VAL A HG23 1 
ATOM 274  N N    . ILE A 1 25 ? 0.478   1.567   -6.177  1.00 0.00 ? 105 ILE A N    1 
ATOM 275  C CA   . ILE A 1 25 ? -0.378  0.675   -5.392  1.00 0.00 ? 105 ILE A CA   1 
ATOM 276  C C    . ILE A 1 25 ? -1.807  1.204   -5.476  1.00 0.00 ? 105 ILE A C    1 
ATOM 277  O O    . ILE A 1 25 ? -2.031  2.385   -5.215  1.00 0.00 ? 105 ILE A O    1 
ATOM 278  C CB   . ILE A 1 25 ? 0.001   0.604   -3.907  1.00 0.00 ? 105 ILE A CB   1 
ATOM 279  C CG1  . ILE A 1 25 ? 1.435   0.169   -3.601  1.00 0.00 ? 105 ILE A CG1  1 
ATOM 280  C CG2  . ILE A 1 25 ? -0.926  -0.320  -3.115  1.00 0.00 ? 105 ILE A CG2  1 
ATOM 281  C CD1  . ILE A 1 25 ? 1.909   0.505   -2.188  1.00 0.00 ? 105 ILE A CD1  1 
ATOM 282  H H    . ILE A 1 25 ? 0.701   2.546   -5.968  1.00 0.00 ? 105 ILE A H    1 
ATOM 283  H HA   . ILE A 1 25 ? -0.269  -0.349  -5.789  1.00 0.00 ? 105 ILE A HA   1 
ATOM 284  H HB   . ILE A 1 25 ? -0.109  1.632   -3.512  1.00 0.00 ? 105 ILE A HB   1 
ATOM 285  H HG12 . ILE A 1 25 ? 1.554   -0.914  -3.784  1.00 0.00 ? 105 ILE A HG12 1 
ATOM 286  H HG13 . ILE A 1 25 ? 2.144   0.648   -4.301  1.00 0.00 ? 105 ILE A HG13 1 
ATOM 287  H HG21 . ILE A 1 25 ? -0.953  -1.345  -3.530  1.00 0.00 ? 105 ILE A HG21 1 
ATOM 288  H HG22 . ILE A 1 25 ? -0.661  -0.411  -2.046  1.00 0.00 ? 105 ILE A HG22 1 
ATOM 289  H HG23 . ILE A 1 25 ? -1.975  0.028   -3.108  1.00 0.00 ? 105 ILE A HG23 1 
ATOM 290  H HD11 . ILE A 1 25 ? 1.690   1.556   -1.934  1.00 0.00 ? 105 ILE A HD11 1 
ATOM 291  H HD12 . ILE A 1 25 ? 1.410   -0.097  -1.407  1.00 0.00 ? 105 ILE A HD12 1 
ATOM 292  H HD13 . ILE A 1 25 ? 2.997   0.351   -2.079  1.00 0.00 ? 105 ILE A HD13 1 
ATOM 293  N N    . ASP A 1 26 ? -2.785  0.349   -5.727  1.00 0.00 ? 106 ASP A N    1 
ATOM 294  C CA   . ASP A 1 26 ? -4.211  0.677   -5.712  1.00 0.00 ? 106 ASP A CA   1 
ATOM 295  C C    . ASP A 1 26 ? -4.923  -0.081  -4.592  1.00 0.00 ? 106 ASP A C    1 
ATOM 296  O O    . ASP A 1 26 ? -4.333  -0.982  -3.996  1.00 0.00 ? 106 ASP A O    1 
ATOM 297  C CB   . ASP A 1 26 ? -4.845  0.500   -7.091  1.00 0.00 ? 106 ASP A CB   1 
ATOM 298  C CG   . ASP A 1 26 ? -5.053  -0.910  -7.622  1.00 0.00 ? 106 ASP A CG   1 
ATOM 299  O OD1  . ASP A 1 26 ? -5.961  -1.606  -7.120  1.00 0.00 ? 106 ASP A OD1  1 
ATOM 300  O OD2  . ASP A 1 26 ? -4.321  -1.322  -8.545  1.00 0.00 ? 106 ASP A OD2  1 
ATOM 301  H H    . ASP A 1 26 ? -2.486  -0.631  -5.686  1.00 0.00 ? 106 ASP A H    1 
ATOM 302  H HA   . ASP A 1 26 ? -4.309  1.754   -5.480  1.00 0.00 ? 106 ASP A HA   1 
ATOM 303  H HB2  . ASP A 1 26 ? -5.840  0.978   -7.096  1.00 0.00 ? 106 ASP A HB2  1 
ATOM 304  H HB3  . ASP A 1 26 ? -4.272  1.080   -7.837  1.00 0.00 ? 106 ASP A HB3  1 
ATOM 305  N N    . PHE A 1 27 ? -6.176  0.203   -4.272  1.00 0.00 ? 107 PHE A N    1 
ATOM 306  C CA   . PHE A 1 27 ? -6.891  -0.496  -3.199  1.00 0.00 ? 107 PHE A CA   1 
ATOM 307  C C    . PHE A 1 27 ? -7.209  -1.960  -3.486  1.00 0.00 ? 107 PHE A C    1 
ATOM 308  O O    . PHE A 1 27 ? -6.928  -2.805  -2.636  1.00 0.00 ? 107 PHE A O    1 
ATOM 309  C CB   . PHE A 1 27 ? -8.139  0.227   -2.688  1.00 0.00 ? 107 PHE A CB   1 
ATOM 310  C CG   . PHE A 1 27 ? -8.754  -0.223  -1.376  1.00 0.00 ? 107 PHE A CG   1 
ATOM 311  C CD1  . PHE A 1 27 ? -8.051  -0.783  -0.370  1.00 0.00 ? 107 PHE A CD1  1 
ATOM 312  C CD2  . PHE A 1 27 ? -10.095 -0.111  -1.242  1.00 0.00 ? 107 PHE A CD2  1 
ATOM 313  C CE1  . PHE A 1 27 ? -8.668  -1.247  0.737   1.00 0.00 ? 107 PHE A CE1  1 
ATOM 314  C CE2  . PHE A 1 27 ? -10.721 -0.559  -0.136  1.00 0.00 ? 107 PHE A CE2  1 
ATOM 315  C CZ   . PHE A 1 27 ? -10.006 -1.132  0.852   1.00 0.00 ? 107 PHE A CZ   1 
ATOM 316  H H    . PHE A 1 27 ? -6.602  0.924   -4.866  1.00 0.00 ? 107 PHE A H    1 
ATOM 317  H HA   . PHE A 1 27 ? -6.187  -0.474  -2.348  1.00 0.00 ? 107 PHE A HA   1 
ATOM 318  H HB2  . PHE A 1 27 ? -7.875  1.297   -2.611  1.00 0.00 ? 107 PHE A HB2  1 
ATOM 319  H HB3  . PHE A 1 27 ? -8.913  0.265   -3.476  1.00 0.00 ? 107 PHE A HB3  1 
ATOM 320  H HD1  . PHE A 1 27 ? -6.984  -0.949  -0.417  1.00 0.00 ? 107 PHE A HD1  1 
ATOM 321  H HD2  . PHE A 1 27 ? -10.700 0.294   -2.038  1.00 0.00 ? 107 PHE A HD2  1 
ATOM 322  H HE1  . PHE A 1 27 ? -8.094  -1.730  1.514   1.00 0.00 ? 107 PHE A HE1  1 
ATOM 323  H HE2  . PHE A 1 27 ? -11.797 -0.495  -0.058  1.00 0.00 ? 107 PHE A HE2  1 
ATOM 324  H HZ   . PHE A 1 27 ? -10.505 -1.531  1.722   1.00 0.00 ? 107 PHE A HZ   1 
ATOM 325  N N    . ASP A 1 28 ? -7.791  -2.292  -4.627  1.00 0.00 ? 108 ASP A N    1 
ATOM 326  C CA   . ASP A 1 28 ? -8.073  -3.682  -4.996  1.00 0.00 ? 108 ASP A CA   1 
ATOM 327  C C    . ASP A 1 28 ? -6.814  -4.533  -5.149  1.00 0.00 ? 108 ASP A C    1 
ATOM 328  O O    . ASP A 1 28 ? -6.824  -5.684  -4.713  1.00 0.00 ? 108 ASP A O    1 
ATOM 329  C CB   . ASP A 1 28 ? -9.046  -3.778  -6.172  1.00 0.00 ? 108 ASP A CB   1 
ATOM 330  C CG   . ASP A 1 28 ? -10.462 -3.329  -5.842  1.00 0.00 ? 108 ASP A CG   1 
ATOM 331  O OD1  . ASP A 1 28 ? -11.158 -4.051  -5.096  1.00 0.00 ? 108 ASP A OD1  1 
ATOM 332  O OD2  . ASP A 1 28 ? -10.885 -2.236  -6.280  1.00 0.00 ? 108 ASP A OD2  1 
ATOM 333  H H    . ASP A 1 28 ? -7.793  -1.508  -5.291  1.00 0.00 ? 108 ASP A H    1 
ATOM 334  H HA   . ASP A 1 28 ? -8.607  -4.130  -4.138  1.00 0.00 ? 108 ASP A HA   1 
ATOM 335  H HB2  . ASP A 1 28 ? -8.694  -3.336  -7.121  1.00 0.00 ? 108 ASP A HB2  1 
ATOM 336  H HB3  . ASP A 1 28 ? -9.138  -4.849  -6.432  1.00 0.00 ? 108 ASP A HB3  1 
ATOM 337  N N    . GLU A 1 29 ? -5.701  -4.039  -5.668  1.00 0.00 ? 109 GLU A N    1 
ATOM 338  C CA   . GLU A 1 29 ? -4.434  -4.774  -5.716  1.00 0.00 ? 109 GLU A CA   1 
ATOM 339  C C    . GLU A 1 29 ? -3.769  -4.920  -4.345  1.00 0.00 ? 109 GLU A C    1 
ATOM 340  O O    . GLU A 1 29 ? -3.002  -5.859  -4.142  1.00 0.00 ? 109 GLU A O    1 
ATOM 341  C CB   . GLU A 1 29 ? -3.667  -4.126  -6.869  1.00 0.00 ? 109 GLU A CB   1 
ATOM 342  C CG   . GLU A 1 29 ? -2.517  -4.984  -7.391  1.00 0.00 ? 109 GLU A CG   1 
ATOM 343  C CD   . GLU A 1 29 ? -2.738  -6.343  -8.037  1.00 0.00 ? 109 GLU A CD   1 
ATOM 344  O OE1  . GLU A 1 29 ? -3.884  -6.834  -8.142  1.00 0.00 ? 109 GLU A OE1  1 
ATOM 345  O OE2  . GLU A 1 29 ? -1.723  -6.943  -8.450  1.00 0.00 ? 109 GLU A OE2  1 
ATOM 346  H H    . GLU A 1 29 ? -5.716  -3.086  -6.050  1.00 0.00 ? 109 GLU A H    1 
ATOM 347  H HA   . GLU A 1 29 ? -4.674  -5.805  -6.028  1.00 0.00 ? 109 GLU A HA   1 
ATOM 348  H HB2  . GLU A 1 29 ? -4.324  -3.933  -7.736  1.00 0.00 ? 109 GLU A HB2  1 
ATOM 349  H HB3  . GLU A 1 29 ? -3.294  -3.129  -6.569  1.00 0.00 ? 109 GLU A HB3  1 
ATOM 350  H HG2  . GLU A 1 29 ? -1.914  -4.393  -8.104  1.00 0.00 ? 109 GLU A HG2  1 
ATOM 351  H HG3  . GLU A 1 29 ? -1.888  -5.151  -6.500  1.00 0.00 ? 109 GLU A HG3  1 
ATOM 352  N N    . PHE A 1 30 ? -4.044  -4.051  -3.383  1.00 0.00 ? 110 PHE A N    1 
ATOM 353  C CA   . PHE A 1 30 ? -3.680  -4.158  -1.967  1.00 0.00 ? 110 PHE A CA   1 
ATOM 354  C C    . PHE A 1 30 ? -4.457  -5.357  -1.426  1.00 0.00 ? 110 PHE A C    1 
ATOM 355  O O    . PHE A 1 30 ? -3.826  -6.217  -0.811  1.00 0.00 ? 110 PHE A O    1 
ATOM 356  C CB   . PHE A 1 30 ? -4.023  -2.835  -1.278  1.00 0.00 ? 110 PHE A CB   1 
ATOM 357  C CG   . PHE A 1 30 ? -3.386  -2.342  0.004   1.00 0.00 ? 110 PHE A CG   1 
ATOM 358  C CD1  . PHE A 1 30 ? -3.533  -3.007  1.168   1.00 0.00 ? 110 PHE A CD1  1 
ATOM 359  C CD2  . PHE A 1 30 ? -2.740  -1.156  0.008   1.00 0.00 ? 110 PHE A CD2  1 
ATOM 360  C CE1  . PHE A 1 30 ? -3.031  -2.507  2.316   1.00 0.00 ? 110 PHE A CE1  1 
ATOM 361  C CE2  . PHE A 1 30 ? -2.226  -0.651  1.148   1.00 0.00 ? 110 PHE A CE2  1 
ATOM 362  C CZ   . PHE A 1 30 ? -2.379  -1.327  2.303   1.00 0.00 ? 110 PHE A CZ   1 
ATOM 363  H H    . PHE A 1 30 ? -4.571  -3.233  -3.709  1.00 0.00 ? 110 PHE A H    1 
ATOM 364  H HA   . PHE A 1 30 ? -2.593  -4.355  -1.893  1.00 0.00 ? 110 PHE A HA   1 
ATOM 365  H HB2  . PHE A 1 30 ? -3.848  -2.035  -2.019  1.00 0.00 ? 110 PHE A HB2  1 
ATOM 366  H HB3  . PHE A 1 30 ? -5.111  -2.794  -1.091  1.00 0.00 ? 110 PHE A HB3  1 
ATOM 367  H HD1  . PHE A 1 30 ? -4.004  -3.978  1.174   1.00 0.00 ? 110 PHE A HD1  1 
ATOM 368  H HD2  . PHE A 1 30 ? -2.639  -0.573  -0.896  1.00 0.00 ? 110 PHE A HD2  1 
ATOM 369  H HE1  . PHE A 1 30 ? -3.133  -3.066  3.236   1.00 0.00 ? 110 PHE A HE1  1 
ATOM 370  H HE2  . PHE A 1 30 ? -1.713  0.300   1.138   1.00 0.00 ? 110 PHE A HE2  1 
ATOM 371  H HZ   . PHE A 1 30 ? -1.974  -0.890  3.205   1.00 0.00 ? 110 PHE A HZ   1 
ATOM 372  N N    . LYS A 1 31 ? -5.759  -5.476  -1.665  1.00 0.00 ? 111 LYS A N    1 
ATOM 373  C CA   . LYS A 1 31 ? -6.577  -6.654  -1.361  1.00 0.00 ? 111 LYS A CA   1 
ATOM 374  C C    . LYS A 1 31 ? -5.986  -7.936  -1.947  1.00 0.00 ? 111 LYS A C    1 
ATOM 375  O O    . LYS A 1 31 ? -6.040  -8.973  -1.287  1.00 0.00 ? 111 LYS A O    1 
ATOM 376  C CB   . LYS A 1 31 ? -8.035  -6.510  -1.803  1.00 0.00 ? 111 LYS A CB   1 
ATOM 377  C CG   . LYS A 1 31 ? -8.840  -5.351  -1.218  1.00 0.00 ? 111 LYS A CG   1 
ATOM 378  C CD   . LYS A 1 31 ? -10.191 -5.166  -1.908  1.00 0.00 ? 111 LYS A CD   1 
ATOM 379  C CE   . LYS A 1 31 ? -10.774 -3.767  -1.721  1.00 0.00 ? 111 LYS A CE   1 
ATOM 380  N NZ   . LYS A 1 31 ? -11.906 -3.577  -2.642  1.00 0.00 ? 111 LYS A NZ   1 
ATOM 381  H H    . LYS A 1 31 ? -6.142  -4.689  -2.202  1.00 0.00 ? 111 LYS A H    1 
ATOM 382  H HA   . LYS A 1 31 ? -6.652  -6.750  -0.262  1.00 0.00 ? 111 LYS A HA   1 
ATOM 383  H HB2  . LYS A 1 31 ? -8.080  -6.471  -2.907  1.00 0.00 ? 111 LYS A HB2  1 
ATOM 384  H HB3  . LYS A 1 31 ? -8.573  -7.444  -1.556  1.00 0.00 ? 111 LYS A HB3  1 
ATOM 385  H HG2  . LYS A 1 31 ? -8.985  -5.505  -0.133  1.00 0.00 ? 111 LYS A HG2  1 
ATOM 386  H HG3  . LYS A 1 31 ? -8.240  -4.427  -1.296  1.00 0.00 ? 111 LYS A HG3  1 
ATOM 387  H HD2  . LYS A 1 31 ? -10.083 -5.375  -2.987  1.00 0.00 ? 111 LYS A HD2  1 
ATOM 388  H HD3  . LYS A 1 31 ? -10.895 -5.940  -1.549  1.00 0.00 ? 111 LYS A HD3  1 
ATOM 389  H HE2  . LYS A 1 31 ? -11.067 -3.603  -0.667  1.00 0.00 ? 111 LYS A HE2  1 
ATOM 390  H HE3  . LYS A 1 31 ? -9.995  -3.010  -1.932  1.00 0.00 ? 111 LYS A HE3  1 
ATOM 391  H HZ1  . LYS A 1 31 ? -11.613 -3.741  -3.616  1.00 0.00 ? 111 LYS A HZ1  1 
ATOM 392  H HZ2  . LYS A 1 31 ? -12.674 -4.242  -2.502  1.00 0.00 ? 111 LYS A HZ2  1 
ATOM 393  H HZ3  . LYS A 1 31 ? -12.303 -2.632  -2.654  1.00 0.00 ? 111 LYS A HZ3  1 
ATOM 394  N N    . PHE A 1 32 ? -5.431  -7.922  -3.151  1.00 0.00 ? 112 PHE A N    1 
ATOM 395  C CA   . PHE A 1 32 ? -4.731  -9.060  -3.750  1.00 0.00 ? 112 PHE A CA   1 
ATOM 396  C C    . PHE A 1 32 ? -3.464  -9.433  -2.983  1.00 0.00 ? 112 PHE A C    1 
ATOM 397  O O    . PHE A 1 32 ? -3.303  -10.588 -2.590  1.00 0.00 ? 112 PHE A O    1 
ATOM 398  C CB   . PHE A 1 32 ? -4.472  -8.790  -5.235  1.00 0.00 ? 112 PHE A CB   1 
ATOM 399  C CG   . PHE A 1 32 ? -3.588  -9.768  -5.980  1.00 0.00 ? 112 PHE A CG   1 
ATOM 400  C CD1  . PHE A 1 32 ? -4.062  -10.982 -6.328  1.00 0.00 ? 112 PHE A CD1  1 
ATOM 401  C CD2  . PHE A 1 32 ? -2.288  -9.476  -6.202  1.00 0.00 ? 112 PHE A CD2  1 
ATOM 402  C CE1  . PHE A 1 32 ? -3.249  -11.898 -6.892  1.00 0.00 ? 112 PHE A CE1  1 
ATOM 403  C CE2  . PHE A 1 32 ? -1.473  -10.386 -6.774  1.00 0.00 ? 112 PHE A CE2  1 
ATOM 404  C CZ   . PHE A 1 32 ? -1.954  -11.598 -7.116  1.00 0.00 ? 112 PHE A CZ   1 
ATOM 405  H H    . PHE A 1 32 ? -5.620  -7.064  -3.679  1.00 0.00 ? 112 PHE A H    1 
ATOM 406  H HA   . PHE A 1 32 ? -5.418  -9.925  -3.725  1.00 0.00 ? 112 PHE A HA   1 
ATOM 407  H HB2  . PHE A 1 32 ? -5.441  -8.710  -5.762  1.00 0.00 ? 112 PHE A HB2  1 
ATOM 408  H HB3  . PHE A 1 32 ? -4.043  -7.778  -5.349  1.00 0.00 ? 112 PHE A HB3  1 
ATOM 409  H HD1  . PHE A 1 32 ? -5.088  -11.243 -6.109  1.00 0.00 ? 112 PHE A HD1  1 
ATOM 410  H HD2  . PHE A 1 32 ? -1.869  -8.533  -5.882  1.00 0.00 ? 112 PHE A HD2  1 
ATOM 411  H HE1  . PHE A 1 32 ? -3.630  -12.875 -7.148  1.00 0.00 ? 112 PHE A HE1  1 
ATOM 412  H HE2  . PHE A 1 32 ? -0.431  -10.151 -6.941  1.00 0.00 ? 112 PHE A HE2  1 
ATOM 413  H HZ   . PHE A 1 32 ? -1.297  -12.335 -7.555  1.00 0.00 ? 112 PHE A HZ   1 
ATOM 414  N N    . ILE A 1 33 ? -2.534  -8.518  -2.763  1.00 0.00 ? 113 ILE A N    1 
ATOM 415  C CA   . ILE A 1 33 ? -1.278  -8.767  -2.052  1.00 0.00 ? 113 ILE A CA   1 
ATOM 416  C C    . ILE A 1 33 ? -1.340  -8.949  -0.536  1.00 0.00 ? 113 ILE A C    1 
ATOM 417  O O    . ILE A 1 33 ? -0.343  -9.354  0.062   1.00 0.00 ? 113 ILE A O    1 
ATOM 418  C CB   . ILE A 1 33 ? -0.301  -7.678  -2.510  1.00 0.00 ? 113 ILE A CB   1 
ATOM 419  C CG1  . ILE A 1 33 ? 1.101   -8.246  -2.729  1.00 0.00 ? 113 ILE A CG1  1 
ATOM 420  C CG2  . ILE A 1 33 ? -0.263  -6.392  -1.687  1.00 0.00 ? 113 ILE A CG2  1 
ATOM 421  C CD1  . ILE A 1 33 ? 2.117   -7.375  -3.465  1.00 0.00 ? 113 ILE A CD1  1 
ATOM 422  H H    . ILE A 1 33 ? -2.791  -7.572  -3.067  1.00 0.00 ? 113 ILE A H    1 
ATOM 423  H HA   . ILE A 1 33 ? -0.904  -9.734  -2.435  1.00 0.00 ? 113 ILE A HA   1 
ATOM 424  H HB   . ILE A 1 33 ? -0.666  -7.270  -3.468  1.00 0.00 ? 113 ILE A HB   1 
ATOM 425  H HG12 . ILE A 1 33 ? 1.538   -8.557  -1.761  1.00 0.00 ? 113 ILE A HG12 1 
ATOM 426  H HG13 . ILE A 1 33 ? 1.012   -9.181  -3.313  1.00 0.00 ? 113 ILE A HG13 1 
ATOM 427  H HG21 . ILE A 1 33 ? -1.284  -6.036  -1.464  1.00 0.00 ? 113 ILE A HG21 1 
ATOM 428  H HG22 . ILE A 1 33 ? 0.259   -6.531  -0.724  1.00 0.00 ? 113 ILE A HG22 1 
ATOM 429  H HG23 . ILE A 1 33 ? 0.243   -5.575  -2.231  1.00 0.00 ? 113 ILE A HG23 1 
ATOM 430  H HD11 . ILE A 1 33 ? 1.742   -7.085  -4.463  1.00 0.00 ? 113 ILE A HD11 1 
ATOM 431  H HD12 . ILE A 1 33 ? 2.363   -6.451  -2.911  1.00 0.00 ? 113 ILE A HD12 1 
ATOM 432  H HD13 . ILE A 1 33 ? 3.070   -7.915  -3.616  1.00 0.00 ? 113 ILE A HD13 1 
ATOM 433  N N    . MET A 1 34 ? -2.476  -8.664  0.081   1.00 0.00 ? 114 MET A N    1 
ATOM 434  C CA   . MET A 1 34 ? -2.763  -8.751  1.515   1.00 0.00 ? 114 MET A CA   1 
ATOM 435  C C    . MET A 1 34 ? -2.300  -9.933  2.359   1.00 0.00 ? 114 MET A C    1 
ATOM 436  O O    . MET A 1 34 ? -2.019  -9.791  3.549   1.00 0.00 ? 114 MET A O    1 
ATOM 437  C CB   . MET A 1 34 ? -4.262  -8.500  1.675   1.00 0.00 ? 114 MET A CB   1 
ATOM 438  C CG   . MET A 1 34 ? -5.326  -9.587  1.519   1.00 0.00 ? 114 MET A CG   1 
ATOM 439  S SD   . MET A 1 34 ? -6.975  -8.865  1.457   1.00 0.00 ? 114 MET A SD   1 
ATOM 440  C CE   . MET A 1 34 ? -7.351  -8.719  3.212   1.00 0.00 ? 114 MET A CE   1 
ATOM 441  H H    . MET A 1 34 ? -3.134  -8.269  -0.601  1.00 0.00 ? 114 MET A H    1 
ATOM 442  H HA   . MET A 1 34 ? -2.227  -7.905  1.980   1.00 0.00 ? 114 MET A HA   1 
ATOM 443  H HB2  . MET A 1 34 ? -4.478  -7.996  2.634   1.00 0.00 ? 114 MET A HB2  1 
ATOM 444  H HB3  . MET A 1 34 ? -4.542  -7.713  0.957   1.00 0.00 ? 114 MET A HB3  1 
ATOM 445  H HG2  . MET A 1 34 ? -5.170  -10.312 0.699   1.00 0.00 ? 114 MET A HG2  1 
ATOM 446  H HG3  . MET A 1 34 ? -5.305  -10.193 2.441   1.00 0.00 ? 114 MET A HG3  1 
ATOM 447  H HE1  . MET A 1 34 ? -6.588  -8.114  3.734   1.00 0.00 ? 114 MET A HE1  1 
ATOM 448  H HE2  . MET A 1 34 ? -8.339  -8.251  3.371   1.00 0.00 ? 114 MET A HE2  1 
ATOM 449  H HE3  . MET A 1 34 ? -7.362  -9.712  3.697   1.00 0.00 ? 114 MET A HE3  1 
ATOM 450  N N    . GLN A 1 35 ? -2.247  -11.089 1.722   1.00 0.00 ? 115 GLN A N    1 
ATOM 451  C CA   . GLN A 1 35 ? -1.852  -12.364 2.326   1.00 0.00 ? 115 GLN A CA   1 
ATOM 452  C C    . GLN A 1 35 ? -1.217  -13.451 1.462   1.00 0.00 ? 115 GLN A C    1 
ATOM 453  O O    . GLN A 1 35 ? -0.529  -14.372 1.902   1.00 0.00 ? 115 GLN A O    1 
ATOM 454  C CB   . GLN A 1 35 ? -3.102  -13.102 2.828   1.00 0.00 ? 115 GLN A CB   1 
ATOM 455  C CG   . GLN A 1 35 ? -4.426  -12.523 3.327   1.00 0.00 ? 115 GLN A CG   1 
ATOM 456  C CD   . GLN A 1 35 ? -4.354  -11.742 4.631   1.00 0.00 ? 115 GLN A CD   1 
ATOM 457  O OE1  . GLN A 1 35 ? -3.644  -12.148 5.550   1.00 0.00 ? 115 GLN A OE1  1 
ATOM 458  N NE2  . GLN A 1 35 ? -5.046  -10.635 4.838   1.00 0.00 ? 115 GLN A NE2  1 
ATOM 459  H H    . GLN A 1 35 ? -2.377  -10.941 0.715   1.00 0.00 ? 115 GLN A H    1 
ATOM 460  H HA   . GLN A 1 35 ? -1.121  -12.151 3.125   1.00 0.00 ? 115 GLN A HA   1 
ATOM 461  H HB2  . GLN A 1 35 ? -3.518  -13.651 1.962   1.00 0.00 ? 115 GLN A HB2  1 
ATOM 462  H HB3  . GLN A 1 35 ? -2.792  -13.906 3.519   1.00 0.00 ? 115 GLN A HB3  1 
ATOM 463  H HG2  . GLN A 1 35 ? -4.971  -12.122 2.453   1.00 0.00 ? 115 GLN A HG2  1 
ATOM 464  H HG3  . GLN A 1 35 ? -5.117  -13.367 3.500   1.00 0.00 ? 115 GLN A HG3  1 
ATOM 465  H HE21 . GLN A 1 35 ? -5.609  -10.226 4.083   1.00 0.00 ? 115 GLN A HE21 1 
ATOM 466  H HE22 . GLN A 1 35 ? -4.820  -10.125 5.698   1.00 0.00 ? 115 GLN A HE22 1 
ATOM 467  N N    . LYS A 1 36 ? -1.614  -13.320 0.208   1.00 0.00 ? 116 LYS A N    1 
ATOM 468  C CA   . LYS A 1 36 ? -1.570  -14.319 -0.856  1.00 0.00 ? 116 LYS A CA   1 
ATOM 469  C C    . LYS A 1 36 ? -1.172  -13.970 -2.285  1.00 0.00 ? 116 LYS A C    1 
ATOM 470  O O    . LYS A 1 36 ? -0.909  -12.832 -2.668  1.00 0.00 ? 116 LYS A O    1 
ATOM 471  C CB   . LYS A 1 36 ? -3.071  -14.630 -0.771  1.00 0.00 ? 116 LYS A CB   1 
ATOM 472  C CG   . LYS A 1 36 ? -4.125  -13.546 -1.034  1.00 0.00 ? 116 LYS A CG   1 
ATOM 473  C CD   . LYS A 1 36 ? -4.431  -13.393 -2.521  1.00 0.00 ? 116 LYS A CD   1 
ATOM 474  C CE   . LYS A 1 36 ? -5.593  -12.476 -2.896  1.00 0.00 ? 116 LYS A CE   1 
ATOM 475  N NZ   . LYS A 1 36 ? -6.900  -13.120 -2.705  1.00 0.00 ? 116 LYS A NZ   1 
ATOM 476  H H    . LYS A 1 36 ? -1.845  -12.330 0.075   1.00 0.00 ? 116 LYS A H    1 
ATOM 477  H HA   . LYS A 1 36 ? -0.965  -15.182 -0.522  1.00 0.00 ? 116 LYS A HA   1 
ATOM 478  H HB2  . LYS A 1 36 ? -3.300  -15.508 -1.403  1.00 0.00 ? 116 LYS A HB2  1 
ATOM 479  H HB3  . LYS A 1 36 ? -3.303  -15.075 0.214   1.00 0.00 ? 116 LYS A HB3  1 
ATOM 480  H HG2  . LYS A 1 36 ? -5.049  -13.736 -0.460  1.00 0.00 ? 116 LYS A HG2  1 
ATOM 481  H HG3  . LYS A 1 36 ? -3.853  -12.552 -0.629  1.00 0.00 ? 116 LYS A HG3  1 
ATOM 482  H HD2  . LYS A 1 36 ? -3.508  -12.977 -2.966  1.00 0.00 ? 116 LYS A HD2  1 
ATOM 483  H HD3  . LYS A 1 36 ? -4.542  -14.401 -2.962  1.00 0.00 ? 116 LYS A HD3  1 
ATOM 484  H HE2  . LYS A 1 36 ? -5.559  -11.555 -2.286  1.00 0.00 ? 116 LYS A HE2  1 
ATOM 485  H HE3  . LYS A 1 36 ? -5.479  -12.145 -3.945  1.00 0.00 ? 116 LYS A HE3  1 
ATOM 486  H HZ1  . LYS A 1 36 ? -6.796  -14.073 -2.339  1.00 0.00 ? 116 LYS A HZ1  1 
ATOM 487  H HZ2  . LYS A 1 36 ? -7.442  -12.621 -1.987  1.00 0.00 ? 116 LYS A HZ2  1 
ATOM 488  H HZ3  . LYS A 1 36 ? -7.509  -13.156 -3.530  1.00 0.00 ? 116 LYS A HZ3  1 
ATOM 489  N N    . VAL A 1 37 ? -1.231  -15.038 -3.063  1.00 0.00 ? 117 VAL A N    1 
ATOM 490  C CA   . VAL A 1 37 ? -1.056  -15.068 -4.516  1.00 0.00 ? 117 VAL A CA   1 
ATOM 491  C C    . VAL A 1 37 ? -2.014  -16.180 -4.938  1.00 0.00 ? 117 VAL A C    1 
ATOM 492  O O    . VAL A 1 37 ? -1.593  -17.329 -5.072  1.00 0.00 ? 117 VAL A O    1 
ATOM 493  C CB   . VAL A 1 37 ? 0.411   -15.167 -4.945  1.00 0.00 ? 117 VAL A CB   1 
ATOM 494  C CG1  . VAL A 1 37 ? 1.234   -16.349 -4.432  1.00 0.00 ? 117 VAL A CG1  1 
ATOM 495  C CG2  . VAL A 1 37 ? 0.576   -15.045 -6.459  1.00 0.00 ? 117 VAL A CG2  1 
ATOM 496  H H    . VAL A 1 37 ? -1.287  -15.913 -2.531  1.00 0.00 ? 117 VAL A H    1 
ATOM 497  H HA   . VAL A 1 37 ? -1.441  -14.111 -4.909  1.00 0.00 ? 117 VAL A HA   1 
ATOM 498  H HB   . VAL A 1 37 ? 0.906   -14.269 -4.531  1.00 0.00 ? 117 VAL A HB   1 
ATOM 499  H HG11 . VAL A 1 37 ? 1.163   -16.458 -3.335  1.00 0.00 ? 117 VAL A HG11 1 
ATOM 500  H HG12 . VAL A 1 37 ? 0.924   -17.312 -4.879  1.00 0.00 ? 117 VAL A HG12 1 
ATOM 501  H HG13 . VAL A 1 37 ? 2.307   -16.224 -4.666  1.00 0.00 ? 117 VAL A HG13 1 
ATOM 502  H HG21 . VAL A 1 37 ? 0.069   -14.149 -6.857  1.00 0.00 ? 117 VAL A HG21 1 
ATOM 503  H HG22 . VAL A 1 37 ? 1.639   -14.959 -6.752  1.00 0.00 ? 117 VAL A HG22 1 
ATOM 504  H HG23 . VAL A 1 37 ? 0.159   -15.916 -6.996  1.00 0.00 ? 117 VAL A HG23 1 
ATOM 505  N N    . GLY A 1 38 ? -3.293  -15.886 -5.118  1.00 0.00 ? 118 GLY A N    1 
ATOM 506  C CA   . GLY A 1 38 ? -4.312  -16.869 -5.483  1.00 0.00 ? 118 GLY A CA   1 
ATOM 507  C C    . GLY A 1 38 ? -5.656  -16.658 -4.799  1.00 0.00 ? 118 GLY A C    1 
ATOM 508  O O    . GLY A 1 38 ? -6.397  -15.752 -5.180  1.00 0.00 ? 118 GLY A O    1 
ATOM 509  H H    . GLY A 1 38 ? -3.527  -14.890 -5.179  1.00 0.00 ? 118 GLY A H    1 
ATOM 510  H HA2  . GLY A 1 38 ? -4.458  -16.832 -6.578  1.00 0.00 ? 118 GLY A HA2  1 
ATOM 511  H HA3  . GLY A 1 38 ? -3.939  -17.890 -5.289  1.00 0.00 ? 118 GLY A HA3  1 
ATOM 512  N N    . GLU A 1 39 ? -5.971  -17.481 -3.813  1.00 0.00 ? 119 GLU A N    1 
ATOM 513  C CA   . GLU A 1 39 ? -7.228  -17.455 -3.063  1.00 0.00 ? 119 GLU A CA   1 
ATOM 514  C C    . GLU A 1 39 ? -7.378  -16.346 -2.026  1.00 0.00 ? 119 GLU A C    1 
ATOM 515  O O    . GLU A 1 39 ? -6.400  -15.716 -1.627  1.00 0.00 ? 119 GLU A O    1 
ATOM 516  C CB   . GLU A 1 39 ? -7.458  -18.845 -2.464  1.00 0.00 ? 119 GLU A CB   1 
ATOM 517  C CG   . GLU A 1 39 ? -7.907  -19.931 -3.444  1.00 0.00 ? 119 GLU A CG   1 
ATOM 518  C CD   . GLU A 1 39 ? -8.502  -21.164 -2.784  1.00 0.00 ? 119 GLU A CD   1 
ATOM 519  O OE1  . GLU A 1 39 ? -9.724  -21.169 -2.520  1.00 0.00 ? 119 GLU A OE1  1 
ATOM 520  O OE2  . GLU A 1 39 ? -7.759  -22.143 -2.550  1.00 0.00 ? 119 GLU A OE2  1 
ATOM 521  H H    . GLU A 1 39 ? -5.251  -18.178 -3.591  1.00 0.00 ? 119 GLU A H    1 
ATOM 522  H HA   . GLU A 1 39 ? -8.038  -17.291 -3.795  1.00 0.00 ? 119 GLU A HA   1 
ATOM 523  H HB2  . GLU A 1 39 ? -6.569  -19.187 -1.901  1.00 0.00 ? 119 GLU A HB2  1 
ATOM 524  H HB3  . GLU A 1 39 ? -8.241  -18.781 -1.687  1.00 0.00 ? 119 GLU A HB3  1 
ATOM 525  H HG2  . GLU A 1 39 ? -8.674  -19.542 -4.137  1.00 0.00 ? 119 GLU A HG2  1 
ATOM 526  H HG3  . GLU A 1 39 ? -7.084  -20.287 -4.089  1.00 0.00 ? 119 GLU A HG3  1 
ATOM 527  N N    . GLU A 1 40 ? -8.590  -16.039 -1.589  1.00 0.00 ? 120 GLU A N    1 
ATOM 528  C CA   . GLU A 1 40 ? -8.872  -14.974 -0.625  1.00 0.00 ? 120 GLU A CA   1 
ATOM 529  C C    . GLU A 1 40 ? -8.932  -15.433 0.831   1.00 0.00 ? 120 GLU A C    1 
ATOM 530  O O    . GLU A 1 40 ? -9.755  -16.305 1.108   1.00 0.00 ? 120 GLU A O    1 
ATOM 531  C CB   . GLU A 1 40 ? -10.133 -14.225 -1.052  1.00 0.00 ? 120 GLU A CB   1 
ATOM 532  C CG   . GLU A 1 40 ? -10.321 -12.792 -0.555  1.00 0.00 ? 120 GLU A CG   1 
ATOM 533  C CD   . GLU A 1 40 ? -9.361  -11.759 -1.124  1.00 0.00 ? 120 GLU A CD   1 
ATOM 534  O OE1  . GLU A 1 40 ? -8.163  -11.790 -0.772  1.00 0.00 ? 120 GLU A OE1  1 
ATOM 535  O OE2  . GLU A 1 40 ? -9.774  -10.961 -1.992  1.00 0.00 ? 120 GLU A OE2  1 
ATOM 536  H H    . GLU A 1 40 ? -9.342  -16.659 -1.905  1.00 0.00 ? 120 GLU A H    1 
ATOM 537  H HA   . GLU A 1 40 ? -8.061  -14.235 -0.750  1.00 0.00 ? 120 GLU A HA   1 
ATOM 538  H HB2  . GLU A 1 40 ? -10.149 -14.163 -2.154  1.00 0.00 ? 120 GLU A HB2  1 
ATOM 539  H HB3  . GLU A 1 40 ? -11.006 -14.824 -0.736  1.00 0.00 ? 120 GLU A HB3  1 
ATOM 540  H HG2  . GLU A 1 40 ? -11.341 -12.455 -0.813  1.00 0.00 ? 120 GLU A HG2  1 
ATOM 541  H HG3  . GLU A 1 40 ? -10.264 -12.756 0.548   1.00 0.00 ? 120 GLU A HG3  1 
ATOM 542  N N    . PRO A 1 41 ? -8.189  -14.887 1.786   1.00 0.00 ? 121 PRO A N    1 
ATOM 543  C CA   . PRO A 1 41 ? -8.163  -15.366 3.172   1.00 0.00 ? 121 PRO A CA   1 
ATOM 544  C C    . PRO A 1 41 ? -8.243  -14.181 4.128   1.00 0.00 ? 121 PRO A C    1 
ATOM 545  O O    . PRO A 1 41 ? -7.302  -13.876 4.861   1.00 0.00 ? 121 PRO A O    1 
ATOM 546  C CB   . PRO A 1 41 ? -6.775  -15.994 3.036   1.00 0.00 ? 121 PRO A CB   1 
ATOM 547  C CG   . PRO A 1 41 ? -6.044  -15.229 1.932   1.00 0.00 ? 121 PRO A CG   1 
ATOM 548  C CD   . PRO A 1 41 ? -6.984  -14.091 1.546   1.00 0.00 ? 121 PRO A CD   1 
ATOM 549  H HA   . PRO A 1 41 ? -8.982  -16.068 3.413   1.00 0.00 ? 121 PRO A HA   1 
ATOM 550  H HB2  . PRO A 1 41 ? -6.208  -15.991 3.985   1.00 0.00 ? 121 PRO A HB2  1 
ATOM 551  H HB3  . PRO A 1 41 ? -6.864  -17.059 2.753   1.00 0.00 ? 121 PRO A HB3  1 
ATOM 552  H HG2  . PRO A 1 41 ? -5.036  -14.894 2.231   1.00 0.00 ? 121 PRO A HG2  1 
ATOM 553  H HG3  . PRO A 1 41 ? -5.857  -15.835 1.028   1.00 0.00 ? 121 PRO A HG3  1 
ATOM 554  H HD2  . PRO A 1 41 ? -6.948  -13.207 2.210   1.00 0.00 ? 121 PRO A HD2  1 
ATOM 555  H HD3  . PRO A 1 41 ? -6.834  -13.571 0.583   1.00 0.00 ? 121 PRO A HD3  1 
ATOM 556  N N    . LEU A 1 42 ? -9.401  -13.543 4.100   1.00 0.00 ? 122 LEU A N    1 
ATOM 557  C CA   . LEU A 1 42 ? -9.511  -12.180 4.620   1.00 0.00 ? 122 LEU A CA   1 
ATOM 558  C C    . LEU A 1 42 ? -10.408 -11.678 5.743   1.00 0.00 ? 122 LEU A C    1 
ATOM 559  O O    . LEU A 1 42 ? -11.407 -12.267 6.153   1.00 0.00 ? 122 LEU A O    1 
ATOM 560  C CB   . LEU A 1 42 ? -9.856  -11.485 3.299   1.00 0.00 ? 122 LEU A CB   1 
ATOM 561  C CG   . LEU A 1 42 ? -11.260 -11.193 2.762   1.00 0.00 ? 122 LEU A CG   1 
ATOM 562  C CD1  . LEU A 1 42 ? -12.237 -12.366 2.717   1.00 0.00 ? 122 LEU A CD1  1 
ATOM 563  C CD2  . LEU A 1 42 ? -11.941 -9.958  3.351   1.00 0.00 ? 122 LEU A CD2  1 
ATOM 564  H H    . LEU A 1 42 ? -10.078 -13.951 3.449   1.00 0.00 ? 122 LEU A H    1 
ATOM 565  H HA   . LEU A 1 42 ? -8.490  -11.849 4.892   1.00 0.00 ? 122 LEU A HA   1 
ATOM 566  H HB2  . LEU A 1 42 ? -9.335  -10.514 3.377   1.00 0.00 ? 122 LEU A HB2  1 
ATOM 567  H HB3  . LEU A 1 42 ? -9.286  -11.918 2.455   1.00 0.00 ? 122 LEU A HB3  1 
ATOM 568  H HG   . LEU A 1 42 ? -11.096 -10.916 1.705   1.00 0.00 ? 122 LEU A HG   1 
ATOM 569  H HD11 . LEU A 1 42 ? -11.803 -13.250 2.217   1.00 0.00 ? 122 LEU A HD11 1 
ATOM 570  H HD12 . LEU A 1 42 ? -12.574 -12.682 3.721   1.00 0.00 ? 122 LEU A HD12 1 
ATOM 571  H HD13 . LEU A 1 42 ? -13.148 -12.108 2.146   1.00 0.00 ? 122 LEU A HD13 1 
ATOM 572  H HD21 . LEU A 1 42 ? -11.255 -9.092  3.397   1.00 0.00 ? 122 LEU A HD21 1 
ATOM 573  H HD22 . LEU A 1 42 ? -12.801 -9.638  2.734   1.00 0.00 ? 122 LEU A HD22 1 
ATOM 574  H HD23 . LEU A 1 42 ? -12.327 -10.124 4.373   1.00 0.00 ? 122 LEU A HD23 1 
ATOM 575  N N    . THR A 1 43 ? -9.990  -10.487 6.139   1.00 0.00 ? 123 THR A N    1 
ATOM 576  C CA   . THR A 1 43 ? -10.650 -9.589  7.081   1.00 0.00 ? 123 THR A CA   1 
ATOM 577  C C    . THR A 1 43 ? -10.436 -8.252  6.383   1.00 0.00 ? 123 THR A C    1 
ATOM 578  O O    . THR A 1 43 ? -9.326  -7.789  6.120   1.00 0.00 ? 123 THR A O    1 
ATOM 579  C CB   . THR A 1 43 ? -10.098 -9.491  8.502   1.00 0.00 ? 123 THR A CB   1 
ATOM 580  O OG1  . THR A 1 43 ? -8.679  -9.434  8.525   1.00 0.00 ? 123 THR A OG1  1 
ATOM 581  C CG2  . THR A 1 43 ? -10.409 -10.724 9.343   1.00 0.00 ? 123 THR A CG2  1 
ATOM 582  H H    . THR A 1 43 ? -9.007  -10.262 5.948   1.00 0.00 ? 123 THR A H    1 
ATOM 583  H HA   . THR A 1 43 ? -11.726 -9.834  7.152   1.00 0.00 ? 123 THR A HA   1 
ATOM 584  H HB   . THR A 1 43 ? -10.550 -8.568  8.912   1.00 0.00 ? 123 THR A HB   1 
ATOM 585  H HG1  . THR A 1 43 ? -8.431  -9.343  9.447   1.00 0.00 ? 123 THR A HG1  1 
ATOM 586  H HG21 . THR A 1 43 ? -9.889  -11.598 8.912   1.00 0.00 ? 123 THR A HG21 1 
ATOM 587  H HG22 . THR A 1 43 ? -10.031 -10.565 10.367  1.00 0.00 ? 123 THR A HG22 1 
ATOM 588  H HG23 . THR A 1 43 ? -11.496 -10.925 9.358   1.00 0.00 ? 123 THR A HG23 1 
ATOM 589  N N    . ASP A 1 44 ? -11.560 -7.622  6.084   1.00 0.00 ? 124 ASP A N    1 
ATOM 590  C CA   . ASP A 1 44 ? -11.603 -6.313  5.433   1.00 0.00 ? 124 ASP A CA   1 
ATOM 591  C C    . ASP A 1 44 ? -11.061 -5.133  6.230   1.00 0.00 ? 124 ASP A C    1 
ATOM 592  O O    . ASP A 1 44 ? -10.406 -4.269  5.650   1.00 0.00 ? 124 ASP A O    1 
ATOM 593  C CB   . ASP A 1 44 ? -13.032 -6.089  4.939   1.00 0.00 ? 124 ASP A CB   1 
ATOM 594  C CG   . ASP A 1 44 ? -14.182 -5.973  5.928   1.00 0.00 ? 124 ASP A CG   1 
ATOM 595  O OD1  . ASP A 1 44 ? -14.575 -7.010  6.506   1.00 0.00 ? 124 ASP A OD1  1 
ATOM 596  O OD2  . ASP A 1 44 ? -14.691 -4.852  6.141   1.00 0.00 ? 124 ASP A OD2  1 
ATOM 597  H H    . ASP A 1 44 ? -12.380 -8.036  6.542   1.00 0.00 ? 124 ASP A H    1 
ATOM 598  H HA   . ASP A 1 44 ? -10.925 -6.382  4.563   1.00 0.00 ? 124 ASP A HA   1 
ATOM 599  H HB2  . ASP A 1 44 ? -13.043 -5.187  4.302   1.00 0.00 ? 124 ASP A HB2  1 
ATOM 600  H HB3  . ASP A 1 44 ? -13.283 -6.945  4.289   1.00 0.00 ? 124 ASP A HB3  1 
ATOM 601  N N    . ALA A 1 45 ? -11.298 -5.132  7.532   1.00 0.00 ? 125 ALA A N    1 
ATOM 602  C CA   . ALA A 1 45 ? -10.816 -4.101  8.452   1.00 0.00 ? 125 ALA A CA   1 
ATOM 603  C C    . ALA A 1 45 ? -9.316  -3.841  8.401   1.00 0.00 ? 125 ALA A C    1 
ATOM 604  O O    . ALA A 1 45 ? -8.944  -2.669  8.342   1.00 0.00 ? 125 ALA A O    1 
ATOM 605  C CB   . ALA A 1 45 ? -11.307 -4.416  9.863   1.00 0.00 ? 125 ALA A CB   1 
ATOM 606  H H    . ALA A 1 45 ? -11.807 -5.982  7.796   1.00 0.00 ? 125 ALA A H    1 
ATOM 607  H HA   . ALA A 1 45 ? -11.305 -3.163  8.129   1.00 0.00 ? 125 ALA A HA   1 
ATOM 608  H HB1  . ALA A 1 45 ? -12.408 -4.518  9.903   1.00 0.00 ? 125 ALA A HB1  1 
ATOM 609  H HB2  . ALA A 1 45 ? -10.878 -5.357  10.253  1.00 0.00 ? 125 ALA A HB2  1 
ATOM 610  H HB3  . ALA A 1 45 ? -11.042 -3.612  10.572  1.00 0.00 ? 125 ALA A HB3  1 
ATOM 611  N N    . GLU A 1 46 ? -8.462  -4.853  8.367   1.00 0.00 ? 126 GLU A N    1 
ATOM 612  C CA   . GLU A 1 46 ? -7.016  -4.661  8.238   1.00 0.00 ? 126 GLU A CA   1 
ATOM 613  C C    . GLU A 1 46 ? -6.583  -3.963  6.951   1.00 0.00 ? 126 GLU A C    1 
ATOM 614  O O    . GLU A 1 46 ? -5.876  -2.956  7.000   1.00 0.00 ? 126 GLU A O    1 
ATOM 615  C CB   . GLU A 1 46 ? -6.265  -5.973  8.472   1.00 0.00 ? 126 GLU A CB   1 
ATOM 616  C CG   . GLU A 1 46 ? -6.613  -7.233  7.683   1.00 0.00 ? 126 GLU A CG   1 
ATOM 617  C CD   . GLU A 1 46 ? -5.585  -8.349  7.789   1.00 0.00 ? 126 GLU A CD   1 
ATOM 618  O OE1  . GLU A 1 46 ? -4.577  -8.294  7.052   1.00 0.00 ? 126 GLU A OE1  1 
ATOM 619  O OE2  . GLU A 1 46 ? -5.782  -9.287  8.591   1.00 0.00 ? 126 GLU A OE2  1 
ATOM 620  H H    . GLU A 1 46 ? -8.892  -5.776  8.227   1.00 0.00 ? 126 GLU A H    1 
ATOM 621  H HA   . GLU A 1 46 ? -6.709  -3.992  9.064   1.00 0.00 ? 126 GLU A HA   1 
ATOM 622  H HB2  . GLU A 1 46 ? -5.183  -5.802  8.331   1.00 0.00 ? 126 GLU A HB2  1 
ATOM 623  H HB3  . GLU A 1 46 ? -6.373  -6.259  9.535   1.00 0.00 ? 126 GLU A HB3  1 
ATOM 624  H HG2  . GLU A 1 46 ? -7.578  -7.584  8.087   1.00 0.00 ? 126 GLU A HG2  1 
ATOM 625  H HG3  . GLU A 1 46 ? -6.833  -7.075  6.613   1.00 0.00 ? 126 GLU A HG3  1 
ATOM 626  N N    . VAL A 1 47 ? -7.077  -4.444  5.820   1.00 0.00 ? 127 VAL A N    1 
ATOM 627  C CA   . VAL A 1 47 ? -6.793  -3.917  4.484   1.00 0.00 ? 127 VAL A CA   1 
ATOM 628  C C    . VAL A 1 47 ? -7.372  -2.523  4.248   1.00 0.00 ? 127 VAL A C    1 
ATOM 629  O O    . VAL A 1 47 ? -6.658  -1.651  3.752   1.00 0.00 ? 127 VAL A O    1 
ATOM 630  C CB   . VAL A 1 47 ? -7.121  -5.051  3.504   1.00 0.00 ? 127 VAL A CB   1 
ATOM 631  C CG1  . VAL A 1 47 ? -8.444  -5.191  2.753   1.00 0.00 ? 127 VAL A CG1  1 
ATOM 632  C CG2  . VAL A 1 47 ? -6.023  -5.220  2.456   1.00 0.00 ? 127 VAL A CG2  1 
ATOM 633  H H    . VAL A 1 47 ? -7.773  -5.188  5.950   1.00 0.00 ? 127 VAL A H    1 
ATOM 634  H HA   . VAL A 1 47 ? -5.699  -3.756  4.472   1.00 0.00 ? 127 VAL A HA   1 
ATOM 635  H HB   . VAL A 1 47 ? -7.133  -6.013  4.047   1.00 0.00 ? 127 VAL A HB   1 
ATOM 636  H HG11 . VAL A 1 47 ? -9.310  -5.244  3.435   1.00 0.00 ? 127 VAL A HG11 1 
ATOM 637  H HG12 . VAL A 1 47 ? -8.603  -4.402  1.995   1.00 0.00 ? 127 VAL A HG12 1 
ATOM 638  H HG13 . VAL A 1 47 ? -8.474  -6.145  2.194   1.00 0.00 ? 127 VAL A HG13 1 
ATOM 639  H HG21 . VAL A 1 47 ? -5.016  -5.244  2.910   1.00 0.00 ? 127 VAL A HG21 1 
ATOM 640  H HG22 . VAL A 1 47 ? -6.127  -6.169  1.899   1.00 0.00 ? 127 VAL A HG22 1 
ATOM 641  H HG23 . VAL A 1 47 ? -6.056  -4.403  1.711   1.00 0.00 ? 127 VAL A HG23 1 
ATOM 642  N N    . GLU A 1 48 ? -8.595  -2.260  4.682   1.00 0.00 ? 128 GLU A N    1 
ATOM 643  C CA   . GLU A 1 48 ? -9.256  -0.957  4.600   1.00 0.00 ? 128 GLU A CA   1 
ATOM 644  C C    . GLU A 1 48 ? -8.558  0.085   5.468   1.00 0.00 ? 128 GLU A C    1 
ATOM 645  O O    . GLU A 1 48 ? -8.234  1.155   4.953   1.00 0.00 ? 128 GLU A O    1 
ATOM 646  C CB   . GLU A 1 48 ? -10.740 -1.208  4.882   1.00 0.00 ? 128 GLU A CB   1 
ATOM 647  C CG   . GLU A 1 48 ? -11.775 -0.283  4.244   1.00 0.00 ? 128 GLU A CG   1 
ATOM 648  C CD   . GLU A 1 48 ? -12.018 1.070   4.890   1.00 0.00 ? 128 GLU A CD   1 
ATOM 649  O OE1  . GLU A 1 48 ? -12.445 1.124   6.064   1.00 0.00 ? 128 GLU A OE1  1 
ATOM 650  O OE2  . GLU A 1 48 ? -11.823 2.093   4.200   1.00 0.00 ? 128 GLU A OE2  1 
ATOM 651  H H    . GLU A 1 48 ? -9.035  -2.972  5.279   1.00 0.00 ? 128 GLU A H    1 
ATOM 652  H HA   . GLU A 1 48 ? -9.147  -0.602  3.560   1.00 0.00 ? 128 GLU A HA   1 
ATOM 653  H HB2  . GLU A 1 48 ? -11.031 -2.202  4.497   1.00 0.00 ? 128 GLU A HB2  1 
ATOM 654  H HB3  . GLU A 1 48 ? -10.922 -1.292  5.968   1.00 0.00 ? 128 GLU A HB3  1 
ATOM 655  H HG2  . GLU A 1 48 ? -11.558 -0.117  3.173   1.00 0.00 ? 128 GLU A HG2  1 
ATOM 656  H HG3  . GLU A 1 48 ? -12.761 -0.782  4.262   1.00 0.00 ? 128 GLU A HG3  1 
ATOM 657  N N    . GLU A 1 49 ? -8.252  -0.193  6.726   1.00 0.00 ? 129 GLU A N    1 
ATOM 658  C CA   . GLU A 1 49 ? -7.490  0.705   7.598   1.00 0.00 ? 129 GLU A CA   1 
ATOM 659  C C    . GLU A 1 49 ? -6.111  1.050   7.043   1.00 0.00 ? 129 GLU A C    1 
ATOM 660  O O    . GLU A 1 49 ? -5.808  2.238   6.933   1.00 0.00 ? 129 GLU A O    1 
ATOM 661  C CB   . GLU A 1 49 ? -7.428  0.176   9.031   1.00 0.00 ? 129 GLU A CB   1 
ATOM 662  C CG   . GLU A 1 49 ? -8.723  0.168   9.842   1.00 0.00 ? 129 GLU A CG   1 
ATOM 663  C CD   . GLU A 1 49 ? -9.484  1.475   10.002  1.00 0.00 ? 129 GLU A CD   1 
ATOM 664  O OE1  . GLU A 1 49 ? -8.872  2.550   10.177  1.00 0.00 ? 129 GLU A OE1  1 
ATOM 665  O OE2  . GLU A 1 49 ? -10.729 1.443   9.890   1.00 0.00 ? 129 GLU A OE2  1 
ATOM 666  H H    . GLU A 1 49 ? -8.511  -1.138  7.031   1.00 0.00 ? 129 GLU A H    1 
ATOM 667  H HA   . GLU A 1 49 ? -8.036  1.664   7.647   1.00 0.00 ? 129 GLU A HA   1 
ATOM 668  H HB2  . GLU A 1 49 ? -6.988  -0.838  9.035   1.00 0.00 ? 129 GLU A HB2  1 
ATOM 669  H HB3  . GLU A 1 49 ? -6.702  0.785   9.601   1.00 0.00 ? 129 GLU A HB3  1 
ATOM 670  H HG2  . GLU A 1 49 ? -9.443  -0.551  9.409   1.00 0.00 ? 129 GLU A HG2  1 
ATOM 671  H HG3  . GLU A 1 49 ? -8.512  -0.218  10.855  1.00 0.00 ? 129 GLU A HG3  1 
ATOM 672  N N    . ALA A 1 50 ? -5.324  0.069   6.625   1.00 0.00 ? 130 ALA A N    1 
ATOM 673  C CA   . ALA A 1 50 ? -4.014  0.306   6.021   1.00 0.00 ? 130 ALA A CA   1 
ATOM 674  C C    . ALA A 1 50 ? -4.039  1.175   4.766   1.00 0.00 ? 130 ALA A C    1 
ATOM 675  O O    . ALA A 1 50 ? -3.273  2.138   4.737   1.00 0.00 ? 130 ALA A O    1 
ATOM 676  C CB   . ALA A 1 50 ? -3.339  -1.049  5.824   1.00 0.00 ? 130 ALA A CB   1 
ATOM 677  H H    . ALA A 1 50 ? -5.695  -0.882  6.741   1.00 0.00 ? 130 ALA A H    1 
ATOM 678  H HA   . ALA A 1 50 ? -3.416  0.858   6.766   1.00 0.00 ? 130 ALA A HA   1 
ATOM 679  H HB1  . ALA A 1 50 ? -3.289  -1.624  6.766   1.00 0.00 ? 130 ALA A HB1  1 
ATOM 680  H HB2  . ALA A 1 50 ? -3.875  -1.679  5.090   1.00 0.00 ? 130 ALA A HB2  1 
ATOM 681  H HB3  . ALA A 1 50 ? -2.297  -0.939  5.474   1.00 0.00 ? 130 ALA A HB3  1 
ATOM 682  N N    . MET A 1 51 ? -4.896  0.934   3.782   1.00 0.00 ? 131 MET A N    1 
ATOM 683  C CA   . MET A 1 51 ? -4.958  1.815   2.613   1.00 0.00 ? 131 MET A CA   1 
ATOM 684  C C    . MET A 1 51 ? -5.555  3.184   2.923   1.00 0.00 ? 131 MET A C    1 
ATOM 685  O O    . MET A 1 51 ? -5.113  4.127   2.268   1.00 0.00 ? 131 MET A O    1 
ATOM 686  C CB   . MET A 1 51 ? -5.610  1.143   1.405   1.00 0.00 ? 131 MET A CB   1 
ATOM 687  C CG   . MET A 1 51 ? -4.970  1.466   0.056   1.00 0.00 ? 131 MET A CG   1 
ATOM 688  S SD   . MET A 1 51 ? -5.389  3.122   -0.507  1.00 0.00 ? 131 MET A SD   1 
ATOM 689  C CE   . MET A 1 51 ? -4.739  3.021   -2.183  1.00 0.00 ? 131 MET A CE   1 
ATOM 690  H H    . MET A 1 51 ? -5.594  0.201   3.957   1.00 0.00 ? 131 MET A H    1 
ATOM 691  H HA   . MET A 1 51 ? -3.911  2.036   2.333   1.00 0.00 ? 131 MET A HA   1 
ATOM 692  H HB2  . MET A 1 51 ? -5.614  0.043   1.511   1.00 0.00 ? 131 MET A HB2  1 
ATOM 693  H HB3  . MET A 1 51 ? -6.668  1.447   1.315   1.00 0.00 ? 131 MET A HB3  1 
ATOM 694  H HG2  . MET A 1 51 ? -3.870  1.375   0.102   1.00 0.00 ? 131 MET A HG2  1 
ATOM 695  H HG3  . MET A 1 51 ? -5.312  0.739   -0.702  1.00 0.00 ? 131 MET A HG3  1 
ATOM 696  H HE1  . MET A 1 51 ? -3.832  2.392   -2.241  1.00 0.00 ? 131 MET A HE1  1 
ATOM 697  H HE2  . MET A 1 51 ? -5.492  2.583   -2.863  1.00 0.00 ? 131 MET A HE2  1 
ATOM 698  H HE3  . MET A 1 51 ? -4.476  4.028   -2.555  1.00 0.00 ? 131 MET A HE3  1 
ATOM 699  N N    . LYS A 1 52 ? -6.494  3.366   3.839   1.00 0.00 ? 132 LYS A N    1 
ATOM 700  C CA   . LYS A 1 52 ? -6.936  4.699   4.256   1.00 0.00 ? 132 LYS A CA   1 
ATOM 701  C C    . LYS A 1 52 ? -5.775  5.488   4.856   1.00 0.00 ? 132 LYS A C    1 
ATOM 702  O O    . LYS A 1 52 ? -5.614  6.650   4.484   1.00 0.00 ? 132 LYS A O    1 
ATOM 703  C CB   . LYS A 1 52 ? -8.062  4.683   5.289   1.00 0.00 ? 132 LYS A CB   1 
ATOM 704  C CG   . LYS A 1 52 ? -9.471  4.302   4.838   1.00 0.00 ? 132 LYS A CG   1 
ATOM 705  C CD   . LYS A 1 52 ? -10.501 4.318   5.968   1.00 0.00 ? 132 LYS A CD   1 
ATOM 706  C CE   . LYS A 1 52 ? -10.230 3.276   7.053   1.00 0.00 ? 132 LYS A CE   1 
ATOM 707  N NZ   . LYS A 1 52 ? -11.446 2.860   7.771   1.00 0.00 ? 132 LYS A NZ   1 
ATOM 708  H H    . LYS A 1 52 ? -6.891  2.514   4.256   1.00 0.00 ? 132 LYS A H    1 
ATOM 709  H HA   . LYS A 1 52 ? -7.285  5.254   3.366   1.00 0.00 ? 132 LYS A HA   1 
ATOM 710  H HB2  . LYS A 1 52 ? -7.727  4.026   6.112   1.00 0.00 ? 132 LYS A HB2  1 
ATOM 711  H HB3  . LYS A 1 52 ? -8.137  5.699   5.721   1.00 0.00 ? 132 LYS A HB3  1 
ATOM 712  H HG2  . LYS A 1 52 ? -9.802  4.993   4.042   1.00 0.00 ? 132 LYS A HG2  1 
ATOM 713  H HG3  . LYS A 1 52 ? -9.469  3.307   4.356   1.00 0.00 ? 132 LYS A HG3  1 
ATOM 714  H HD2  . LYS A 1 52 ? -10.571 5.327   6.416   1.00 0.00 ? 132 LYS A HD2  1 
ATOM 715  H HD3  . LYS A 1 52 ? -11.490 4.142   5.507   1.00 0.00 ? 132 LYS A HD3  1 
ATOM 716  H HE2  . LYS A 1 52 ? -9.807  2.375   6.576   1.00 0.00 ? 132 LYS A HE2  1 
ATOM 717  H HE3  . LYS A 1 52 ? -9.454  3.622   7.761   1.00 0.00 ? 132 LYS A HE3  1 
ATOM 718  H HZ1  . LYS A 1 52 ? -12.080 3.616   8.052   1.00 0.00 ? 132 LYS A HZ1  1 
ATOM 719  H HZ2  . LYS A 1 52 ? -11.971 2.204   7.176   1.00 0.00 ? 132 LYS A HZ2  1 
ATOM 720  H HZ3  . LYS A 1 52 ? -11.219 2.317   8.615   1.00 0.00 ? 132 LYS A HZ3  1 
ATOM 721  N N    . GLU A 1 53 ? -4.977  4.927   5.753   1.00 0.00 ? 133 GLU A N    1 
ATOM 722  C CA   . GLU A 1 53 ? -3.782  5.581   6.288   1.00 0.00 ? 133 GLU A CA   1 
ATOM 723  C C    . GLU A 1 53 ? -2.749  5.956   5.228   1.00 0.00 ? 133 GLU A C    1 
ATOM 724  O O    . GLU A 1 53 ? -2.151  7.025   5.352   1.00 0.00 ? 133 GLU A O    1 
ATOM 725  C CB   . GLU A 1 53 ? -3.137  4.694   7.354   1.00 0.00 ? 133 GLU A CB   1 
ATOM 726  C CG   . GLU A 1 53 ? -3.903  4.498   8.662   1.00 0.00 ? 133 GLU A CG   1 
ATOM 727  C CD   . GLU A 1 53 ? -3.178  3.607   9.658   1.00 0.00 ? 133 GLU A CD   1 
ATOM 728  O OE1  . GLU A 1 53 ? -3.345  2.371   9.592   1.00 0.00 ? 133 GLU A OE1  1 
ATOM 729  O OE2  . GLU A 1 53 ? -2.439  4.144   10.511  1.00 0.00 ? 133 GLU A OE2  1 
ATOM 730  H H    . GLU A 1 53 ? -5.204  3.958   6.004   1.00 0.00 ? 133 GLU A H    1 
ATOM 731  H HA   . GLU A 1 53 ? -4.095  6.528   6.767   1.00 0.00 ? 133 GLU A HA   1 
ATOM 732  H HB2  . GLU A 1 53 ? -2.905  3.702   6.923   1.00 0.00 ? 133 GLU A HB2  1 
ATOM 733  H HB3  . GLU A 1 53 ? -2.150  5.111   7.623   1.00 0.00 ? 133 GLU A HB3  1 
ATOM 734  H HG2  . GLU A 1 53 ? -4.093  5.466   9.158   1.00 0.00 ? 133 GLU A HG2  1 
ATOM 735  H HG3  . GLU A 1 53 ? -4.893  4.044   8.480   1.00 0.00 ? 133 GLU A HG3  1 
ATOM 736  N N    . ALA A 1 54 ? -2.541  5.131   4.213   1.00 0.00 ? 134 ALA A N    1 
ATOM 737  C CA   . ALA A 1 54 ? -1.581  5.397   3.142   1.00 0.00 ? 134 ALA A CA   1 
ATOM 738  C C    . ALA A 1 54 ? -1.990  6.272   1.961   1.00 0.00 ? 134 ALA A C    1 
ATOM 739  O O    . ALA A 1 54 ? -1.065  6.789   1.335   1.00 0.00 ? 134 ALA A O    1 
ATOM 740  C CB   . ALA A 1 54 ? -0.992  4.045   2.744   1.00 0.00 ? 134 ALA A CB   1 
ATOM 741  H H    . ALA A 1 54 ? -2.949  4.200   4.357   1.00 0.00 ? 134 ALA A H    1 
ATOM 742  H HA   . ALA A 1 54 ? -0.742  5.948   3.601   1.00 0.00 ? 134 ALA A HA   1 
ATOM 743  H HB1  . ALA A 1 54 ? -0.638  3.489   3.631   1.00 0.00 ? 134 ALA A HB1  1 
ATOM 744  H HB2  . ALA A 1 54 ? -1.716  3.407   2.206   1.00 0.00 ? 134 ALA A HB2  1 
ATOM 745  H HB3  . ALA A 1 54 ? -0.095  4.190   2.116   1.00 0.00 ? 134 ALA A HB3  1 
ATOM 746  N N    . ASP A 1 55 ? -3.246  6.487   1.598   1.00 0.00 ? 135 ASP A N    1 
ATOM 747  C CA   . ASP A 1 55 ? -3.616  7.387   0.503   1.00 0.00 ? 135 ASP A CA   1 
ATOM 748  C C    . ASP A 1 55 ? -3.814  8.808   1.023   1.00 0.00 ? 135 ASP A C    1 
ATOM 749  O O    . ASP A 1 55 ? -4.713  9.092   1.816   1.00 0.00 ? 135 ASP A O    1 
ATOM 750  C CB   . ASP A 1 55 ? -4.849  6.950   -0.293  1.00 0.00 ? 135 ASP A CB   1 
ATOM 751  C CG   . ASP A 1 55 ? -5.340  7.856   -1.416  1.00 0.00 ? 135 ASP A CG   1 
ATOM 752  O OD1  . ASP A 1 55 ? -4.553  8.591   -2.054  1.00 0.00 ? 135 ASP A OD1  1 
ATOM 753  O OD2  . ASP A 1 55 ? -6.568  7.902   -1.645  1.00 0.00 ? 135 ASP A OD2  1 
ATOM 754  H H    . ASP A 1 55 ? -3.958  6.017   2.168   1.00 0.00 ? 135 ASP A H    1 
ATOM 755  H HA   . ASP A 1 55 ? -2.811  7.376   -0.255  1.00 0.00 ? 135 ASP A HA   1 
ATOM 756  H HB2  . ASP A 1 55 ? -4.656  5.944   -0.709  1.00 0.00 ? 135 ASP A HB2  1 
ATOM 757  H HB3  . ASP A 1 55 ? -5.696  6.802   0.400   1.00 0.00 ? 135 ASP A HB3  1 
ATOM 758  N N    . GLU A 1 56 ? -2.983  9.715   0.540   1.00 0.00 ? 136 GLU A N    1 
ATOM 759  C CA   . GLU A 1 56 ? -3.063  11.144  0.847   1.00 0.00 ? 136 GLU A CA   1 
ATOM 760  C C    . GLU A 1 56 ? -4.091  11.952  0.062   1.00 0.00 ? 136 GLU A C    1 
ATOM 761  O O    . GLU A 1 56 ? -4.547  12.973  0.579   1.00 0.00 ? 136 GLU A O    1 
ATOM 762  C CB   . GLU A 1 56 ? -1.665  11.763  0.760   1.00 0.00 ? 136 GLU A CB   1 
ATOM 763  C CG   . GLU A 1 56 ? -0.614  11.166  1.698   1.00 0.00 ? 136 GLU A CG   1 
ATOM 764  C CD   . GLU A 1 56 ? 0.467   12.098  2.220   1.00 0.00 ? 136 GLU A CD   1 
ATOM 765  O OE1  . GLU A 1 56 ? 1.370   12.462  1.434   1.00 0.00 ? 136 GLU A OE1  1 
ATOM 766  O OE2  . GLU A 1 56 ? 0.419   12.470  3.412   1.00 0.00 ? 136 GLU A OE2  1 
ATOM 767  H H    . GLU A 1 56 ? -2.148  9.327   0.088   1.00 0.00 ? 136 GLU A H    1 
ATOM 768  H HA   . GLU A 1 56 ? -3.368  11.237  1.905   1.00 0.00 ? 136 GLU A HA   1 
ATOM 769  H HB2  . GLU A 1 56 ? -1.293  11.729  -0.280  1.00 0.00 ? 136 GLU A HB2  1 
ATOM 770  H HB3  . GLU A 1 56 ? -1.752  12.843  0.979   1.00 0.00 ? 136 GLU A HB3  1 
ATOM 771  H HG2  . GLU A 1 56 ? -1.126  10.702  2.559   1.00 0.00 ? 136 GLU A HG2  1 
ATOM 772  H HG3  . GLU A 1 56 ? -0.107  10.318  1.204   1.00 0.00 ? 136 GLU A HG3  1 
ATOM 773  N N    . ASP A 1 57 ? -4.449  11.588  -1.160  1.00 0.00 ? 137 ASP A N    1 
ATOM 774  C CA   . ASP A 1 57 ? -5.341  12.374  -2.018  1.00 0.00 ? 137 ASP A CA   1 
ATOM 775  C C    . ASP A 1 57 ? -6.828  12.036  -2.058  1.00 0.00 ? 137 ASP A C    1 
ATOM 776  O O    . ASP A 1 57 ? -7.611  12.887  -2.481  1.00 0.00 ? 137 ASP A O    1 
ATOM 777  C CB   . ASP A 1 57 ? -4.673  12.329  -3.394  1.00 0.00 ? 137 ASP A CB   1 
ATOM 778  C CG   . ASP A 1 57 ? -5.404  12.912  -4.596  1.00 0.00 ? 137 ASP A CG   1 
ATOM 779  O OD1  . ASP A 1 57 ? -6.287  12.217  -5.146  1.00 0.00 ? 137 ASP A OD1  1 
ATOM 780  O OD2  . ASP A 1 57 ? -5.107  14.057  -5.000  1.00 0.00 ? 137 ASP A OD2  1 
ATOM 781  H H    . ASP A 1 57 ? -4.317  10.585  -1.342  1.00 0.00 ? 137 ASP A H    1 
ATOM 782  H HA   . ASP A 1 57 ? -5.286  13.437  -1.726  1.00 0.00 ? 137 ASP A HA   1 
ATOM 783  H HB2  . ASP A 1 57 ? -3.693  12.838  -3.345  1.00 0.00 ? 137 ASP A HB2  1 
ATOM 784  H HB3  . ASP A 1 57 ? -4.412  11.294  -3.677  1.00 0.00 ? 137 ASP A HB3  1 
ATOM 785  N N    . GLY A 1 58 ? -7.283  10.896  -1.566  1.00 0.00 ? 138 GLY A N    1 
ATOM 786  C CA   . GLY A 1 58 ? -8.673  10.460  -1.701  1.00 0.00 ? 138 GLY A CA   1 
ATOM 787  C C    . GLY A 1 58 ? -9.039  9.807   -3.032  1.00 0.00 ? 138 GLY A C    1 
ATOM 788  O O    . GLY A 1 58 ? -10.203 9.439   -3.196  1.00 0.00 ? 138 GLY A O    1 
ATOM 789  H H    . GLY A 1 58 ? -6.634  10.359  -0.979  1.00 0.00 ? 138 GLY A H    1 
ATOM 790  H HA2  . GLY A 1 58 ? -8.880  9.734   -0.895  1.00 0.00 ? 138 GLY A HA2  1 
ATOM 791  H HA3  . GLY A 1 58 ? -9.359  11.301  -1.495  1.00 0.00 ? 138 GLY A HA3  1 
ATOM 792  N N    . ASN A 1 59 ? -8.096  9.593   -3.936  1.00 0.00 ? 139 ASN A N    1 
ATOM 793  C CA   . ASN A 1 59 ? -8.289  8.902   -5.214  1.00 0.00 ? 139 ASN A CA   1 
ATOM 794  C C    . ASN A 1 59 ? -8.263  7.379   -5.135  1.00 0.00 ? 139 ASN A C    1 
ATOM 795  O O    . ASN A 1 59 ? -8.948  6.758   -5.946  1.00 0.00 ? 139 ASN A O    1 
ATOM 796  C CB   . ASN A 1 59 ? -7.280  9.356   -6.273  1.00 0.00 ? 139 ASN A CB   1 
ATOM 797  C CG   . ASN A 1 59 ? -5.785  9.153   -6.045  1.00 0.00 ? 139 ASN A CG   1 
ATOM 798  O OD1  . ASN A 1 59 ? -5.343  8.940   -4.917  1.00 0.00 ? 139 ASN A OD1  1 
ATOM 799  N ND2  . ASN A 1 59 ? -4.887  9.215   -7.011  1.00 0.00 ? 139 ASN A ND2  1 
ATOM 800  H H    . ASN A 1 59 ? -7.287  10.213  -3.818  1.00 0.00 ? 139 ASN A H    1 
ATOM 801  H HA   . ASN A 1 59 ? -9.283  9.194   -5.600  1.00 0.00 ? 139 ASN A HA   1 
ATOM 802  H HB2  . ASN A 1 59 ? -7.622  8.859   -7.199  1.00 0.00 ? 139 ASN A HB2  1 
ATOM 803  H HB3  . ASN A 1 59 ? -7.449  10.427  -6.491  1.00 0.00 ? 139 ASN A HB3  1 
ATOM 804  H HD21 . ASN A 1 59 ? -5.109  9.435   -7.990  1.00 0.00 ? 139 ASN A HD21 1 
ATOM 805  H HD22 . ASN A 1 59 ? -3.928  9.055   -6.687  1.00 0.00 ? 139 ASN A HD22 1 
ATOM 806  N N    . GLY A 1 60 ? -7.514  6.766   -4.230  1.00 0.00 ? 140 GLY A N    1 
ATOM 807  C CA   . GLY A 1 60 ? -7.384  5.310   -4.166  1.00 0.00 ? 140 GLY A CA   1 
ATOM 808  C C    . GLY A 1 60 ? -6.153  4.723   -4.848  1.00 0.00 ? 140 GLY A C    1 
ATOM 809  O O    . GLY A 1 60 ? -6.193  3.553   -5.223  1.00 0.00 ? 140 GLY A O    1 
ATOM 810  H H    . GLY A 1 60 ? -6.976  7.370   -3.598  1.00 0.00 ? 140 GLY A H    1 
ATOM 811  H HA2  . GLY A 1 60 ? -7.333  5.033   -3.096  1.00 0.00 ? 140 GLY A HA2  1 
ATOM 812  H HA3  . GLY A 1 60 ? -8.294  4.802   -4.534  1.00 0.00 ? 140 GLY A HA3  1 
ATOM 813  N N    . VAL A 1 61 ? -5.100  5.503   -5.036  1.00 0.00 ? 141 VAL A N    1 
ATOM 814  C CA   . VAL A 1 61 ? -3.831  5.106   -5.649  1.00 0.00 ? 141 VAL A CA   1 
ATOM 815  C C    . VAL A 1 61 ? -2.740  5.836   -4.877  1.00 0.00 ? 141 VAL A C    1 
ATOM 816  O O    . VAL A 1 61 ? -2.891  6.943   -4.357  1.00 0.00 ? 141 VAL A O    1 
ATOM 817  C CB   . VAL A 1 61 ? -3.657  5.326   -7.155  1.00 0.00 ? 141 VAL A CB   1 
ATOM 818  C CG1  . VAL A 1 61 ? -2.918  4.165   -7.816  1.00 0.00 ? 141 VAL A CG1  1 
ATOM 819  C CG2  . VAL A 1 61 ? -4.936  5.507   -7.970  1.00 0.00 ? 141 VAL A CG2  1 
ATOM 820  H H    . VAL A 1 61 ? -5.230  6.448   -4.662  1.00 0.00 ? 141 VAL A H    1 
ATOM 821  H HA   . VAL A 1 61 ? -3.706  4.033   -5.414  1.00 0.00 ? 141 VAL A HA   1 
ATOM 822  H HB   . VAL A 1 61 ? -2.963  6.160   -7.364  1.00 0.00 ? 141 VAL A HB   1 
ATOM 823  H HG11 . VAL A 1 61 ? -1.960  3.977   -7.300  1.00 0.00 ? 141 VAL A HG11 1 
ATOM 824  H HG12 . VAL A 1 61 ? -3.519  3.240   -7.778  1.00 0.00 ? 141 VAL A HG12 1 
ATOM 825  H HG13 . VAL A 1 61 ? -2.683  4.406   -8.869  1.00 0.00 ? 141 VAL A HG13 1 
ATOM 826  H HG21 . VAL A 1 61 ? -5.593  4.628   -7.842  1.00 0.00 ? 141 VAL A HG21 1 
ATOM 827  H HG22 . VAL A 1 61 ? -5.491  6.397   -7.620  1.00 0.00 ? 141 VAL A HG22 1 
ATOM 828  H HG23 . VAL A 1 61 ? -4.721  5.625   -9.047  1.00 0.00 ? 141 VAL A HG23 1 
ATOM 829  N N    . ILE A 1 62 ? -1.590  5.186   -4.856  1.00 0.00 ? 142 ILE A N    1 
ATOM 830  C CA   . ILE A 1 62 ? -0.418  5.645   -4.115  1.00 0.00 ? 142 ILE A CA   1 
ATOM 831  C C    . ILE A 1 62 ? 0.879   5.381   -4.870  1.00 0.00 ? 142 ILE A C    1 
ATOM 832  O O    . ILE A 1 62 ? 1.142   4.259   -5.295  1.00 0.00 ? 142 ILE A O    1 
ATOM 833  C CB   . ILE A 1 62 ? -0.263  4.947   -2.759  1.00 0.00 ? 142 ILE A CB   1 
ATOM 834  C CG1  . ILE A 1 62 ? -1.472  4.306   -2.077  1.00 0.00 ? 142 ILE A CG1  1 
ATOM 835  C CG2  . ILE A 1 62 ? 0.391   5.923   -1.786  1.00 0.00 ? 142 ILE A CG2  1 
ATOM 836  C CD1  . ILE A 1 62 ? -1.151  3.577   -0.774  1.00 0.00 ? 142 ILE A CD1  1 
ATOM 837  H H    . ILE A 1 62 ? -1.559  4.317   -5.400  1.00 0.00 ? 142 ILE A H    1 
ATOM 838  H HA   . ILE A 1 62 ? -0.538  6.731   -3.955  1.00 0.00 ? 142 ILE A HA   1 
ATOM 839  H HB   . ILE A 1 62 ? 0.458   4.120   -2.907  1.00 0.00 ? 142 ILE A HB   1 
ATOM 840  H HG12 . ILE A 1 62 ? -2.267  5.052   -1.896  1.00 0.00 ? 142 ILE A HG12 1 
ATOM 841  H HG13 . ILE A 1 62 ? -1.920  3.538   -2.734  1.00 0.00 ? 142 ILE A HG13 1 
ATOM 842  H HG21 . ILE A 1 62 ? 1.275   6.394   -2.254  1.00 0.00 ? 142 ILE A HG21 1 
ATOM 843  H HG22 . ILE A 1 62 ? -0.330  6.713   -1.505  1.00 0.00 ? 142 ILE A HG22 1 
ATOM 844  H HG23 . ILE A 1 62 ? 0.755   5.411   -0.878  1.00 0.00 ? 142 ILE A HG23 1 
ATOM 845  H HD11 . ILE A 1 62 ? -0.262  2.931   -0.897  1.00 0.00 ? 142 ILE A HD11 1 
ATOM 846  H HD12 . ILE A 1 62 ? -0.921  4.323   0.008   1.00 0.00 ? 142 ILE A HD12 1 
ATOM 847  H HD13 . ILE A 1 62 ? -2.010  2.971   -0.437  1.00 0.00 ? 142 ILE A HD13 1 
ATOM 848  N N    . ASP A 1 63 ? 1.701   6.412   -4.949  1.00 0.00 ? 143 ASP A N    1 
ATOM 849  C CA   . ASP A 1 63 ? 3.079   6.361   -5.436  1.00 0.00 ? 143 ASP A CA   1 
ATOM 850  C C    . ASP A 1 63 ? 3.951   6.451   -4.187  1.00 0.00 ? 143 ASP A C    1 
ATOM 851  O O    . ASP A 1 63 ? 3.510   6.837   -3.103  1.00 0.00 ? 143 ASP A O    1 
ATOM 852  C CB   . ASP A 1 63 ? 3.310   7.436   -6.498  1.00 0.00 ? 143 ASP A CB   1 
ATOM 853  C CG   . ASP A 1 63 ? 3.153   8.918   -6.191  1.00 0.00 ? 143 ASP A CG   1 
ATOM 854  O OD1  . ASP A 1 63 ? 3.171   9.328   -5.009  1.00 0.00 ? 143 ASP A OD1  1 
ATOM 855  O OD2  . ASP A 1 63 ? 3.058   9.698   -7.162  1.00 0.00 ? 143 ASP A OD2  1 
ATOM 856  H H    . ASP A 1 63 ? 1.382   7.266   -4.483  1.00 0.00 ? 143 ASP A H    1 
ATOM 857  H HA   . ASP A 1 63 ? 3.233   5.369   -5.899  1.00 0.00 ? 143 ASP A HA   1 
ATOM 858  H HB2  . ASP A 1 63 ? 4.290   7.313   -6.989  1.00 0.00 ? 143 ASP A HB2  1 
ATOM 859  H HB3  . ASP A 1 63 ? 2.667   7.176   -7.354  1.00 0.00 ? 143 ASP A HB3  1 
ATOM 860  N N    . ILE A 1 64 ? 5.228   6.110   -4.263  1.00 0.00 ? 144 ILE A N    1 
ATOM 861  C CA   . ILE A 1 64 ? 6.117   6.162   -3.100  1.00 0.00 ? 144 ILE A CA   1 
ATOM 862  C C    . ILE A 1 64 ? 6.171   7.552   -2.465  1.00 0.00 ? 144 ILE A C    1 
ATOM 863  O O    . ILE A 1 64 ? 6.087   7.521   -1.239  1.00 0.00 ? 144 ILE A O    1 
ATOM 864  C CB   . ILE A 1 64 ? 7.558   5.687   -3.334  1.00 0.00 ? 144 ILE A CB   1 
ATOM 865  C CG1  . ILE A 1 64 ? 7.737   4.369   -4.092  1.00 0.00 ? 144 ILE A CG1  1 
ATOM 866  C CG2  . ILE A 1 64 ? 8.471   5.660   -2.103  1.00 0.00 ? 144 ILE A CG2  1 
ATOM 867  C CD1  . ILE A 1 64 ? 8.866   4.343   -5.119  1.00 0.00 ? 144 ILE A CD1  1 
ATOM 868  H H    . ILE A 1 64 ? 5.476   5.650   -5.146  1.00 0.00 ? 144 ILE A H    1 
ATOM 869  H HA   . ILE A 1 64 ? 5.564   5.456   -2.446  1.00 0.00 ? 144 ILE A HA   1 
ATOM 870  H HB   . ILE A 1 64 ? 8.013   6.452   -3.989  1.00 0.00 ? 144 ILE A HB   1 
ATOM 871  H HG12 . ILE A 1 64 ? 7.886   3.533   -3.384  1.00 0.00 ? 144 ILE A HG12 1 
ATOM 872  H HG13 . ILE A 1 64 ? 6.822   4.096   -4.650  1.00 0.00 ? 144 ILE A HG13 1 
ATOM 873  H HG21 . ILE A 1 64 ? 8.100   5.011   -1.289  1.00 0.00 ? 144 ILE A HG21 1 
ATOM 874  H HG22 . ILE A 1 64 ? 9.503   5.332   -2.323  1.00 0.00 ? 144 ILE A HG22 1 
ATOM 875  H HG23 . ILE A 1 64 ? 8.611   6.658   -1.649  1.00 0.00 ? 144 ILE A HG23 1 
ATOM 876  H HD11 . ILE A 1 64 ? 9.811   4.735   -4.701  1.00 0.00 ? 144 ILE A HD11 1 
ATOM 877  H HD12 . ILE A 1 64 ? 9.048   3.312   -5.473  1.00 0.00 ? 144 ILE A HD12 1 
ATOM 878  H HD13 . ILE A 1 64 ? 8.620   4.952   -6.009  1.00 0.00 ? 144 ILE A HD13 1 
ATOM 879  N N    . PRO A 1 65 ? 6.287   8.719   -3.091  1.00 0.00 ? 145 PRO A N    1 
ATOM 880  C CA   . PRO A 1 65 ? 6.279   10.026  -2.432  1.00 0.00 ? 145 PRO A CA   1 
ATOM 881  C C    . PRO A 1 65 ? 5.187   10.321  -1.410  1.00 0.00 ? 145 PRO A C    1 
ATOM 882  O O    . PRO A 1 65 ? 5.490   10.982  -0.417  1.00 0.00 ? 145 PRO A O    1 
ATOM 883  C CB   . PRO A 1 65 ? 6.363   11.048  -3.563  1.00 0.00 ? 145 PRO A CB   1 
ATOM 884  C CG   . PRO A 1 65 ? 7.103   10.295  -4.664  1.00 0.00 ? 145 PRO A CG   1 
ATOM 885  C CD   . PRO A 1 65 ? 6.516   8.893   -4.524  1.00 0.00 ? 145 PRO A CD   1 
ATOM 886  H HA   . PRO A 1 65 ? 7.247   10.096  -1.905  1.00 0.00 ? 145 PRO A HA   1 
ATOM 887  H HB2  . PRO A 1 65 ? 5.359   11.347  -3.915  1.00 0.00 ? 145 PRO A HB2  1 
ATOM 888  H HB3  . PRO A 1 65 ? 6.890   11.974  -3.268  1.00 0.00 ? 145 PRO A HB3  1 
ATOM 889  H HG2  . PRO A 1 65 ? 6.936   10.732  -5.666  1.00 0.00 ? 145 PRO A HG2  1 
ATOM 890  H HG3  . PRO A 1 65 ? 8.192   10.290  -4.481  1.00 0.00 ? 145 PRO A HG3  1 
ATOM 891  H HD2  . PRO A 1 65 ? 5.538   8.883   -5.034  1.00 0.00 ? 145 PRO A HD2  1 
ATOM 892  H HD3  . PRO A 1 65 ? 7.111   8.108   -5.025  1.00 0.00 ? 145 PRO A HD3  1 
ATOM 893  N N    . GLU A 1 66 ? 3.963   9.859   -1.609  1.00 0.00 ? 146 GLU A N    1 
ATOM 894  C CA   . GLU A 1 66 ? 2.872   9.977   -0.637  1.00 0.00 ? 146 GLU A CA   1 
ATOM 895  C C    . GLU A 1 66 ? 3.197   9.227   0.653   1.00 0.00 ? 146 GLU A C    1 
ATOM 896  O O    . GLU A 1 66 ? 3.310   9.866   1.698   1.00 0.00 ? 146 GLU A O    1 
ATOM 897  C CB   . GLU A 1 66 ? 1.591   9.443   -1.279  1.00 0.00 ? 146 GLU A CB   1 
ATOM 898  C CG   . GLU A 1 66 ? 0.848   10.343  -2.264  1.00 0.00 ? 146 GLU A CG   1 
ATOM 899  C CD   . GLU A 1 66 ? -0.421  9.686   -2.784  1.00 0.00 ? 146 GLU A CD   1 
ATOM 900  O OE1  . GLU A 1 66 ? -1.290  9.336   -1.955  1.00 0.00 ? 146 GLU A OE1  1 
ATOM 901  O OE2  . GLU A 1 66 ? -0.553  9.502   -4.013  1.00 0.00 ? 146 GLU A OE2  1 
ATOM 902  H H    . GLU A 1 66 ? 3.759   9.492   -2.545  1.00 0.00 ? 146 GLU A H    1 
ATOM 903  H HA   . GLU A 1 66 ? 2.725   11.041  -0.373  1.00 0.00 ? 146 GLU A HA   1 
ATOM 904  H HB2  . GLU A 1 66 ? 1.812   8.475   -1.765  1.00 0.00 ? 146 GLU A HB2  1 
ATOM 905  H HB3  . GLU A 1 66 ? 0.869   9.181   -0.485  1.00 0.00 ? 146 GLU A HB3  1 
ATOM 906  H HG2  . GLU A 1 66 ? 0.568   11.293  -1.774  1.00 0.00 ? 146 GLU A HG2  1 
ATOM 907  H HG3  . GLU A 1 66 ? 1.485   10.633  -3.118  1.00 0.00 ? 146 GLU A HG3  1 
ATOM 908  N N    . PHE A 1 67 ? 3.410   7.922   0.592   1.00 0.00 ? 147 PHE A N    1 
ATOM 909  C CA   . PHE A 1 67 ? 3.804   7.058   1.707   1.00 0.00 ? 147 PHE A CA   1 
ATOM 910  C C    . PHE A 1 67 ? 4.939   7.631   2.549   1.00 0.00 ? 147 PHE A C    1 
ATOM 911  O O    . PHE A 1 67 ? 4.802   7.737   3.767   1.00 0.00 ? 147 PHE A O    1 
ATOM 912  C CB   . PHE A 1 67 ? 4.060   5.655   1.150   1.00 0.00 ? 147 PHE A CB   1 
ATOM 913  C CG   . PHE A 1 67 ? 4.885   4.668   1.951   1.00 0.00 ? 147 PHE A CG   1 
ATOM 914  C CD1  . PHE A 1 67 ? 6.230   4.714   1.842   1.00 0.00 ? 147 PHE A CD1  1 
ATOM 915  C CD2  . PHE A 1 67 ? 4.319   3.735   2.745   1.00 0.00 ? 147 PHE A CD2  1 
ATOM 916  C CE1  . PHE A 1 67 ? 7.004   3.853   2.533   1.00 0.00 ? 147 PHE A CE1  1 
ATOM 917  C CE2  . PHE A 1 67 ? 5.090   2.858   3.419   1.00 0.00 ? 147 PHE A CE2  1 
ATOM 918  C CZ   . PHE A 1 67 ? 6.432   2.924   3.321   1.00 0.00 ? 147 PHE A CZ   1 
ATOM 919  H H    . PHE A 1 67 ? 3.326   7.536   -0.355  1.00 0.00 ? 147 PHE A H    1 
ATOM 920  H HA   . PHE A 1 67 ? 2.930   6.970   2.377   1.00 0.00 ? 147 PHE A HA   1 
ATOM 921  H HB2  . PHE A 1 67 ? 3.077   5.203   0.919   1.00 0.00 ? 147 PHE A HB2  1 
ATOM 922  H HB3  . PHE A 1 67 ? 4.523   5.719   0.148   1.00 0.00 ? 147 PHE A HB3  1 
ATOM 923  H HD1  . PHE A 1 67 ? 6.709   5.419   1.178   1.00 0.00 ? 147 PHE A HD1  1 
ATOM 924  H HD2  . PHE A 1 67 ? 3.246   3.687   2.868   1.00 0.00 ? 147 PHE A HD2  1 
ATOM 925  H HE1  . PHE A 1 67 ? 8.080   3.835   2.449   1.00 0.00 ? 147 PHE A HE1  1 
ATOM 926  H HE2  . PHE A 1 67 ? 4.693   2.135   4.116   1.00 0.00 ? 147 PHE A HE2  1 
ATOM 927  H HZ   . PHE A 1 67 ? 7.077   2.274   3.892   1.00 0.00 ? 147 PHE A HZ   1 
ATOM 928  N N    . MET A 1 68 ? 6.032   8.023   1.914   1.00 0.00 ? 148 MET A N    1 
ATOM 929  C CA   . MET A 1 68 ? 7.155   8.637   2.622   1.00 0.00 ? 148 MET A CA   1 
ATOM 930  C C    . MET A 1 68 ? 6.806   9.971   3.270   1.00 0.00 ? 148 MET A C    1 
ATOM 931  O O    . MET A 1 68 ? 7.361   10.225  4.337   1.00 0.00 ? 148 MET A O    1 
ATOM 932  C CB   . MET A 1 68 ? 8.444   8.697   1.806   1.00 0.00 ? 148 MET A CB   1 
ATOM 933  C CG   . MET A 1 68 ? 8.612   9.284   0.407   1.00 0.00 ? 148 MET A CG   1 
ATOM 934  S SD   . MET A 1 68 ? 10.217  10.094  0.273   1.00 0.00 ? 148 MET A SD   1 
ATOM 935  C CE   . MET A 1 68 ? 11.389  8.820   0.777   1.00 0.00 ? 148 MET A CE   1 
ATOM 936  H H    . MET A 1 68 ? 6.016   7.904   0.895   1.00 0.00 ? 148 MET A H    1 
ATOM 937  H HA   . MET A 1 68 ? 7.370   7.955   3.464   1.00 0.00 ? 148 MET A HA   1 
ATOM 938  H HB2  . MET A 1 68 ? 9.100   9.286   2.470   1.00 0.00 ? 148 MET A HB2  1 
ATOM 939  H HB3  . MET A 1 68 ? 8.866   7.678   1.736   1.00 0.00 ? 148 MET A HB3  1 
ATOM 940  H HG2  . MET A 1 68 ? 8.537   8.496   -0.364  1.00 0.00 ? 148 MET A HG2  1 
ATOM 941  H HG3  . MET A 1 68 ? 7.813   10.009  0.173   1.00 0.00 ? 148 MET A HG3  1 
ATOM 942  H HE1  . MET A 1 68 ? 11.194  8.470   1.808   1.00 0.00 ? 148 MET A HE1  1 
ATOM 943  H HE2  . MET A 1 68 ? 11.321  7.944   0.105   1.00 0.00 ? 148 MET A HE2  1 
ATOM 944  H HE3  . MET A 1 68 ? 12.423  9.208   0.759   1.00 0.00 ? 148 MET A HE3  1 
ATOM 945  N N    . ASP A 1 69 ? 5.953   10.825  2.728   1.00 0.00 ? 149 ASP A N    1 
ATOM 946  C CA   . ASP A 1 69 ? 5.517   12.034  3.428   1.00 0.00 ? 149 ASP A CA   1 
ATOM 947  C C    . ASP A 1 69 ? 4.664   11.700  4.650   1.00 0.00 ? 149 ASP A C    1 
ATOM 948  O O    . ASP A 1 69 ? 5.025   12.207  5.713   1.00 0.00 ? 149 ASP A O    1 
ATOM 949  C CB   . ASP A 1 69 ? 4.890   13.024  2.447   1.00 0.00 ? 149 ASP A CB   1 
ATOM 950  C CG   . ASP A 1 69 ? 5.211   14.473  2.790   1.00 0.00 ? 149 ASP A CG   1 
ATOM 951  O OD1  . ASP A 1 69 ? 6.405   14.838  2.713   1.00 0.00 ? 149 ASP A OD1  1 
ATOM 952  O OD2  . ASP A 1 69 ? 4.303   15.244  3.163   1.00 0.00 ? 149 ASP A OD2  1 
ATOM 953  H H    . ASP A 1 69 ? 5.528   10.526  1.844   1.00 0.00 ? 149 ASP A H    1 
ATOM 954  H HA   . ASP A 1 69 ? 6.432   12.500  3.837   1.00 0.00 ? 149 ASP A HA   1 
ATOM 955  H HB2  . ASP A 1 69 ? 5.252   12.855  1.417   1.00 0.00 ? 149 ASP A HB2  1 
ATOM 956  H HB3  . ASP A 1 69 ? 3.799   12.868  2.366   1.00 0.00 ? 149 ASP A HB3  1 
ATOM 957  N N    . LEU A 1 70 ? 3.687   10.806  4.578   1.00 0.00 ? 150 LEU A N    1 
ATOM 958  C CA   . LEU A 1 70 ? 2.901   10.438  5.758   1.00 0.00 ? 150 LEU A CA   1 
ATOM 959  C C    . LEU A 1 70 ? 3.709   9.732   6.845   1.00 0.00 ? 150 LEU A C    1 
ATOM 960  O O    . LEU A 1 70 ? 3.327   9.904   8.003   1.00 0.00 ? 150 LEU A O    1 
ATOM 961  C CB   . LEU A 1 70 ? 1.549   9.770   5.490   1.00 0.00 ? 150 LEU A CB   1 
ATOM 962  C CG   . LEU A 1 70 ? 1.129   8.415   4.911   1.00 0.00 ? 150 LEU A CG   1 
ATOM 963  C CD1  . LEU A 1 70 ? 0.754   8.412   3.430   1.00 0.00 ? 150 LEU A CD1  1 
ATOM 964  C CD2  . LEU A 1 70 ? 1.832   7.120   5.308   1.00 0.00 ? 150 LEU A CD2  1 
ATOM 965  H H    . LEU A 1 70 ? 3.726   10.276  3.699   1.00 0.00 ? 150 LEU A H    1 
ATOM 966  H HA   . LEU A 1 70 ? 2.617   11.409  6.200   1.00 0.00 ? 150 LEU A HA   1 
ATOM 967  H HB2  . LEU A 1 70 ? 1.052   9.803   6.476   1.00 0.00 ? 150 LEU A HB2  1 
ATOM 968  H HB3  . LEU A 1 70 ? 0.955   10.523  4.943   1.00 0.00 ? 150 LEU A HB3  1 
ATOM 969  H HG   . LEU A 1 70 ? 0.141   8.255   5.383   1.00 0.00 ? 150 LEU A HG   1 
ATOM 970  H HD11 . LEU A 1 70 ? 1.362   9.109   2.829   1.00 0.00 ? 150 LEU A HD11 1 
ATOM 971  H HD12 . LEU A 1 70 ? 0.843   7.417   2.957   1.00 0.00 ? 150 LEU A HD12 1 
ATOM 972  H HD13 . LEU A 1 70 ? -0.301  8.702   3.285   1.00 0.00 ? 150 LEU A HD13 1 
ATOM 973  H HD21 . LEU A 1 70 ? 2.048   7.067   6.390   1.00 0.00 ? 150 LEU A HD21 1 
ATOM 974  H HD22 . LEU A 1 70 ? 1.197   6.244   5.081   1.00 0.00 ? 150 LEU A HD22 1 
ATOM 975  H HD23 . LEU A 1 70 ? 2.768   6.945   4.748   1.00 0.00 ? 150 LEU A HD23 1 
ATOM 976  N N    . ILE A 1 71 ? 4.798   9.027   6.585   1.00 0.00 ? 151 ILE A N    1 
ATOM 977  C CA   . ILE A 1 71 ? 5.656   8.439   7.617   1.00 0.00 ? 151 ILE A CA   1 
ATOM 978  C C    . ILE A 1 71 ? 6.736   9.433   8.039   1.00 0.00 ? 151 ILE A C    1 
ATOM 979  O O    . ILE A 1 71 ? 6.829   9.745   9.226   1.00 0.00 ? 151 ILE A O    1 
ATOM 980  C CB   . ILE A 1 71 ? 6.254   7.085   7.220   1.00 0.00 ? 151 ILE A CB   1 
ATOM 981  C CG1  . ILE A 1 71 ? 5.217   6.031   6.826   1.00 0.00 ? 151 ILE A CG1  1 
ATOM 982  C CG2  . ILE A 1 71 ? 7.151   6.474   8.296   1.00 0.00 ? 151 ILE A CG2  1 
ATOM 983  C CD1  . ILE A 1 71 ? 5.767   4.908   5.951   1.00 0.00 ? 151 ILE A CD1  1 
ATOM 984  H H    . ILE A 1 71 ? 4.886   8.713   5.611   1.00 0.00 ? 151 ILE A H    1 
ATOM 985  H HA   . ILE A 1 71 ? 5.033   8.229   8.507   1.00 0.00 ? 151 ILE A HA   1 
ATOM 986  H HB   . ILE A 1 71 ? 6.891   7.261   6.333   1.00 0.00 ? 151 ILE A HB   1 
ATOM 987  H HG12 . ILE A 1 71 ? 4.711   5.625   7.720   1.00 0.00 ? 151 ILE A HG12 1 
ATOM 988  H HG13 . ILE A 1 71 ? 4.397   6.484   6.243   1.00 0.00 ? 151 ILE A HG13 1 
ATOM 989  H HG21 . ILE A 1 71 ? 7.983   7.141   8.587   1.00 0.00 ? 151 ILE A HG21 1 
ATOM 990  H HG22 . ILE A 1 71 ? 6.591   6.243   9.221   1.00 0.00 ? 151 ILE A HG22 1 
ATOM 991  H HG23 . ILE A 1 71 ? 7.640   5.538   7.969   1.00 0.00 ? 151 ILE A HG23 1 
ATOM 992  H HD11 . ILE A 1 71 ? 6.659   4.407   6.370   1.00 0.00 ? 151 ILE A HD11 1 
ATOM 993  H HD12 . ILE A 1 71 ? 4.999   4.130   5.799   1.00 0.00 ? 151 ILE A HD12 1 
ATOM 994  H HD13 . ILE A 1 71 ? 6.056   5.304   4.961   1.00 0.00 ? 151 ILE A HD13 1 
ATOM 995  N N    . LYS A 1 72 ? 7.564   9.908   7.122   1.00 0.00 ? 152 LYS A N    1 
ATOM 996  C CA   . LYS A 1 72 ? 8.704   10.794  7.356   1.00 0.00 ? 152 LYS A CA   1 
ATOM 997  C C    . LYS A 1 72 ? 8.485   12.283  7.600   1.00 0.00 ? 152 LYS A C    1 
ATOM 998  O O    . LYS A 1 72 ? 9.521   12.903  7.840   1.00 0.00 ? 152 LYS A O    1 
ATOM 999  C CB   . LYS A 1 72 ? 9.724   10.418  6.275   1.00 0.00 ? 152 LYS A CB   1 
ATOM 1000 C CG   . LYS A 1 72 ? 10.620  11.407  5.529   1.00 0.00 ? 152 LYS A CG   1 
ATOM 1001 C CD   . LYS A 1 72 ? 10.116  12.030  4.228   1.00 0.00 ? 152 LYS A CD   1 
ATOM 1002 C CE   . LYS A 1 72 ? 9.100   13.163  4.359   1.00 0.00 ? 152 LYS A CE   1 
ATOM 1003 N NZ   . LYS A 1 72 ? 8.741   13.674  3.025   1.00 0.00 ? 152 LYS A NZ   1 
ATOM 1004 H H    . LYS A 1 72 ? 7.230   9.774   6.161   1.00 0.00 ? 152 LYS A H    1 
ATOM 1005 H HA   . LYS A 1 72 ? 9.136   10.477  8.323   1.00 0.00 ? 152 LYS A HA   1 
ATOM 1006 H HB2  . LYS A 1 72 ? 10.432  9.750   6.799   1.00 0.00 ? 152 LYS A HB2  1 
ATOM 1007 H HB3  . LYS A 1 72 ? 9.352   9.709   5.513   1.00 0.00 ? 152 LYS A HB3  1 
ATOM 1008 H HG2  . LYS A 1 72 ? 11.055  12.181  6.187   1.00 0.00 ? 152 LYS A HG2  1 
ATOM 1009 H HG3  . LYS A 1 72 ? 11.520  10.833  5.240   1.00 0.00 ? 152 LYS A HG3  1 
ATOM 1010 H HD2  . LYS A 1 72 ? 11.004  12.418  3.694   1.00 0.00 ? 152 LYS A HD2  1 
ATOM 1011 H HD3  . LYS A 1 72 ? 9.737   11.226  3.571   1.00 0.00 ? 152 LYS A HD3  1 
ATOM 1012 H HE2  . LYS A 1 72 ? 8.207   12.800  4.897   1.00 0.00 ? 152 LYS A HE2  1 
ATOM 1013 H HE3  . LYS A 1 72 ? 9.502   13.970  5.000   1.00 0.00 ? 152 LYS A HE3  1 
ATOM 1014 H HZ1  . LYS A 1 72 ? 8.612   12.924  2.336   1.00 0.00 ? 152 LYS A HZ1  1 
ATOM 1015 H HZ2  . LYS A 1 72 ? 7.846   14.181  2.987   1.00 0.00 ? 152 LYS A HZ2  1 
ATOM 1016 H HZ3  . LYS A 1 72 ? 9.436   14.314  2.623   1.00 0.00 ? 152 LYS A HZ3  1 
ATOM 1017 N N    . LYS A 1 73 ? 7.321   12.914  7.560   1.00 0.00 ? 153 LYS A N    1 
ATOM 1018 C CA   . LYS A 1 73 ? 7.157   14.346  7.834   1.00 0.00 ? 153 LYS A CA   1 
ATOM 1019 C C    . LYS A 1 73 ? 7.962   14.963  8.974   1.00 0.00 ? 153 LYS A C    1 
ATOM 1020 O O    . LYS A 1 73 ? 8.462   16.075  8.814   1.00 0.00 ? 153 LYS A O    1 
ATOM 1021 C CB   . LYS A 1 73 ? 5.643   14.659  7.988   1.00 0.00 ? 153 LYS A CB   1 
ATOM 1022 C CG   . LYS A 1 73 ? 5.332   16.174  8.064   1.00 0.00 ? 153 LYS A CG   1 
ATOM 1023 C CD   . LYS A 1 73 ? 3.857   16.519  8.284   1.00 0.00 ? 153 LYS A CD   1 
ATOM 1024 C CE   . LYS A 1 73 ? 3.707   18.042  8.410   1.00 0.00 ? 153 LYS A CE   1 
ATOM 1025 N NZ   . LYS A 1 73 ? 2.276   18.391  8.447   1.00 0.00 ? 153 LYS A NZ   1 
ATOM 1026 H H    . LYS A 1 73 ? 6.508   12.346  7.296   1.00 0.00 ? 153 LYS A H    1 
ATOM 1027 H HA   . LYS A 1 73 ? 7.529   14.783  6.888   1.00 0.00 ? 153 LYS A HA   1 
ATOM 1028 H HB2  . LYS A 1 73 ? 5.081   14.215  7.142   1.00 0.00 ? 153 LYS A HB2  1 
ATOM 1029 H HB3  . LYS A 1 73 ? 5.248   14.149  8.891   1.00 0.00 ? 153 LYS A HB3  1 
ATOM 1030 H HG2  . LYS A 1 73 ? 5.888   16.638  8.902   1.00 0.00 ? 153 LYS A HG2  1 
ATOM 1031 H HG3  . LYS A 1 73 ? 5.706   16.676  7.149   1.00 0.00 ? 153 LYS A HG3  1 
ATOM 1032 H HD2  . LYS A 1 73 ? 3.251   16.121  7.447   1.00 0.00 ? 153 LYS A HD2  1 
ATOM 1033 H HD3  . LYS A 1 73 ? 3.487   16.021  9.202   1.00 0.00 ? 153 LYS A HD3  1 
ATOM 1034 H HE2  . LYS A 1 73 ? 4.220   18.408  9.325   1.00 0.00 ? 153 LYS A HE2  1 
ATOM 1035 H HE3  . LYS A 1 73 ? 4.195   18.564  7.561   1.00 0.00 ? 153 LYS A HE3  1 
ATOM 1036 H HZ1  . LYS A 1 73 ? 2.173   19.412  8.533   1.00 0.00 ? 153 LYS A HZ1  1 
ATOM 1037 H HZ2  . LYS A 1 73 ? 1.821   18.072  7.581   1.00 0.00 ? 153 LYS A HZ2  1 
ATOM 1038 H HZ3  . LYS A 1 73 ? 1.831   17.933  9.257   1.00 0.00 ? 153 LYS A HZ3  1 
ATOM 1039 N N    . SER A 1 74 ? 8.123   14.264  10.087  1.00 0.00 ? 154 SER A N    1 
ATOM 1040 C CA   . SER A 1 74 ? 8.959   14.688  11.215  1.00 0.00 ? 154 SER A CA   1 
ATOM 1041 C C    . SER A 1 74 ? 10.471  14.588  11.014  1.00 0.00 ? 154 SER A C    1 
ATOM 1042 O O    . SER A 1 74 ? 11.221  15.034  11.881  1.00 0.00 ? 154 SER A O    1 
ATOM 1043 C CB   . SER A 1 74 ? 8.505   13.950  12.499  1.00 0.00 ? 154 SER A CB   1 
ATOM 1044 O OG   . SER A 1 74 ? 7.885   14.821  13.452  1.00 0.00 ? 154 SER A OG   1 
ATOM 1045 H H    . SER A 1 74 ? 7.672   13.343  10.017  1.00 0.00 ? 154 SER A H    1 
ATOM 1046 H HA   . SER A 1 74 ? 8.721   15.761  11.325  1.00 0.00 ? 154 SER A HA   1 
ATOM 1047 H HB2  . SER A 1 74 ? 7.782   13.153  12.235  1.00 0.00 ? 154 SER A HB2  1 
ATOM 1048 H HB3  . SER A 1 74 ? 9.352   13.422  12.977  1.00 0.00 ? 154 SER A HB3  1 
ATOM 1049 H HG   . SER A 1 74 ? 8.546   15.462  13.727  1.00 0.00 ? 154 SER A HG   1 
# 
